data_3PSM
# 
_entry.id   3PSM 
# 
_audit_conform.dict_name       mmcif_pdbx.dic 
_audit_conform.dict_version    5.397 
_audit_conform.dict_location   http://mmcif.pdb.org/dictionaries/ascii/mmcif_pdbx.dic 
# 
loop_
_database_2.database_id 
_database_2.database_code 
_database_2.pdbx_database_accession 
_database_2.pdbx_DOI 
PDB   3PSM         pdb_00003psm 10.2210/pdb3psm/pdb 
RCSB  RCSB062766   ?            ?                   
WWPDB D_1000062766 ?            ?                   
# 
loop_
_pdbx_audit_revision_history.ordinal 
_pdbx_audit_revision_history.data_content_type 
_pdbx_audit_revision_history.major_revision 
_pdbx_audit_revision_history.minor_revision 
_pdbx_audit_revision_history.revision_date 
1 'Structure model' 1 0 2010-12-29 
2 'Structure model' 1 1 2011-07-13 
3 'Structure model' 1 2 2024-10-09 
# 
_pdbx_audit_revision_details.ordinal             1 
_pdbx_audit_revision_details.revision_ordinal    1 
_pdbx_audit_revision_details.data_content_type   'Structure model' 
_pdbx_audit_revision_details.provider            repository 
_pdbx_audit_revision_details.type                'Initial release' 
_pdbx_audit_revision_details.description         ? 
_pdbx_audit_revision_details.details             ? 
# 
loop_
_pdbx_audit_revision_group.ordinal 
_pdbx_audit_revision_group.revision_ordinal 
_pdbx_audit_revision_group.data_content_type 
_pdbx_audit_revision_group.group 
1 2 'Structure model' 'Version format compliance' 
2 3 'Structure model' 'Data collection'           
3 3 'Structure model' 'Database references'       
4 3 'Structure model' 'Structure summary'         
# 
loop_
_pdbx_audit_revision_category.ordinal 
_pdbx_audit_revision_category.revision_ordinal 
_pdbx_audit_revision_category.data_content_type 
_pdbx_audit_revision_category.category 
1 3 'Structure model' chem_comp_atom            
2 3 'Structure model' chem_comp_bond            
3 3 'Structure model' database_2                
4 3 'Structure model' pdbx_entry_details        
5 3 'Structure model' pdbx_modification_feature 
# 
loop_
_pdbx_audit_revision_item.ordinal 
_pdbx_audit_revision_item.revision_ordinal 
_pdbx_audit_revision_item.data_content_type 
_pdbx_audit_revision_item.item 
1 3 'Structure model' '_database_2.pdbx_DOI'                
2 3 'Structure model' '_database_2.pdbx_database_accession' 
# 
_pdbx_database_status.status_code                     REL 
_pdbx_database_status.entry_id                        3PSM 
_pdbx_database_status.recvd_initial_deposition_date   2010-12-01 
_pdbx_database_status.deposit_site                    RCSB 
_pdbx_database_status.process_site                    PDBJ 
_pdbx_database_status.status_code_sf                  REL 
_pdbx_database_status.status_code_mr                  ? 
_pdbx_database_status.SG_entry                        ? 
_pdbx_database_status.status_code_cs                  ? 
_pdbx_database_status.pdb_format_compatible           Y 
_pdbx_database_status.status_code_nmr_data            ? 
_pdbx_database_status.methods_development_category    ? 
# 
loop_
_audit_author.name 
_audit_author.pdbx_ordinal 
'Zhou, H.' 1 
'Song, X.' 2 
'Gong, W.' 3 
# 
_citation.id                        primary 
_citation.title                     '0.98A crystal structure of a dimeric plant defensin SPE10' 
_citation.journal_abbrev            'To be Published' 
_citation.journal_volume            ? 
_citation.page_first                ? 
_citation.page_last                 ? 
_citation.year                      ? 
_citation.journal_id_ASTM           ? 
_citation.country                   ? 
_citation.journal_id_ISSN           ? 
_citation.journal_id_CSD            0353 
_citation.book_publisher            ? 
_citation.pdbx_database_id_PubMed   ? 
_citation.pdbx_database_id_DOI      ? 
# 
loop_
_citation_author.citation_id 
_citation_author.name 
_citation_author.ordinal 
_citation_author.identifier_ORCID 
primary 'Zhou, H.' 1 ? 
primary 'Song, X.' 2 ? 
primary 'Gong, W.' 3 ? 
# 
loop_
_entity.id 
_entity.type 
_entity.src_method 
_entity.pdbx_description 
_entity.formula_weight 
_entity.pdbx_number_of_molecules 
_entity.pdbx_ec 
_entity.pdbx_mutation 
_entity.pdbx_fragment 
_entity.details 
1 polymer nat Defensin 5511.249 2   ? ? ? ? 
2 water   nat water    18.015   183 ? ? ? ? 
# 
_entity_name_com.entity_id   1 
_entity_name_com.name        SPE10 
# 
_entity_poly.entity_id                      1 
_entity_poly.type                           'polypeptide(L)' 
_entity_poly.nstd_linkage                   no 
_entity_poly.nstd_monomer                   no 
_entity_poly.pdbx_seq_one_letter_code       KTCENLADTFRGPCFTDGSCDDHCKNKEHLIKGRCRDDFRCWCTRNC 
_entity_poly.pdbx_seq_one_letter_code_can   KTCENLADTFRGPCFTDGSCDDHCKNKEHLIKGRCRDDFRCWCTRNC 
_entity_poly.pdbx_strand_id                 A,B 
_entity_poly.pdbx_target_identifier         ? 
# 
_pdbx_entity_nonpoly.entity_id   2 
_pdbx_entity_nonpoly.name        water 
_pdbx_entity_nonpoly.comp_id     HOH 
# 
loop_
_entity_poly_seq.entity_id 
_entity_poly_seq.num 
_entity_poly_seq.mon_id 
_entity_poly_seq.hetero 
1 1  LYS n 
1 2  THR n 
1 3  CYS n 
1 4  GLU n 
1 5  ASN n 
1 6  LEU n 
1 7  ALA n 
1 8  ASP n 
1 9  THR n 
1 10 PHE n 
1 11 ARG n 
1 12 GLY n 
1 13 PRO n 
1 14 CYS n 
1 15 PHE n 
1 16 THR n 
1 17 ASP n 
1 18 GLY n 
1 19 SER n 
1 20 CYS n 
1 21 ASP n 
1 22 ASP n 
1 23 HIS n 
1 24 CYS n 
1 25 LYS n 
1 26 ASN n 
1 27 LYS n 
1 28 GLU n 
1 29 HIS n 
1 30 LEU n 
1 31 ILE n 
1 32 LYS n 
1 33 GLY n 
1 34 ARG n 
1 35 CYS n 
1 36 ARG n 
1 37 ASP n 
1 38 ASP n 
1 39 PHE n 
1 40 ARG n 
1 41 CYS n 
1 42 TRP n 
1 43 CYS n 
1 44 THR n 
1 45 ARG n 
1 46 ASN n 
1 47 CYS n 
# 
_entity_src_nat.entity_id                  1 
_entity_src_nat.pdbx_src_id                1 
_entity_src_nat.pdbx_alt_source_flag       sample 
_entity_src_nat.pdbx_beg_seq_num           ? 
_entity_src_nat.pdbx_end_seq_num           ? 
_entity_src_nat.common_name                jicama,potato-bean,yam-bean 
_entity_src_nat.pdbx_organism_scientific   'Pachyrhizus erosus' 
_entity_src_nat.pdbx_ncbi_taxonomy_id      109171 
_entity_src_nat.genus                      ? 
_entity_src_nat.species                    ? 
_entity_src_nat.strain                     ? 
_entity_src_nat.tissue                     ? 
_entity_src_nat.tissue_fraction            ? 
_entity_src_nat.pdbx_secretion             ? 
_entity_src_nat.pdbx_fragment              ? 
_entity_src_nat.pdbx_variant               ? 
_entity_src_nat.pdbx_cell_line             ? 
_entity_src_nat.pdbx_atcc                  ? 
_entity_src_nat.pdbx_cellular_location     ? 
_entity_src_nat.pdbx_organ                 ? 
_entity_src_nat.pdbx_organelle             ? 
_entity_src_nat.pdbx_cell                  ? 
_entity_src_nat.pdbx_plasmid_name          ? 
_entity_src_nat.pdbx_plasmid_details       ? 
_entity_src_nat.details                    ? 
# 
loop_
_chem_comp.id 
_chem_comp.type 
_chem_comp.mon_nstd_flag 
_chem_comp.name 
_chem_comp.pdbx_synonyms 
_chem_comp.formula 
_chem_comp.formula_weight 
ALA 'L-peptide linking' y ALANINE         ? 'C3 H7 N O2'     89.093  
ARG 'L-peptide linking' y ARGININE        ? 'C6 H15 N4 O2 1' 175.209 
ASN 'L-peptide linking' y ASPARAGINE      ? 'C4 H8 N2 O3'    132.118 
ASP 'L-peptide linking' y 'ASPARTIC ACID' ? 'C4 H7 N O4'     133.103 
CYS 'L-peptide linking' y CYSTEINE        ? 'C3 H7 N O2 S'   121.158 
GLU 'L-peptide linking' y 'GLUTAMIC ACID' ? 'C5 H9 N O4'     147.129 
GLY 'peptide linking'   y GLYCINE         ? 'C2 H5 N O2'     75.067  
HIS 'L-peptide linking' y HISTIDINE       ? 'C6 H10 N3 O2 1' 156.162 
HOH non-polymer         . WATER           ? 'H2 O'           18.015  
ILE 'L-peptide linking' y ISOLEUCINE      ? 'C6 H13 N O2'    131.173 
LEU 'L-peptide linking' y LEUCINE         ? 'C6 H13 N O2'    131.173 
LYS 'L-peptide linking' y LYSINE          ? 'C6 H15 N2 O2 1' 147.195 
PHE 'L-peptide linking' y PHENYLALANINE   ? 'C9 H11 N O2'    165.189 
PRO 'L-peptide linking' y PROLINE         ? 'C5 H9 N O2'     115.130 
SER 'L-peptide linking' y SERINE          ? 'C3 H7 N O3'     105.093 
THR 'L-peptide linking' y THREONINE       ? 'C4 H9 N O3'     119.119 
TRP 'L-peptide linking' y TRYPTOPHAN      ? 'C11 H12 N2 O2'  204.225 
# 
loop_
_pdbx_poly_seq_scheme.asym_id 
_pdbx_poly_seq_scheme.entity_id 
_pdbx_poly_seq_scheme.seq_id 
_pdbx_poly_seq_scheme.mon_id 
_pdbx_poly_seq_scheme.ndb_seq_num 
_pdbx_poly_seq_scheme.pdb_seq_num 
_pdbx_poly_seq_scheme.auth_seq_num 
_pdbx_poly_seq_scheme.pdb_mon_id 
_pdbx_poly_seq_scheme.auth_mon_id 
_pdbx_poly_seq_scheme.pdb_strand_id 
_pdbx_poly_seq_scheme.pdb_ins_code 
_pdbx_poly_seq_scheme.hetero 
A 1 1  LYS 1  1  1  LYS LYS A . n 
A 1 2  THR 2  2  2  THR THR A . n 
A 1 3  CYS 3  3  3  CYS CYS A . n 
A 1 4  GLU 4  4  4  GLU GLU A . n 
A 1 5  ASN 5  5  5  ASN ASN A . n 
A 1 6  LEU 6  6  6  LEU LEU A . n 
A 1 7  ALA 7  7  7  ALA ALA A . n 
A 1 8  ASP 8  8  8  ASP ASP A . n 
A 1 9  THR 9  9  9  THR THR A . n 
A 1 10 PHE 10 10 10 PHE PHE A . n 
A 1 11 ARG 11 11 11 ARG ARG A . n 
A 1 12 GLY 12 12 12 GLY GLY A . n 
A 1 13 PRO 13 13 13 PRO PRO A . n 
A 1 14 CYS 14 14 14 CYS CYS A . n 
A 1 15 PHE 15 15 15 PHE PHE A . n 
A 1 16 THR 16 16 16 THR THR A . n 
A 1 17 ASP 17 17 17 ASP ASP A . n 
A 1 18 GLY 18 18 18 GLY GLY A . n 
A 1 19 SER 19 19 19 SER SER A . n 
A 1 20 CYS 20 20 20 CYS CYS A . n 
A 1 21 ASP 21 21 21 ASP ASP A . n 
A 1 22 ASP 22 22 22 ASP ASP A . n 
A 1 23 HIS 23 23 23 HIS HIS A . n 
A 1 24 CYS 24 24 24 CYS CYS A . n 
A 1 25 LYS 25 25 25 LYS LYS A . n 
A 1 26 ASN 26 26 26 ASN ASN A . n 
A 1 27 LYS 27 27 27 LYS LYS A . n 
A 1 28 GLU 28 28 28 GLU GLU A . n 
A 1 29 HIS 29 29 29 HIS HIS A . n 
A 1 30 LEU 30 30 30 LEU LEU A . n 
A 1 31 ILE 31 31 31 ILE ILE A . n 
A 1 32 LYS 32 32 32 LYS LYS A . n 
A 1 33 GLY 33 33 33 GLY GLY A . n 
A 1 34 ARG 34 34 34 ARG ARG A . n 
A 1 35 CYS 35 35 35 CYS CYS A . n 
A 1 36 ARG 36 36 36 ARG ARG A . n 
A 1 37 ASP 37 37 37 ASP ASP A . n 
A 1 38 ASP 38 38 38 ASP ASP A . n 
A 1 39 PHE 39 39 39 PHE PHE A . n 
A 1 40 ARG 40 40 40 ARG ARG A . n 
A 1 41 CYS 41 41 41 CYS CYS A . n 
A 1 42 TRP 42 42 42 TRP TRP A . n 
A 1 43 CYS 43 43 43 CYS CYS A . n 
A 1 44 THR 44 44 44 THR THR A . n 
A 1 45 ARG 45 45 45 ARG ARG A . n 
A 1 46 ASN 46 46 46 ASN ASN A . n 
A 1 47 CYS 47 47 47 CYS CYS A . n 
B 1 1  LYS 1  1  1  LYS LYS B . n 
B 1 2  THR 2  2  2  THR THR B . n 
B 1 3  CYS 3  3  3  CYS CYS B . n 
B 1 4  GLU 4  4  4  GLU GLU B . n 
B 1 5  ASN 5  5  5  ASN ASN B . n 
B 1 6  LEU 6  6  6  LEU LEU B . n 
B 1 7  ALA 7  7  7  ALA ALA B . n 
B 1 8  ASP 8  8  8  ASP ASP B . n 
B 1 9  THR 9  9  9  THR THR B . n 
B 1 10 PHE 10 10 10 PHE PHE B . n 
B 1 11 ARG 11 11 11 ARG ARG B . n 
B 1 12 GLY 12 12 12 GLY GLY B . n 
B 1 13 PRO 13 13 13 PRO PRO B . n 
B 1 14 CYS 14 14 14 CYS CYS B . n 
B 1 15 PHE 15 15 15 PHE PHE B . n 
B 1 16 THR 16 16 16 THR THR B . n 
B 1 17 ASP 17 17 17 ASP ASP B . n 
B 1 18 GLY 18 18 18 GLY GLY B . n 
B 1 19 SER 19 19 19 SER SER B . n 
B 1 20 CYS 20 20 20 CYS CYS B . n 
B 1 21 ASP 21 21 21 ASP ASP B . n 
B 1 22 ASP 22 22 22 ASP ASP B . n 
B 1 23 HIS 23 23 23 HIS HIS B . n 
B 1 24 CYS 24 24 24 CYS CYS B . n 
B 1 25 LYS 25 25 25 LYS LYS B . n 
B 1 26 ASN 26 26 26 ASN ASN B . n 
B 1 27 LYS 27 27 27 LYS LYS B . n 
B 1 28 GLU 28 28 28 GLU GLU B . n 
B 1 29 HIS 29 29 29 HIS HIS B . n 
B 1 30 LEU 30 30 30 LEU LEU B . n 
B 1 31 ILE 31 31 31 ILE ILE B . n 
B 1 32 LYS 32 32 32 LYS LYS B . n 
B 1 33 GLY 33 33 33 GLY GLY B . n 
B 1 34 ARG 34 34 34 ARG ARG B . n 
B 1 35 CYS 35 35 35 CYS CYS B . n 
B 1 36 ARG 36 36 36 ARG ARG B . n 
B 1 37 ASP 37 37 37 ASP ASP B . n 
B 1 38 ASP 38 38 38 ASP ASP B . n 
B 1 39 PHE 39 39 39 PHE PHE B . n 
B 1 40 ARG 40 40 40 ARG ARG B . n 
B 1 41 CYS 41 41 41 CYS CYS B . n 
B 1 42 TRP 42 42 42 TRP TRP B . n 
B 1 43 CYS 43 43 43 CYS CYS B . n 
B 1 44 THR 44 44 44 THR THR B . n 
B 1 45 ARG 45 45 45 ARG ARG B . n 
B 1 46 ASN 46 46 46 ASN ASN B . n 
B 1 47 CYS 47 47 47 CYS CYS B . n 
# 
loop_
_pdbx_nonpoly_scheme.asym_id 
_pdbx_nonpoly_scheme.entity_id 
_pdbx_nonpoly_scheme.mon_id 
_pdbx_nonpoly_scheme.ndb_seq_num 
_pdbx_nonpoly_scheme.pdb_seq_num 
_pdbx_nonpoly_scheme.auth_seq_num 
_pdbx_nonpoly_scheme.pdb_mon_id 
_pdbx_nonpoly_scheme.auth_mon_id 
_pdbx_nonpoly_scheme.pdb_strand_id 
_pdbx_nonpoly_scheme.pdb_ins_code 
C 2 HOH 1  48  48  HOH HOH A . 
C 2 HOH 2  49  49  HOH HOH A . 
C 2 HOH 3  50  50  HOH HOH A . 
C 2 HOH 4  51  51  HOH HOH A . 
C 2 HOH 5  52  52  HOH HOH A . 
C 2 HOH 6  53  53  HOH HOH A . 
C 2 HOH 7  54  1   HOH HOH A . 
C 2 HOH 8  55  55  HOH HOH A . 
C 2 HOH 9  56  10  HOH HOH A . 
C 2 HOH 10 57  57  HOH HOH A . 
C 2 HOH 11 58  11  HOH HOH A . 
C 2 HOH 12 59  59  HOH HOH A . 
C 2 HOH 13 60  60  HOH HOH A . 
C 2 HOH 14 61  12  HOH HOH A . 
C 2 HOH 15 62  14  HOH HOH A . 
C 2 HOH 16 63  17  HOH HOH A . 
C 2 HOH 17 64  64  HOH HOH A . 
C 2 HOH 18 65  65  HOH HOH A . 
C 2 HOH 19 66  66  HOH HOH A . 
C 2 HOH 20 67  20  HOH HOH A . 
C 2 HOH 21 68  68  HOH HOH A . 
C 2 HOH 22 69  69  HOH HOH A . 
C 2 HOH 23 70  22  HOH HOH A . 
C 2 HOH 24 71  71  HOH HOH A . 
C 2 HOH 25 72  72  HOH HOH A . 
C 2 HOH 26 73  23  HOH HOH A . 
C 2 HOH 27 74  24  HOH HOH A . 
C 2 HOH 28 75  25  HOH HOH A . 
C 2 HOH 29 76  29  HOH HOH A . 
C 2 HOH 30 77  77  HOH HOH A . 
C 2 HOH 31 78  30  HOH HOH A . 
C 2 HOH 32 79  31  HOH HOH A . 
C 2 HOH 33 80  80  HOH HOH A . 
C 2 HOH 34 81  34  HOH HOH A . 
C 2 HOH 35 82  82  HOH HOH A . 
C 2 HOH 36 83  83  HOH HOH A . 
C 2 HOH 37 84  37  HOH HOH A . 
C 2 HOH 38 85  39  HOH HOH A . 
C 2 HOH 39 86  41  HOH HOH A . 
C 2 HOH 40 87  43  HOH HOH A . 
C 2 HOH 41 88  44  HOH HOH A . 
C 2 HOH 42 89  89  HOH HOH A . 
C 2 HOH 43 91  91  HOH HOH A . 
C 2 HOH 44 95  95  HOH HOH A . 
C 2 HOH 45 96  96  HOH HOH A . 
C 2 HOH 46 97  97  HOH HOH A . 
C 2 HOH 47 101 101 HOH HOH A . 
C 2 HOH 48 105 105 HOH HOH A . 
C 2 HOH 49 106 106 HOH HOH A . 
C 2 HOH 50 107 107 HOH HOH A . 
C 2 HOH 51 109 109 HOH HOH A . 
C 2 HOH 52 110 110 HOH HOH A . 
C 2 HOH 53 111 111 HOH HOH A . 
C 2 HOH 54 113 113 HOH HOH A . 
C 2 HOH 55 116 116 HOH HOH A . 
C 2 HOH 56 121 121 HOH HOH A . 
C 2 HOH 57 122 122 HOH HOH A . 
C 2 HOH 58 123 123 HOH HOH A . 
C 2 HOH 59 125 125 HOH HOH A . 
C 2 HOH 60 128 128 HOH HOH A . 
C 2 HOH 61 129 129 HOH HOH A . 
C 2 HOH 62 130 130 HOH HOH A . 
C 2 HOH 63 132 132 HOH HOH A . 
C 2 HOH 64 134 134 HOH HOH A . 
C 2 HOH 65 135 135 HOH HOH A . 
C 2 HOH 66 138 138 HOH HOH A . 
C 2 HOH 67 141 141 HOH HOH A . 
C 2 HOH 68 143 143 HOH HOH A . 
C 2 HOH 69 147 147 HOH HOH A . 
C 2 HOH 70 149 149 HOH HOH A . 
C 2 HOH 71 154 154 HOH HOH A . 
C 2 HOH 72 155 155 HOH HOH A . 
C 2 HOH 73 157 157 HOH HOH A . 
C 2 HOH 74 159 159 HOH HOH A . 
C 2 HOH 75 163 163 HOH HOH A . 
C 2 HOH 76 165 165 HOH HOH A . 
C 2 HOH 77 167 167 HOH HOH A . 
C 2 HOH 78 172 172 HOH HOH A . 
C 2 HOH 79 173 173 HOH HOH A . 
C 2 HOH 80 174 174 HOH HOH A . 
C 2 HOH 81 175 175 HOH HOH A . 
C 2 HOH 82 176 176 HOH HOH A . 
C 2 HOH 83 177 177 HOH HOH A . 
C 2 HOH 84 178 178 HOH HOH A . 
C 2 HOH 85 179 179 HOH HOH A . 
C 2 HOH 86 180 180 HOH HOH A . 
C 2 HOH 87 181 181 HOH HOH A . 
D 2 HOH 1  48  2   HOH HOH B . 
D 2 HOH 2  49  3   HOH HOH B . 
D 2 HOH 3  50  4   HOH HOH B . 
D 2 HOH 4  51  5   HOH HOH B . 
D 2 HOH 5  52  6   HOH HOH B . 
D 2 HOH 6  53  7   HOH HOH B . 
D 2 HOH 7  54  54  HOH HOH B . 
D 2 HOH 8  55  8   HOH HOH B . 
D 2 HOH 9  56  56  HOH HOH B . 
D 2 HOH 10 57  9   HOH HOH B . 
D 2 HOH 11 58  58  HOH HOH B . 
D 2 HOH 12 59  13  HOH HOH B . 
D 2 HOH 13 60  15  HOH HOH B . 
D 2 HOH 14 61  61  HOH HOH B . 
D 2 HOH 15 62  62  HOH HOH B . 
D 2 HOH 16 63  63  HOH HOH B . 
D 2 HOH 17 64  16  HOH HOH B . 
D 2 HOH 18 65  18  HOH HOH B . 
D 2 HOH 19 66  19  HOH HOH B . 
D 2 HOH 20 67  67  HOH HOH B . 
D 2 HOH 21 68  21  HOH HOH B . 
D 2 HOH 22 69  26  HOH HOH B . 
D 2 HOH 23 70  70  HOH HOH B . 
D 2 HOH 24 71  27  HOH HOH B . 
D 2 HOH 25 72  28  HOH HOH B . 
D 2 HOH 26 73  73  HOH HOH B . 
D 2 HOH 27 74  74  HOH HOH B . 
D 2 HOH 28 75  75  HOH HOH B . 
D 2 HOH 29 76  76  HOH HOH B . 
D 2 HOH 30 77  32  HOH HOH B . 
D 2 HOH 31 78  78  HOH HOH B . 
D 2 HOH 32 79  79  HOH HOH B . 
D 2 HOH 33 80  33  HOH HOH B . 
D 2 HOH 34 81  81  HOH HOH B . 
D 2 HOH 35 82  35  HOH HOH B . 
D 2 HOH 36 83  36  HOH HOH B . 
D 2 HOH 37 84  84  HOH HOH B . 
D 2 HOH 38 85  85  HOH HOH B . 
D 2 HOH 39 86  86  HOH HOH B . 
D 2 HOH 40 87  87  HOH HOH B . 
D 2 HOH 41 88  88  HOH HOH B . 
D 2 HOH 42 89  38  HOH HOH B . 
D 2 HOH 43 90  90  HOH HOH B . 
D 2 HOH 44 91  40  HOH HOH B . 
D 2 HOH 45 92  92  HOH HOH B . 
D 2 HOH 46 93  93  HOH HOH B . 
D 2 HOH 47 94  94  HOH HOH B . 
D 2 HOH 48 95  42  HOH HOH B . 
D 2 HOH 49 96  45  HOH HOH B . 
D 2 HOH 50 97  46  HOH HOH B . 
D 2 HOH 51 98  98  HOH HOH B . 
D 2 HOH 52 99  99  HOH HOH B . 
D 2 HOH 53 100 100 HOH HOH B . 
D 2 HOH 54 101 47  HOH HOH B . 
D 2 HOH 55 102 102 HOH HOH B . 
D 2 HOH 56 103 103 HOH HOH B . 
D 2 HOH 57 104 104 HOH HOH B . 
D 2 HOH 58 108 108 HOH HOH B . 
D 2 HOH 59 112 112 HOH HOH B . 
D 2 HOH 60 114 114 HOH HOH B . 
D 2 HOH 61 115 115 HOH HOH B . 
D 2 HOH 62 117 117 HOH HOH B . 
D 2 HOH 63 118 118 HOH HOH B . 
D 2 HOH 64 119 119 HOH HOH B . 
D 2 HOH 65 120 120 HOH HOH B . 
D 2 HOH 66 124 124 HOH HOH B . 
D 2 HOH 67 126 126 HOH HOH B . 
D 2 HOH 68 127 127 HOH HOH B . 
D 2 HOH 69 131 131 HOH HOH B . 
D 2 HOH 70 133 133 HOH HOH B . 
D 2 HOH 71 136 136 HOH HOH B . 
D 2 HOH 72 137 137 HOH HOH B . 
D 2 HOH 73 139 139 HOH HOH B . 
D 2 HOH 74 140 140 HOH HOH B . 
D 2 HOH 75 142 142 HOH HOH B . 
D 2 HOH 76 144 144 HOH HOH B . 
D 2 HOH 77 145 145 HOH HOH B . 
D 2 HOH 78 146 146 HOH HOH B . 
D 2 HOH 79 148 148 HOH HOH B . 
D 2 HOH 80 150 150 HOH HOH B . 
D 2 HOH 81 151 151 HOH HOH B . 
D 2 HOH 82 152 152 HOH HOH B . 
D 2 HOH 83 153 153 HOH HOH B . 
D 2 HOH 84 156 156 HOH HOH B . 
D 2 HOH 85 158 158 HOH HOH B . 
D 2 HOH 86 160 160 HOH HOH B . 
D 2 HOH 87 161 161 HOH HOH B . 
D 2 HOH 88 162 162 HOH HOH B . 
D 2 HOH 89 164 164 HOH HOH B . 
D 2 HOH 90 166 166 HOH HOH B . 
D 2 HOH 91 168 168 HOH HOH B . 
D 2 HOH 92 169 169 HOH HOH B . 
D 2 HOH 93 170 170 HOH HOH B . 
D 2 HOH 94 171 171 HOH HOH B . 
D 2 HOH 95 182 182 HOH HOH B . 
D 2 HOH 96 183 183 HOH HOH B . 
# 
loop_
_software.name 
_software.classification 
_software.version 
_software.citation_id 
_software.pdbx_ordinal 
MAR345dtb 'data collection' .        ? 1 
Shake     'model building'  '& Bake' ? 2 
SHELXL-97 refinement        .        ? 3 
HKL-2000  'data reduction'  .        ? 4 
HKL-2000  'data scaling'    .        ? 5 
Shake     phasing           '& Bake' ? 6 
# 
_cell.entry_id           3PSM 
_cell.length_a           32.714 
_cell.length_b           28.111 
_cell.length_c           54.853 
_cell.angle_alpha        90.00 
_cell.angle_beta         103.78 
_cell.angle_gamma        90.00 
_cell.Z_PDB              4 
_cell.pdbx_unique_axis   ? 
_cell.length_a_esd       ? 
_cell.length_b_esd       ? 
_cell.length_c_esd       ? 
_cell.angle_alpha_esd    ? 
_cell.angle_beta_esd     ? 
_cell.angle_gamma_esd    ? 
# 
_symmetry.entry_id                         3PSM 
_symmetry.space_group_name_H-M             'P 1 21 1' 
_symmetry.pdbx_full_space_group_name_H-M   ? 
_symmetry.cell_setting                     ? 
_symmetry.Int_Tables_number                4 
_symmetry.space_group_name_Hall            ? 
# 
_exptl.entry_id          3PSM 
_exptl.method            'X-RAY DIFFRACTION' 
_exptl.crystals_number   1 
# 
_exptl_crystal.id                    1 
_exptl_crystal.density_meas          ? 
_exptl_crystal.density_Matthews      2.22 
_exptl_crystal.density_percent_sol   44.65 
_exptl_crystal.description           ? 
_exptl_crystal.F_000                 ? 
_exptl_crystal.preparation           ? 
# 
_exptl_crystal_grow.crystal_id      1 
_exptl_crystal_grow.method          'VAPOR DIFFUSION, HANGING DROP' 
_exptl_crystal_grow.temp            ? 
_exptl_crystal_grow.temp_details    ? 
_exptl_crystal_grow.pH              7.5 
_exptl_crystal_grow.pdbx_details    '35% PEG 8000, pH 7.5, VAPOR DIFFUSION, HANGING DROP' 
_exptl_crystal_grow.pdbx_pH_range   . 
# 
_diffrn.id                     1 
_diffrn.ambient_temp           100 
_diffrn.ambient_temp_details   ? 
_diffrn.crystal_id             1 
# 
_diffrn_detector.diffrn_id              1 
_diffrn_detector.detector               CCD 
_diffrn_detector.type                   'MAR CCD 130 mm' 
_diffrn_detector.pdbx_collection_date   2003-11-05 
_diffrn_detector.details                ? 
# 
_diffrn_radiation.diffrn_id                        1 
_diffrn_radiation.wavelength_id                    1 
_diffrn_radiation.pdbx_monochromatic_or_laue_m_l   M 
_diffrn_radiation.monochromator                    ? 
_diffrn_radiation.pdbx_diffrn_protocol             'SINGLE WAVELENGTH' 
_diffrn_radiation.pdbx_scattering_type             x-ray 
# 
_diffrn_radiation_wavelength.id           1 
_diffrn_radiation_wavelength.wavelength   0.98 
_diffrn_radiation_wavelength.wt           1.0 
# 
_diffrn_source.diffrn_id                   1 
_diffrn_source.source                      SYNCHROTRON 
_diffrn_source.type                        'BSRF BEAMLINE 3W1A' 
_diffrn_source.pdbx_synchrotron_site       BSRF 
_diffrn_source.pdbx_synchrotron_beamline   3W1A 
_diffrn_source.pdbx_wavelength             ? 
_diffrn_source.pdbx_wavelength_list        0.98 
# 
_reflns.entry_id                     3PSM 
_reflns.observed_criterion_sigma_I   5.0 
_reflns.observed_criterion_sigma_F   5.0 
_reflns.d_resolution_low             100 
_reflns.d_resolution_high            0.98 
_reflns.number_obs                   55557 
_reflns.number_all                   55949 
_reflns.percent_possible_obs         99.3 
_reflns.pdbx_Rmerge_I_obs            0.028 
_reflns.pdbx_Rsym_value              ? 
_reflns.pdbx_netI_over_sigmaI        31.83 
_reflns.B_iso_Wilson_estimate        ? 
_reflns.pdbx_redundancy              18.2 
_reflns.R_free_details               ? 
_reflns.limit_h_max                  ? 
_reflns.limit_h_min                  ? 
_reflns.limit_k_max                  ? 
_reflns.limit_k_min                  ? 
_reflns.limit_l_max                  ? 
_reflns.limit_l_min                  ? 
_reflns.observed_criterion_F_max     ? 
_reflns.observed_criterion_F_min     ? 
_reflns.pdbx_chi_squared             ? 
_reflns.pdbx_scaling_rejects         ? 
_reflns.pdbx_diffrn_id               1 
_reflns.pdbx_ordinal                 1 
# 
_reflns_shell.d_res_high                  0.98 
_reflns_shell.d_res_low                   1.01 
_reflns_shell.percent_possible_all        96.6 
_reflns_shell.Rmerge_I_obs                0.486 
_reflns_shell.pdbx_Rsym_value             ? 
_reflns_shell.meanI_over_sigI_obs         4.48 
_reflns_shell.pdbx_redundancy             ? 
_reflns_shell.percent_possible_obs        ? 
_reflns_shell.number_unique_all           ? 
_reflns_shell.number_measured_all         ? 
_reflns_shell.number_measured_obs         ? 
_reflns_shell.number_unique_obs           ? 
_reflns_shell.pdbx_chi_squared            ? 
_reflns_shell.pdbx_rejects                ? 
_reflns_shell.pdbx_netI_over_sigmaI_obs   ? 
_reflns_shell.number_possible             ? 
_reflns_shell.Rmerge_F_all                ? 
_reflns_shell.Rmerge_F_obs                ? 
_reflns_shell.Rmerge_I_all                ? 
_reflns_shell.meanI_over_sigI_all         ? 
_reflns_shell.pdbx_Rrim_I_all             ? 
_reflns_shell.pdbx_Rpim_I_all             ? 
_reflns_shell.pdbx_diffrn_id              ? 
_reflns_shell.pdbx_ordinal                1 
# 
_refine.entry_id                                 3PSM 
_refine.ls_number_reflns_obs                     52719 
_refine.ls_number_reflns_all                     52719 
_refine.pdbx_ls_sigma_I                          ? 
_refine.pdbx_ls_sigma_F                          0.0 
_refine.pdbx_data_cutoff_high_absF               ? 
_refine.pdbx_data_cutoff_low_absF                ? 
_refine.pdbx_data_cutoff_high_rms_absF           ? 
_refine.ls_d_res_low                             10.00 
_refine.ls_d_res_high                            0.98 
_refine.ls_percent_reflns_obs                    94.3 
_refine.ls_R_factor_obs                          0.1248 
_refine.ls_R_factor_all                          0.1250 
_refine.ls_R_factor_R_work                       0.1198 
_refine.ls_R_factor_R_free                       0.1637 
_refine.ls_R_factor_R_free_error                 ? 
_refine.ls_R_factor_R_free_error_details         ? 
_refine.ls_percent_reflns_R_free                 5 
_refine.ls_number_reflns_R_free                  2635 
_refine.ls_number_parameters                     9169 
_refine.ls_number_restraints                     10500 
_refine.occupancy_min                            ? 
_refine.occupancy_max                            ? 
_refine.correlation_coeff_Fo_to_Fc               ? 
_refine.correlation_coeff_Fo_to_Fc_free          ? 
_refine.B_iso_mean                               ? 
_refine.aniso_B[1][1]                            ? 
_refine.aniso_B[2][2]                            ? 
_refine.aniso_B[3][3]                            ? 
_refine.aniso_B[1][2]                            ? 
_refine.aniso_B[1][3]                            ? 
_refine.aniso_B[2][3]                            ? 
_refine.solvent_model_details                    ? 
_refine.solvent_model_param_ksol                 ? 
_refine.solvent_model_param_bsol                 ? 
_refine.pdbx_solvent_vdw_probe_radii             ? 
_refine.pdbx_solvent_ion_probe_radii             ? 
_refine.pdbx_solvent_shrinkage_radii             ? 
_refine.pdbx_ls_cross_valid_method               'FREE R' 
_refine.details                                  'ANISOTROPIC REFINEMENT REDUCED FREE R (NO CUTOFF)' 
_refine.pdbx_starting_model                      ? 
_refine.pdbx_method_to_determine_struct          'AB INITIO PHASING' 
_refine.pdbx_isotropic_thermal_model             ? 
_refine.pdbx_stereochemistry_target_values       'Engh & Huber' 
_refine.pdbx_stereochem_target_val_spec_case     ? 
_refine.pdbx_R_Free_selection_details            RANDOM 
_refine.pdbx_overall_ESU_R_Free                  ? 
_refine.overall_SU_ML                            ? 
_refine.overall_SU_B                             ? 
_refine.overall_SU_R_Cruickshank_DPI             ? 
_refine.ls_redundancy_reflns_obs                 ? 
_refine.B_iso_min                                ? 
_refine.B_iso_max                                ? 
_refine.overall_SU_R_free                        ? 
_refine.ls_wR_factor_R_free                      ? 
_refine.ls_wR_factor_R_work                      ? 
_refine.overall_FOM_free_R_set                   ? 
_refine.overall_FOM_work_R_set                   ? 
_refine.pdbx_refine_id                           'X-RAY DIFFRACTION' 
_refine.pdbx_overall_phase_error                 ? 
_refine.pdbx_overall_ESU_R                       ? 
_refine.pdbx_diffrn_id                           1 
_refine.pdbx_TLS_residual_ADP_flag               ? 
_refine.pdbx_overall_SU_R_free_Cruickshank_DPI   ? 
_refine.pdbx_overall_SU_R_Blow_DPI               ? 
_refine.pdbx_overall_SU_R_free_Blow_DPI          ? 
# 
_refine_analyze.entry_id                        3PSM 
_refine_analyze.Luzzati_coordinate_error_obs    ? 
_refine_analyze.Luzzati_sigma_a_obs             ? 
_refine_analyze.Luzzati_d_res_low_obs           ? 
_refine_analyze.Luzzati_coordinate_error_free   ? 
_refine_analyze.Luzzati_sigma_a_free            ? 
_refine_analyze.Luzzati_d_res_low_free          ? 
_refine_analyze.number_disordered_residues      5 
_refine_analyze.occupancy_sum_hydrogen          657.62 
_refine_analyze.occupancy_sum_non_hydrogen      997.37 
_refine_analyze.pdbx_Luzzati_d_res_high_obs     ? 
_refine_analyze.pdbx_refine_id                  'X-RAY DIFFRACTION' 
# 
_refine_hist.pdbx_refine_id                   'X-RAY DIFFRACTION' 
_refine_hist.cycle_id                         LAST 
_refine_hist.pdbx_number_atoms_protein        758 
_refine_hist.pdbx_number_atoms_nucleic_acid   0 
_refine_hist.pdbx_number_atoms_ligand         0 
_refine_hist.number_atoms_solvent             183 
_refine_hist.number_atoms_total               941 
_refine_hist.d_res_high                       0.98 
_refine_hist.d_res_low                        10.00 
# 
loop_
_refine_ls_restr.type 
_refine_ls_restr.dev_ideal 
_refine_ls_restr.dev_ideal_target 
_refine_ls_restr.weight 
_refine_ls_restr.number 
_refine_ls_restr.pdbx_refine_id 
_refine_ls_restr.pdbx_restraint_function 
s_bond_d               0.015  ? ? ? 'X-RAY DIFFRACTION' ? 
s_angle_d              0.030  ? ? ? 'X-RAY DIFFRACTION' ? 
s_similar_dist         0.000  ? ? ? 'X-RAY DIFFRACTION' ? 
s_from_restr_planes    0.0320 ? ? ? 'X-RAY DIFFRACTION' ? 
s_zero_chiral_vol      0.098  ? ? ? 'X-RAY DIFFRACTION' ? 
s_non_zero_chiral_vol  0.102  ? ? ? 'X-RAY DIFFRACTION' ? 
s_anti_bump_dis_restr  0.115  ? ? ? 'X-RAY DIFFRACTION' ? 
s_rigid_bond_adp_cmpnt 0.006  ? ? ? 'X-RAY DIFFRACTION' ? 
s_similar_adp_cmpnt    0.041  ? ? ? 'X-RAY DIFFRACTION' ? 
s_approx_iso_adps      0.101  ? ? ? 'X-RAY DIFFRACTION' ? 
# 
_pdbx_refine.pdbx_refine_id                              'X-RAY DIFFRACTION' 
_pdbx_refine.entry_id                                    3PSM 
_pdbx_refine.R_factor_all_no_cutoff                      0.1250 
_pdbx_refine.R_factor_obs_no_cutoff                      0.1248 
_pdbx_refine.free_R_factor_no_cutoff                     0.1637 
_pdbx_refine.free_R_error_no_cutoff                      ? 
_pdbx_refine.free_R_val_test_set_size_perc_no_cutoff     5 
_pdbx_refine.free_R_val_test_set_ct_no_cutoff            ? 
_pdbx_refine.R_factor_all_4sig_cutoff                    0.1200 
_pdbx_refine.R_factor_obs_4sig_cutoff                    0.1198 
_pdbx_refine.free_R_factor_4sig_cutoff                   0.1569 
_pdbx_refine.free_R_val_test_set_size_perc_4sig_cutoff   0.0 
_pdbx_refine.free_R_val_test_set_ct_4sig_cutoff          ? 
_pdbx_refine.number_reflns_obs_4sig_cutoff               47165 
# 
_struct.entry_id                  3PSM 
_struct.title                     '.98A crystal structure of a dimeric plant defensin SPE10' 
_struct.pdbx_model_details        ? 
_struct.pdbx_CASP_flag            ? 
_struct.pdbx_model_type_details   ? 
# 
_struct_keywords.entry_id        3PSM 
_struct_keywords.pdbx_keywords   'ANTIMICROBIAL PROTEIN' 
_struct_keywords.text            'dimer, defensin, ANTIMICROBIAL PROTEIN' 
# 
loop_
_struct_asym.id 
_struct_asym.pdbx_blank_PDB_chainid_flag 
_struct_asym.pdbx_modified 
_struct_asym.entity_id 
_struct_asym.details 
A N N 1 ? 
B N N 1 ? 
C N N 2 ? 
D N N 2 ? 
# 
_struct_ref.id                         1 
_struct_ref.db_name                    UNP 
_struct_ref.db_code                    Q6B519_9FABA 
_struct_ref.pdbx_db_accession          Q6B519 
_struct_ref.entity_id                  1 
_struct_ref.pdbx_seq_one_letter_code   KTCENLADTFRGPCFTDGSCDDHCKNKEHLIKGRCRDDFRCWCTRNC 
_struct_ref.pdbx_align_begin           1 
_struct_ref.pdbx_db_isoform            ? 
# 
loop_
_struct_ref_seq.align_id 
_struct_ref_seq.ref_id 
_struct_ref_seq.pdbx_PDB_id_code 
_struct_ref_seq.pdbx_strand_id 
_struct_ref_seq.seq_align_beg 
_struct_ref_seq.pdbx_seq_align_beg_ins_code 
_struct_ref_seq.seq_align_end 
_struct_ref_seq.pdbx_seq_align_end_ins_code 
_struct_ref_seq.pdbx_db_accession 
_struct_ref_seq.db_align_beg 
_struct_ref_seq.pdbx_db_align_beg_ins_code 
_struct_ref_seq.db_align_end 
_struct_ref_seq.pdbx_db_align_end_ins_code 
_struct_ref_seq.pdbx_auth_seq_align_beg 
_struct_ref_seq.pdbx_auth_seq_align_end 
1 1 3PSM A 1 ? 47 ? Q6B519 1 ? 47 ? 1 47 
2 1 3PSM B 1 ? 47 ? Q6B519 1 ? 47 ? 1 47 
# 
_pdbx_struct_assembly.id                   1 
_pdbx_struct_assembly.details              author_defined_assembly 
_pdbx_struct_assembly.method_details       ? 
_pdbx_struct_assembly.oligomeric_details   dimeric 
_pdbx_struct_assembly.oligomeric_count     2 
# 
_pdbx_struct_assembly_gen.assembly_id       1 
_pdbx_struct_assembly_gen.oper_expression   1 
_pdbx_struct_assembly_gen.asym_id_list      A,B,C,D 
# 
_pdbx_struct_oper_list.id                   1 
_pdbx_struct_oper_list.type                 'identity operation' 
_pdbx_struct_oper_list.name                 1_555 
_pdbx_struct_oper_list.symmetry_operation   x,y,z 
_pdbx_struct_oper_list.matrix[1][1]         1.0000000000 
_pdbx_struct_oper_list.matrix[1][2]         0.0000000000 
_pdbx_struct_oper_list.matrix[1][3]         0.0000000000 
_pdbx_struct_oper_list.vector[1]            0.0000000000 
_pdbx_struct_oper_list.matrix[2][1]         0.0000000000 
_pdbx_struct_oper_list.matrix[2][2]         1.0000000000 
_pdbx_struct_oper_list.matrix[2][3]         0.0000000000 
_pdbx_struct_oper_list.vector[2]            0.0000000000 
_pdbx_struct_oper_list.matrix[3][1]         0.0000000000 
_pdbx_struct_oper_list.matrix[3][2]         0.0000000000 
_pdbx_struct_oper_list.matrix[3][3]         1.0000000000 
_pdbx_struct_oper_list.vector[3]            0.0000000000 
# 
_struct_biol.id        1 
_struct_biol.details   ? 
# 
loop_
_struct_conf.conf_type_id 
_struct_conf.id 
_struct_conf.pdbx_PDB_helix_id 
_struct_conf.beg_label_comp_id 
_struct_conf.beg_label_asym_id 
_struct_conf.beg_label_seq_id 
_struct_conf.pdbx_beg_PDB_ins_code 
_struct_conf.end_label_comp_id 
_struct_conf.end_label_asym_id 
_struct_conf.end_label_seq_id 
_struct_conf.pdbx_end_PDB_ins_code 
_struct_conf.beg_auth_comp_id 
_struct_conf.beg_auth_asym_id 
_struct_conf.beg_auth_seq_id 
_struct_conf.end_auth_comp_id 
_struct_conf.end_auth_asym_id 
_struct_conf.end_auth_seq_id 
_struct_conf.pdbx_PDB_helix_class 
_struct_conf.details 
_struct_conf.pdbx_PDB_helix_length 
HELX_P HELX_P1 1 THR A 16 ? LYS A 27 ? THR A 16 LYS A 27 1 ? 12 
HELX_P HELX_P2 2 THR B 16 ? LYS B 27 ? THR B 16 LYS B 27 1 ? 12 
# 
_struct_conf_type.id          HELX_P 
_struct_conf_type.criteria    ? 
_struct_conf_type.reference   ? 
# 
loop_
_struct_conn.id 
_struct_conn.conn_type_id 
_struct_conn.pdbx_leaving_atom_flag 
_struct_conn.pdbx_PDB_id 
_struct_conn.ptnr1_label_asym_id 
_struct_conn.ptnr1_label_comp_id 
_struct_conn.ptnr1_label_seq_id 
_struct_conn.ptnr1_label_atom_id 
_struct_conn.pdbx_ptnr1_label_alt_id 
_struct_conn.pdbx_ptnr1_PDB_ins_code 
_struct_conn.pdbx_ptnr1_standard_comp_id 
_struct_conn.ptnr1_symmetry 
_struct_conn.ptnr2_label_asym_id 
_struct_conn.ptnr2_label_comp_id 
_struct_conn.ptnr2_label_seq_id 
_struct_conn.ptnr2_label_atom_id 
_struct_conn.pdbx_ptnr2_label_alt_id 
_struct_conn.pdbx_ptnr2_PDB_ins_code 
_struct_conn.ptnr1_auth_asym_id 
_struct_conn.ptnr1_auth_comp_id 
_struct_conn.ptnr1_auth_seq_id 
_struct_conn.ptnr2_auth_asym_id 
_struct_conn.ptnr2_auth_comp_id 
_struct_conn.ptnr2_auth_seq_id 
_struct_conn.ptnr2_symmetry 
_struct_conn.pdbx_ptnr3_label_atom_id 
_struct_conn.pdbx_ptnr3_label_seq_id 
_struct_conn.pdbx_ptnr3_label_comp_id 
_struct_conn.pdbx_ptnr3_label_asym_id 
_struct_conn.pdbx_ptnr3_label_alt_id 
_struct_conn.pdbx_ptnr3_PDB_ins_code 
_struct_conn.details 
_struct_conn.pdbx_dist_value 
_struct_conn.pdbx_value_order 
_struct_conn.pdbx_role 
disulf1 disulf ? ? A CYS 3  SG ? ? ? 1_555 A CYS 47 SG ? ? A CYS 3  A CYS 47 1_555 ? ? ? ? ? ? ? 2.035 ? ? 
disulf2 disulf ? ? A CYS 14 SG ? ? ? 1_555 A CYS 35 SG ? ? A CYS 14 A CYS 35 1_555 ? ? ? ? ? ? ? 2.032 ? ? 
disulf3 disulf ? ? A CYS 20 SG ? ? ? 1_555 A CYS 41 SG ? ? A CYS 20 A CYS 41 1_555 ? ? ? ? ? ? ? 2.040 ? ? 
disulf4 disulf ? ? A CYS 24 SG ? ? ? 1_555 A CYS 43 SG ? ? A CYS 24 A CYS 43 1_555 ? ? ? ? ? ? ? 2.035 ? ? 
disulf5 disulf ? ? B CYS 3  SG ? ? ? 1_555 B CYS 47 SG ? ? B CYS 3  B CYS 47 1_555 ? ? ? ? ? ? ? 2.002 ? ? 
disulf6 disulf ? ? B CYS 14 SG ? ? ? 1_555 B CYS 35 SG ? ? B CYS 14 B CYS 35 1_555 ? ? ? ? ? ? ? 2.046 ? ? 
disulf7 disulf ? ? B CYS 20 SG ? ? ? 1_555 B CYS 41 SG ? ? B CYS 20 B CYS 41 1_555 ? ? ? ? ? ? ? 2.034 ? ? 
disulf8 disulf ? ? B CYS 24 SG ? ? ? 1_555 B CYS 43 SG ? ? B CYS 24 B CYS 43 1_555 ? ? ? ? ? ? ? 2.039 ? ? 
# 
_struct_conn_type.id          disulf 
_struct_conn_type.criteria    ? 
_struct_conn_type.reference   ? 
# 
loop_
_pdbx_modification_feature.ordinal 
_pdbx_modification_feature.label_comp_id 
_pdbx_modification_feature.label_asym_id 
_pdbx_modification_feature.label_seq_id 
_pdbx_modification_feature.label_alt_id 
_pdbx_modification_feature.modified_residue_label_comp_id 
_pdbx_modification_feature.modified_residue_label_asym_id 
_pdbx_modification_feature.modified_residue_label_seq_id 
_pdbx_modification_feature.modified_residue_label_alt_id 
_pdbx_modification_feature.auth_comp_id 
_pdbx_modification_feature.auth_asym_id 
_pdbx_modification_feature.auth_seq_id 
_pdbx_modification_feature.PDB_ins_code 
_pdbx_modification_feature.symmetry 
_pdbx_modification_feature.modified_residue_auth_comp_id 
_pdbx_modification_feature.modified_residue_auth_asym_id 
_pdbx_modification_feature.modified_residue_auth_seq_id 
_pdbx_modification_feature.modified_residue_PDB_ins_code 
_pdbx_modification_feature.modified_residue_symmetry 
_pdbx_modification_feature.comp_id_linking_atom 
_pdbx_modification_feature.modified_residue_id_linking_atom 
_pdbx_modification_feature.modified_residue_id 
_pdbx_modification_feature.ref_pcm_id 
_pdbx_modification_feature.ref_comp_id 
_pdbx_modification_feature.type 
_pdbx_modification_feature.category 
1 CYS A 3  ? CYS A 47 ? CYS A 3  ? 1_555 CYS A 47 ? 1_555 SG SG . . . None 'Disulfide bridge' 
2 CYS A 14 ? CYS A 35 ? CYS A 14 ? 1_555 CYS A 35 ? 1_555 SG SG . . . None 'Disulfide bridge' 
3 CYS A 20 ? CYS A 41 ? CYS A 20 ? 1_555 CYS A 41 ? 1_555 SG SG . . . None 'Disulfide bridge' 
4 CYS A 24 ? CYS A 43 ? CYS A 24 ? 1_555 CYS A 43 ? 1_555 SG SG . . . None 'Disulfide bridge' 
5 CYS B 3  ? CYS B 47 ? CYS B 3  ? 1_555 CYS B 47 ? 1_555 SG SG . . . None 'Disulfide bridge' 
6 CYS B 14 ? CYS B 35 ? CYS B 14 ? 1_555 CYS B 35 ? 1_555 SG SG . . . None 'Disulfide bridge' 
7 CYS B 20 ? CYS B 41 ? CYS B 20 ? 1_555 CYS B 41 ? 1_555 SG SG . . . None 'Disulfide bridge' 
8 CYS B 24 ? CYS B 43 ? CYS B 24 ? 1_555 CYS B 43 ? 1_555 SG SG . . . None 'Disulfide bridge' 
# 
loop_
_struct_sheet.id 
_struct_sheet.type 
_struct_sheet.number_strands 
_struct_sheet.details 
A ? 3 ? 
B ? 3 ? 
# 
loop_
_struct_sheet_order.sheet_id 
_struct_sheet_order.range_id_1 
_struct_sheet_order.range_id_2 
_struct_sheet_order.offset 
_struct_sheet_order.sense 
A 1 2 ? anti-parallel 
A 2 3 ? anti-parallel 
B 1 2 ? anti-parallel 
B 2 3 ? anti-parallel 
# 
loop_
_struct_sheet_range.sheet_id 
_struct_sheet_range.id 
_struct_sheet_range.beg_label_comp_id 
_struct_sheet_range.beg_label_asym_id 
_struct_sheet_range.beg_label_seq_id 
_struct_sheet_range.pdbx_beg_PDB_ins_code 
_struct_sheet_range.end_label_comp_id 
_struct_sheet_range.end_label_asym_id 
_struct_sheet_range.end_label_seq_id 
_struct_sheet_range.pdbx_end_PDB_ins_code 
_struct_sheet_range.beg_auth_comp_id 
_struct_sheet_range.beg_auth_asym_id 
_struct_sheet_range.beg_auth_seq_id 
_struct_sheet_range.end_auth_comp_id 
_struct_sheet_range.end_auth_asym_id 
_struct_sheet_range.end_auth_seq_id 
A 1 THR A 2  ? LEU A 6  ? THR A 2  LEU A 6  
A 2 CYS A 41 ? ASN A 46 ? CYS A 41 ASN A 46 
A 3 LYS A 32 ? CYS A 35 ? LYS A 32 CYS A 35 
B 1 THR B 2  ? LEU B 6  ? THR B 2  LEU B 6  
B 2 CYS B 41 ? ASN B 46 ? CYS B 41 ASN B 46 
B 3 LYS B 32 ? CYS B 35 ? LYS B 32 CYS B 35 
# 
loop_
_pdbx_struct_sheet_hbond.sheet_id 
_pdbx_struct_sheet_hbond.range_id_1 
_pdbx_struct_sheet_hbond.range_id_2 
_pdbx_struct_sheet_hbond.range_1_label_atom_id 
_pdbx_struct_sheet_hbond.range_1_label_comp_id 
_pdbx_struct_sheet_hbond.range_1_label_asym_id 
_pdbx_struct_sheet_hbond.range_1_label_seq_id 
_pdbx_struct_sheet_hbond.range_1_PDB_ins_code 
_pdbx_struct_sheet_hbond.range_1_auth_atom_id 
_pdbx_struct_sheet_hbond.range_1_auth_comp_id 
_pdbx_struct_sheet_hbond.range_1_auth_asym_id 
_pdbx_struct_sheet_hbond.range_1_auth_seq_id 
_pdbx_struct_sheet_hbond.range_2_label_atom_id 
_pdbx_struct_sheet_hbond.range_2_label_comp_id 
_pdbx_struct_sheet_hbond.range_2_label_asym_id 
_pdbx_struct_sheet_hbond.range_2_label_seq_id 
_pdbx_struct_sheet_hbond.range_2_PDB_ins_code 
_pdbx_struct_sheet_hbond.range_2_auth_atom_id 
_pdbx_struct_sheet_hbond.range_2_auth_comp_id 
_pdbx_struct_sheet_hbond.range_2_auth_asym_id 
_pdbx_struct_sheet_hbond.range_2_auth_seq_id 
A 1 2 N ASN A 5  ? N ASN A 5  O CYS A 43 ? O CYS A 43 
A 2 3 O THR A 44 ? O THR A 44 N LYS A 32 ? N LYS A 32 
B 1 2 N ASN B 5  ? N ASN B 5  O CYS B 43 ? O CYS B 43 
B 2 3 O THR B 44 ? O THR B 44 N LYS B 32 ? N LYS B 32 
# 
_pdbx_entry_details.entry_id                   3PSM 
_pdbx_entry_details.compound_details           ? 
_pdbx_entry_details.source_details             ? 
_pdbx_entry_details.nonpolymer_details         ? 
_pdbx_entry_details.sequence_details           ? 
_pdbx_entry_details.has_ligand_of_interest     ? 
_pdbx_entry_details.has_protein_modification   Y 
# 
loop_
_pdbx_validate_rmsd_angle.id 
_pdbx_validate_rmsd_angle.PDB_model_num 
_pdbx_validate_rmsd_angle.auth_atom_id_1 
_pdbx_validate_rmsd_angle.auth_asym_id_1 
_pdbx_validate_rmsd_angle.auth_comp_id_1 
_pdbx_validate_rmsd_angle.auth_seq_id_1 
_pdbx_validate_rmsd_angle.PDB_ins_code_1 
_pdbx_validate_rmsd_angle.label_alt_id_1 
_pdbx_validate_rmsd_angle.auth_atom_id_2 
_pdbx_validate_rmsd_angle.auth_asym_id_2 
_pdbx_validate_rmsd_angle.auth_comp_id_2 
_pdbx_validate_rmsd_angle.auth_seq_id_2 
_pdbx_validate_rmsd_angle.PDB_ins_code_2 
_pdbx_validate_rmsd_angle.label_alt_id_2 
_pdbx_validate_rmsd_angle.auth_atom_id_3 
_pdbx_validate_rmsd_angle.auth_asym_id_3 
_pdbx_validate_rmsd_angle.auth_comp_id_3 
_pdbx_validate_rmsd_angle.auth_seq_id_3 
_pdbx_validate_rmsd_angle.PDB_ins_code_3 
_pdbx_validate_rmsd_angle.label_alt_id_3 
_pdbx_validate_rmsd_angle.angle_value 
_pdbx_validate_rmsd_angle.angle_target_value 
_pdbx_validate_rmsd_angle.angle_deviation 
_pdbx_validate_rmsd_angle.angle_standard_deviation 
_pdbx_validate_rmsd_angle.linker_flag 
1 1 NE  A ARG 34 ? ? CZ A ARG 34 ? ? NH2 A ARG 34 ? ? 115.23 120.30 -5.07 0.50 N 
2 1 NH1 A ARG 45 ? ? CZ A ARG 45 ? ? NH2 A ARG 45 ? ? 132.06 119.40 12.66 1.10 N 
3 1 NE  A ARG 45 ? ? CZ A ARG 45 ? ? NH1 A ARG 45 ? ? 110.33 120.30 -9.97 0.50 N 
4 1 CB  B PHE 15 ? ? CG B PHE 15 ? ? CD2 B PHE 15 ? ? 125.95 120.80 5.15  0.70 N 
5 1 CG  B ARG 40 ? B CD B ARG 40 ? B NE  B ARG 40 ? B 125.02 111.80 13.22 2.10 N 
6 1 NH1 B ARG 40 ? A CZ B ARG 40 ? A NH2 B ARG 40 ? A 110.62 119.40 -8.78 1.10 N 
7 1 NE  B ARG 40 ? B CZ B ARG 40 ? B NH1 B ARG 40 ? B 124.95 120.30 4.65  0.50 N 
8 1 NE  B ARG 40 ? A CZ B ARG 40 ? A NH2 B ARG 40 ? A 127.72 120.30 7.42  0.50 N 
9 1 NE  B ARG 40 ? B CZ B ARG 40 ? B NH2 B ARG 40 ? B 116.83 120.30 -3.47 0.50 N 
# 
loop_
_chem_comp_atom.comp_id 
_chem_comp_atom.atom_id 
_chem_comp_atom.type_symbol 
_chem_comp_atom.pdbx_aromatic_flag 
_chem_comp_atom.pdbx_stereo_config 
_chem_comp_atom.pdbx_ordinal 
ALA N    N N N 1   
ALA CA   C N S 2   
ALA C    C N N 3   
ALA O    O N N 4   
ALA CB   C N N 5   
ALA OXT  O N N 6   
ALA H    H N N 7   
ALA H2   H N N 8   
ALA HA   H N N 9   
ALA HB1  H N N 10  
ALA HB2  H N N 11  
ALA HB3  H N N 12  
ALA HXT  H N N 13  
ARG N    N N N 14  
ARG CA   C N S 15  
ARG C    C N N 16  
ARG O    O N N 17  
ARG CB   C N N 18  
ARG CG   C N N 19  
ARG CD   C N N 20  
ARG NE   N N N 21  
ARG CZ   C N N 22  
ARG NH1  N N N 23  
ARG NH2  N N N 24  
ARG OXT  O N N 25  
ARG H    H N N 26  
ARG H2   H N N 27  
ARG HA   H N N 28  
ARG HB2  H N N 29  
ARG HB3  H N N 30  
ARG HG2  H N N 31  
ARG HG3  H N N 32  
ARG HD2  H N N 33  
ARG HD3  H N N 34  
ARG HE   H N N 35  
ARG HH11 H N N 36  
ARG HH12 H N N 37  
ARG HH21 H N N 38  
ARG HH22 H N N 39  
ARG HXT  H N N 40  
ASN N    N N N 41  
ASN CA   C N S 42  
ASN C    C N N 43  
ASN O    O N N 44  
ASN CB   C N N 45  
ASN CG   C N N 46  
ASN OD1  O N N 47  
ASN ND2  N N N 48  
ASN OXT  O N N 49  
ASN H    H N N 50  
ASN H2   H N N 51  
ASN HA   H N N 52  
ASN HB2  H N N 53  
ASN HB3  H N N 54  
ASN HD21 H N N 55  
ASN HD22 H N N 56  
ASN HXT  H N N 57  
ASP N    N N N 58  
ASP CA   C N S 59  
ASP C    C N N 60  
ASP O    O N N 61  
ASP CB   C N N 62  
ASP CG   C N N 63  
ASP OD1  O N N 64  
ASP OD2  O N N 65  
ASP OXT  O N N 66  
ASP H    H N N 67  
ASP H2   H N N 68  
ASP HA   H N N 69  
ASP HB2  H N N 70  
ASP HB3  H N N 71  
ASP HD2  H N N 72  
ASP HXT  H N N 73  
CYS N    N N N 74  
CYS CA   C N R 75  
CYS C    C N N 76  
CYS O    O N N 77  
CYS CB   C N N 78  
CYS SG   S N N 79  
CYS OXT  O N N 80  
CYS H    H N N 81  
CYS H2   H N N 82  
CYS HA   H N N 83  
CYS HB2  H N N 84  
CYS HB3  H N N 85  
CYS HG   H N N 86  
CYS HXT  H N N 87  
GLU N    N N N 88  
GLU CA   C N S 89  
GLU C    C N N 90  
GLU O    O N N 91  
GLU CB   C N N 92  
GLU CG   C N N 93  
GLU CD   C N N 94  
GLU OE1  O N N 95  
GLU OE2  O N N 96  
GLU OXT  O N N 97  
GLU H    H N N 98  
GLU H2   H N N 99  
GLU HA   H N N 100 
GLU HB2  H N N 101 
GLU HB3  H N N 102 
GLU HG2  H N N 103 
GLU HG3  H N N 104 
GLU HE2  H N N 105 
GLU HXT  H N N 106 
GLY N    N N N 107 
GLY CA   C N N 108 
GLY C    C N N 109 
GLY O    O N N 110 
GLY OXT  O N N 111 
GLY H    H N N 112 
GLY H2   H N N 113 
GLY HA2  H N N 114 
GLY HA3  H N N 115 
GLY HXT  H N N 116 
HIS N    N N N 117 
HIS CA   C N S 118 
HIS C    C N N 119 
HIS O    O N N 120 
HIS CB   C N N 121 
HIS CG   C Y N 122 
HIS ND1  N Y N 123 
HIS CD2  C Y N 124 
HIS CE1  C Y N 125 
HIS NE2  N Y N 126 
HIS OXT  O N N 127 
HIS H    H N N 128 
HIS H2   H N N 129 
HIS HA   H N N 130 
HIS HB2  H N N 131 
HIS HB3  H N N 132 
HIS HD1  H N N 133 
HIS HD2  H N N 134 
HIS HE1  H N N 135 
HIS HE2  H N N 136 
HIS HXT  H N N 137 
HOH O    O N N 138 
HOH H1   H N N 139 
HOH H2   H N N 140 
ILE N    N N N 141 
ILE CA   C N S 142 
ILE C    C N N 143 
ILE O    O N N 144 
ILE CB   C N S 145 
ILE CG1  C N N 146 
ILE CG2  C N N 147 
ILE CD1  C N N 148 
ILE OXT  O N N 149 
ILE H    H N N 150 
ILE H2   H N N 151 
ILE HA   H N N 152 
ILE HB   H N N 153 
ILE HG12 H N N 154 
ILE HG13 H N N 155 
ILE HG21 H N N 156 
ILE HG22 H N N 157 
ILE HG23 H N N 158 
ILE HD11 H N N 159 
ILE HD12 H N N 160 
ILE HD13 H N N 161 
ILE HXT  H N N 162 
LEU N    N N N 163 
LEU CA   C N S 164 
LEU C    C N N 165 
LEU O    O N N 166 
LEU CB   C N N 167 
LEU CG   C N N 168 
LEU CD1  C N N 169 
LEU CD2  C N N 170 
LEU OXT  O N N 171 
LEU H    H N N 172 
LEU H2   H N N 173 
LEU HA   H N N 174 
LEU HB2  H N N 175 
LEU HB3  H N N 176 
LEU HG   H N N 177 
LEU HD11 H N N 178 
LEU HD12 H N N 179 
LEU HD13 H N N 180 
LEU HD21 H N N 181 
LEU HD22 H N N 182 
LEU HD23 H N N 183 
LEU HXT  H N N 184 
LYS N    N N N 185 
LYS CA   C N S 186 
LYS C    C N N 187 
LYS O    O N N 188 
LYS CB   C N N 189 
LYS CG   C N N 190 
LYS CD   C N N 191 
LYS CE   C N N 192 
LYS NZ   N N N 193 
LYS OXT  O N N 194 
LYS H    H N N 195 
LYS H2   H N N 196 
LYS HA   H N N 197 
LYS HB2  H N N 198 
LYS HB3  H N N 199 
LYS HG2  H N N 200 
LYS HG3  H N N 201 
LYS HD2  H N N 202 
LYS HD3  H N N 203 
LYS HE2  H N N 204 
LYS HE3  H N N 205 
LYS HZ1  H N N 206 
LYS HZ2  H N N 207 
LYS HZ3  H N N 208 
LYS HXT  H N N 209 
PHE N    N N N 210 
PHE CA   C N S 211 
PHE C    C N N 212 
PHE O    O N N 213 
PHE CB   C N N 214 
PHE CG   C Y N 215 
PHE CD1  C Y N 216 
PHE CD2  C Y N 217 
PHE CE1  C Y N 218 
PHE CE2  C Y N 219 
PHE CZ   C Y N 220 
PHE OXT  O N N 221 
PHE H    H N N 222 
PHE H2   H N N 223 
PHE HA   H N N 224 
PHE HB2  H N N 225 
PHE HB3  H N N 226 
PHE HD1  H N N 227 
PHE HD2  H N N 228 
PHE HE1  H N N 229 
PHE HE2  H N N 230 
PHE HZ   H N N 231 
PHE HXT  H N N 232 
PRO N    N N N 233 
PRO CA   C N S 234 
PRO C    C N N 235 
PRO O    O N N 236 
PRO CB   C N N 237 
PRO CG   C N N 238 
PRO CD   C N N 239 
PRO OXT  O N N 240 
PRO H    H N N 241 
PRO HA   H N N 242 
PRO HB2  H N N 243 
PRO HB3  H N N 244 
PRO HG2  H N N 245 
PRO HG3  H N N 246 
PRO HD2  H N N 247 
PRO HD3  H N N 248 
PRO HXT  H N N 249 
SER N    N N N 250 
SER CA   C N S 251 
SER C    C N N 252 
SER O    O N N 253 
SER CB   C N N 254 
SER OG   O N N 255 
SER OXT  O N N 256 
SER H    H N N 257 
SER H2   H N N 258 
SER HA   H N N 259 
SER HB2  H N N 260 
SER HB3  H N N 261 
SER HG   H N N 262 
SER HXT  H N N 263 
THR N    N N N 264 
THR CA   C N S 265 
THR C    C N N 266 
THR O    O N N 267 
THR CB   C N R 268 
THR OG1  O N N 269 
THR CG2  C N N 270 
THR OXT  O N N 271 
THR H    H N N 272 
THR H2   H N N 273 
THR HA   H N N 274 
THR HB   H N N 275 
THR HG1  H N N 276 
THR HG21 H N N 277 
THR HG22 H N N 278 
THR HG23 H N N 279 
THR HXT  H N N 280 
TRP N    N N N 281 
TRP CA   C N S 282 
TRP C    C N N 283 
TRP O    O N N 284 
TRP CB   C N N 285 
TRP CG   C Y N 286 
TRP CD1  C Y N 287 
TRP CD2  C Y N 288 
TRP NE1  N Y N 289 
TRP CE2  C Y N 290 
TRP CE3  C Y N 291 
TRP CZ2  C Y N 292 
TRP CZ3  C Y N 293 
TRP CH2  C Y N 294 
TRP OXT  O N N 295 
TRP H    H N N 296 
TRP H2   H N N 297 
TRP HA   H N N 298 
TRP HB2  H N N 299 
TRP HB3  H N N 300 
TRP HD1  H N N 301 
TRP HE1  H N N 302 
TRP HE3  H N N 303 
TRP HZ2  H N N 304 
TRP HZ3  H N N 305 
TRP HH2  H N N 306 
TRP HXT  H N N 307 
# 
loop_
_chem_comp_bond.comp_id 
_chem_comp_bond.atom_id_1 
_chem_comp_bond.atom_id_2 
_chem_comp_bond.value_order 
_chem_comp_bond.pdbx_aromatic_flag 
_chem_comp_bond.pdbx_stereo_config 
_chem_comp_bond.pdbx_ordinal 
ALA N   CA   sing N N 1   
ALA N   H    sing N N 2   
ALA N   H2   sing N N 3   
ALA CA  C    sing N N 4   
ALA CA  CB   sing N N 5   
ALA CA  HA   sing N N 6   
ALA C   O    doub N N 7   
ALA C   OXT  sing N N 8   
ALA CB  HB1  sing N N 9   
ALA CB  HB2  sing N N 10  
ALA CB  HB3  sing N N 11  
ALA OXT HXT  sing N N 12  
ARG N   CA   sing N N 13  
ARG N   H    sing N N 14  
ARG N   H2   sing N N 15  
ARG CA  C    sing N N 16  
ARG CA  CB   sing N N 17  
ARG CA  HA   sing N N 18  
ARG C   O    doub N N 19  
ARG C   OXT  sing N N 20  
ARG CB  CG   sing N N 21  
ARG CB  HB2  sing N N 22  
ARG CB  HB3  sing N N 23  
ARG CG  CD   sing N N 24  
ARG CG  HG2  sing N N 25  
ARG CG  HG3  sing N N 26  
ARG CD  NE   sing N N 27  
ARG CD  HD2  sing N N 28  
ARG CD  HD3  sing N N 29  
ARG NE  CZ   sing N N 30  
ARG NE  HE   sing N N 31  
ARG CZ  NH1  sing N N 32  
ARG CZ  NH2  doub N N 33  
ARG NH1 HH11 sing N N 34  
ARG NH1 HH12 sing N N 35  
ARG NH2 HH21 sing N N 36  
ARG NH2 HH22 sing N N 37  
ARG OXT HXT  sing N N 38  
ASN N   CA   sing N N 39  
ASN N   H    sing N N 40  
ASN N   H2   sing N N 41  
ASN CA  C    sing N N 42  
ASN CA  CB   sing N N 43  
ASN CA  HA   sing N N 44  
ASN C   O    doub N N 45  
ASN C   OXT  sing N N 46  
ASN CB  CG   sing N N 47  
ASN CB  HB2  sing N N 48  
ASN CB  HB3  sing N N 49  
ASN CG  OD1  doub N N 50  
ASN CG  ND2  sing N N 51  
ASN ND2 HD21 sing N N 52  
ASN ND2 HD22 sing N N 53  
ASN OXT HXT  sing N N 54  
ASP N   CA   sing N N 55  
ASP N   H    sing N N 56  
ASP N   H2   sing N N 57  
ASP CA  C    sing N N 58  
ASP CA  CB   sing N N 59  
ASP CA  HA   sing N N 60  
ASP C   O    doub N N 61  
ASP C   OXT  sing N N 62  
ASP CB  CG   sing N N 63  
ASP CB  HB2  sing N N 64  
ASP CB  HB3  sing N N 65  
ASP CG  OD1  doub N N 66  
ASP CG  OD2  sing N N 67  
ASP OD2 HD2  sing N N 68  
ASP OXT HXT  sing N N 69  
CYS N   CA   sing N N 70  
CYS N   H    sing N N 71  
CYS N   H2   sing N N 72  
CYS CA  C    sing N N 73  
CYS CA  CB   sing N N 74  
CYS CA  HA   sing N N 75  
CYS C   O    doub N N 76  
CYS C   OXT  sing N N 77  
CYS CB  SG   sing N N 78  
CYS CB  HB2  sing N N 79  
CYS CB  HB3  sing N N 80  
CYS SG  HG   sing N N 81  
CYS OXT HXT  sing N N 82  
GLU N   CA   sing N N 83  
GLU N   H    sing N N 84  
GLU N   H2   sing N N 85  
GLU CA  C    sing N N 86  
GLU CA  CB   sing N N 87  
GLU CA  HA   sing N N 88  
GLU C   O    doub N N 89  
GLU C   OXT  sing N N 90  
GLU CB  CG   sing N N 91  
GLU CB  HB2  sing N N 92  
GLU CB  HB3  sing N N 93  
GLU CG  CD   sing N N 94  
GLU CG  HG2  sing N N 95  
GLU CG  HG3  sing N N 96  
GLU CD  OE1  doub N N 97  
GLU CD  OE2  sing N N 98  
GLU OE2 HE2  sing N N 99  
GLU OXT HXT  sing N N 100 
GLY N   CA   sing N N 101 
GLY N   H    sing N N 102 
GLY N   H2   sing N N 103 
GLY CA  C    sing N N 104 
GLY CA  HA2  sing N N 105 
GLY CA  HA3  sing N N 106 
GLY C   O    doub N N 107 
GLY C   OXT  sing N N 108 
GLY OXT HXT  sing N N 109 
HIS N   CA   sing N N 110 
HIS N   H    sing N N 111 
HIS N   H2   sing N N 112 
HIS CA  C    sing N N 113 
HIS CA  CB   sing N N 114 
HIS CA  HA   sing N N 115 
HIS C   O    doub N N 116 
HIS C   OXT  sing N N 117 
HIS CB  CG   sing N N 118 
HIS CB  HB2  sing N N 119 
HIS CB  HB3  sing N N 120 
HIS CG  ND1  sing Y N 121 
HIS CG  CD2  doub Y N 122 
HIS ND1 CE1  doub Y N 123 
HIS ND1 HD1  sing N N 124 
HIS CD2 NE2  sing Y N 125 
HIS CD2 HD2  sing N N 126 
HIS CE1 NE2  sing Y N 127 
HIS CE1 HE1  sing N N 128 
HIS NE2 HE2  sing N N 129 
HIS OXT HXT  sing N N 130 
HOH O   H1   sing N N 131 
HOH O   H2   sing N N 132 
ILE N   CA   sing N N 133 
ILE N   H    sing N N 134 
ILE N   H2   sing N N 135 
ILE CA  C    sing N N 136 
ILE CA  CB   sing N N 137 
ILE CA  HA   sing N N 138 
ILE C   O    doub N N 139 
ILE C   OXT  sing N N 140 
ILE CB  CG1  sing N N 141 
ILE CB  CG2  sing N N 142 
ILE CB  HB   sing N N 143 
ILE CG1 CD1  sing N N 144 
ILE CG1 HG12 sing N N 145 
ILE CG1 HG13 sing N N 146 
ILE CG2 HG21 sing N N 147 
ILE CG2 HG22 sing N N 148 
ILE CG2 HG23 sing N N 149 
ILE CD1 HD11 sing N N 150 
ILE CD1 HD12 sing N N 151 
ILE CD1 HD13 sing N N 152 
ILE OXT HXT  sing N N 153 
LEU N   CA   sing N N 154 
LEU N   H    sing N N 155 
LEU N   H2   sing N N 156 
LEU CA  C    sing N N 157 
LEU CA  CB   sing N N 158 
LEU CA  HA   sing N N 159 
LEU C   O    doub N N 160 
LEU C   OXT  sing N N 161 
LEU CB  CG   sing N N 162 
LEU CB  HB2  sing N N 163 
LEU CB  HB3  sing N N 164 
LEU CG  CD1  sing N N 165 
LEU CG  CD2  sing N N 166 
LEU CG  HG   sing N N 167 
LEU CD1 HD11 sing N N 168 
LEU CD1 HD12 sing N N 169 
LEU CD1 HD13 sing N N 170 
LEU CD2 HD21 sing N N 171 
LEU CD2 HD22 sing N N 172 
LEU CD2 HD23 sing N N 173 
LEU OXT HXT  sing N N 174 
LYS N   CA   sing N N 175 
LYS N   H    sing N N 176 
LYS N   H2   sing N N 177 
LYS CA  C    sing N N 178 
LYS CA  CB   sing N N 179 
LYS CA  HA   sing N N 180 
LYS C   O    doub N N 181 
LYS C   OXT  sing N N 182 
LYS CB  CG   sing N N 183 
LYS CB  HB2  sing N N 184 
LYS CB  HB3  sing N N 185 
LYS CG  CD   sing N N 186 
LYS CG  HG2  sing N N 187 
LYS CG  HG3  sing N N 188 
LYS CD  CE   sing N N 189 
LYS CD  HD2  sing N N 190 
LYS CD  HD3  sing N N 191 
LYS CE  NZ   sing N N 192 
LYS CE  HE2  sing N N 193 
LYS CE  HE3  sing N N 194 
LYS NZ  HZ1  sing N N 195 
LYS NZ  HZ2  sing N N 196 
LYS NZ  HZ3  sing N N 197 
LYS OXT HXT  sing N N 198 
PHE N   CA   sing N N 199 
PHE N   H    sing N N 200 
PHE N   H2   sing N N 201 
PHE CA  C    sing N N 202 
PHE CA  CB   sing N N 203 
PHE CA  HA   sing N N 204 
PHE C   O    doub N N 205 
PHE C   OXT  sing N N 206 
PHE CB  CG   sing N N 207 
PHE CB  HB2  sing N N 208 
PHE CB  HB3  sing N N 209 
PHE CG  CD1  doub Y N 210 
PHE CG  CD2  sing Y N 211 
PHE CD1 CE1  sing Y N 212 
PHE CD1 HD1  sing N N 213 
PHE CD2 CE2  doub Y N 214 
PHE CD2 HD2  sing N N 215 
PHE CE1 CZ   doub Y N 216 
PHE CE1 HE1  sing N N 217 
PHE CE2 CZ   sing Y N 218 
PHE CE2 HE2  sing N N 219 
PHE CZ  HZ   sing N N 220 
PHE OXT HXT  sing N N 221 
PRO N   CA   sing N N 222 
PRO N   CD   sing N N 223 
PRO N   H    sing N N 224 
PRO CA  C    sing N N 225 
PRO CA  CB   sing N N 226 
PRO CA  HA   sing N N 227 
PRO C   O    doub N N 228 
PRO C   OXT  sing N N 229 
PRO CB  CG   sing N N 230 
PRO CB  HB2  sing N N 231 
PRO CB  HB3  sing N N 232 
PRO CG  CD   sing N N 233 
PRO CG  HG2  sing N N 234 
PRO CG  HG3  sing N N 235 
PRO CD  HD2  sing N N 236 
PRO CD  HD3  sing N N 237 
PRO OXT HXT  sing N N 238 
SER N   CA   sing N N 239 
SER N   H    sing N N 240 
SER N   H2   sing N N 241 
SER CA  C    sing N N 242 
SER CA  CB   sing N N 243 
SER CA  HA   sing N N 244 
SER C   O    doub N N 245 
SER C   OXT  sing N N 246 
SER CB  OG   sing N N 247 
SER CB  HB2  sing N N 248 
SER CB  HB3  sing N N 249 
SER OG  HG   sing N N 250 
SER OXT HXT  sing N N 251 
THR N   CA   sing N N 252 
THR N   H    sing N N 253 
THR N   H2   sing N N 254 
THR CA  C    sing N N 255 
THR CA  CB   sing N N 256 
THR CA  HA   sing N N 257 
THR C   O    doub N N 258 
THR C   OXT  sing N N 259 
THR CB  OG1  sing N N 260 
THR CB  CG2  sing N N 261 
THR CB  HB   sing N N 262 
THR OG1 HG1  sing N N 263 
THR CG2 HG21 sing N N 264 
THR CG2 HG22 sing N N 265 
THR CG2 HG23 sing N N 266 
THR OXT HXT  sing N N 267 
TRP N   CA   sing N N 268 
TRP N   H    sing N N 269 
TRP N   H2   sing N N 270 
TRP CA  C    sing N N 271 
TRP CA  CB   sing N N 272 
TRP CA  HA   sing N N 273 
TRP C   O    doub N N 274 
TRP C   OXT  sing N N 275 
TRP CB  CG   sing N N 276 
TRP CB  HB2  sing N N 277 
TRP CB  HB3  sing N N 278 
TRP CG  CD1  doub Y N 279 
TRP CG  CD2  sing Y N 280 
TRP CD1 NE1  sing Y N 281 
TRP CD1 HD1  sing N N 282 
TRP CD2 CE2  doub Y N 283 
TRP CD2 CE3  sing Y N 284 
TRP NE1 CE2  sing Y N 285 
TRP NE1 HE1  sing N N 286 
TRP CE2 CZ2  sing Y N 287 
TRP CE3 CZ3  doub Y N 288 
TRP CE3 HE3  sing N N 289 
TRP CZ2 CH2  doub Y N 290 
TRP CZ2 HZ2  sing N N 291 
TRP CZ3 CH2  sing Y N 292 
TRP CZ3 HZ3  sing N N 293 
TRP CH2 HH2  sing N N 294 
TRP OXT HXT  sing N N 295 
# 
_atom_sites.entry_id                    3PSM 
_atom_sites.fract_transf_matrix[1][1]   0.02220557 
_atom_sites.fract_transf_matrix[1][2]   0.01976685 
_atom_sites.fract_transf_matrix[1][3]   -0.01033400 
_atom_sites.fract_transf_matrix[2][1]   0.01083022 
_atom_sites.fract_transf_matrix[2][2]   0.00532778 
_atom_sites.fract_transf_matrix[2][3]   0.03346281 
_atom_sites.fract_transf_matrix[3][1]   0.01482144 
_atom_sites.fract_transf_matrix[3][2]   -0.01111349 
_atom_sites.fract_transf_matrix[3][3]   -0.00302752 
_atom_sites.fract_transf_vector[1]      0.226819 
_atom_sites.fract_transf_vector[2]      -0.243345 
_atom_sites.fract_transf_vector[3]      0.273375 
# 
loop_
_atom_type.symbol 
C 
N 
O 
S 
# 
loop_
_atom_site.group_PDB 
_atom_site.id 
_atom_site.type_symbol 
_atom_site.label_atom_id 
_atom_site.label_alt_id 
_atom_site.label_comp_id 
_atom_site.label_asym_id 
_atom_site.label_entity_id 
_atom_site.label_seq_id 
_atom_site.pdbx_PDB_ins_code 
_atom_site.Cartn_x 
_atom_site.Cartn_y 
_atom_site.Cartn_z 
_atom_site.occupancy 
_atom_site.B_iso_or_equiv 
_atom_site.pdbx_formal_charge 
_atom_site.auth_seq_id 
_atom_site.auth_comp_id 
_atom_site.auth_asym_id 
_atom_site.auth_atom_id 
_atom_site.pdbx_PDB_model_num 
ATOM   1   N N   A LYS A 1 1  ? 7.517   -19.959 3.734   0.50 18.40 ? 1   LYS A N   1 
ATOM   2   C CA  A LYS A 1 1  ? 6.358   -19.908 4.603   0.50 29.36 ? 1   LYS A CA  1 
ATOM   3   C C   A LYS A 1 1  ? 6.174   -18.455 5.069   0.50 29.05 ? 1   LYS A C   1 
ATOM   4   O O   A LYS A 1 1  ? 7.093   -17.731 5.403   0.50 28.17 ? 1   LYS A O   1 
ATOM   5   C CB  A LYS A 1 1  ? 6.383   -20.796 5.846   0.50 22.96 ? 1   LYS A CB  1 
ATOM   6   C CG  A LYS A 1 1  ? 5.051   -20.981 6.531   0.50 21.38 ? 1   LYS A CG  1 
ATOM   7   C CD  A LYS A 1 1  ? 5.221   -21.630 7.887   0.50 20.72 ? 1   LYS A CD  1 
ATOM   8   C CE  A LYS A 1 1  ? 4.009   -21.572 8.762   0.50 20.96 ? 1   LYS A CE  1 
ATOM   9   N NZ  . LYS A 1 1  ? 4.178   -22.109 10.130  1.00 24.23 ? 1   LYS A NZ  1 
ATOM   10  N N   . THR A 1 2  ? 4.908   -18.079 5.092   1.00 29.41 ? 2   THR A N   1 
ATOM   11  C CA  . THR A 1 2  ? 4.459   -16.791 5.538   1.00 29.72 ? 2   THR A CA  1 
ATOM   12  C C   . THR A 1 2  ? 3.354   -16.967 6.576   1.00 28.17 ? 2   THR A C   1 
ATOM   13  O O   . THR A 1 2  ? 2.796   -18.019 6.801   1.00 35.13 ? 2   THR A O   1 
ATOM   14  C CB  . THR A 1 2  ? 3.867   -15.910 4.438   1.00 32.98 ? 2   THR A CB  1 
ATOM   15  O OG1 . THR A 1 2  ? 2.682   -16.541 3.959   1.00 35.93 ? 2   THR A OG1 1 
ATOM   16  C CG2 . THR A 1 2  ? 4.873   -15.697 3.298   1.00 36.43 ? 2   THR A CG2 1 
ATOM   17  N N   . CYS A 1 3  ? 3.282   -15.889 7.407   1.00 24.43 ? 3   CYS A N   1 
ATOM   18  C CA  . CYS A 1 3  ? 2.519   -15.851 8.633   1.00 21.73 ? 3   CYS A CA  1 
ATOM   19  C C   . CYS A 1 3  ? 1.794   -14.522 8.683   1.00 17.90 ? 3   CYS A C   1 
ATOM   20  O O   . CYS A 1 3  ? 2.402   -13.495 8.290   1.00 19.69 ? 3   CYS A O   1 
ATOM   21  C CB  . CYS A 1 3  ? 3.384   -15.949 9.890   1.00 26.20 ? 3   CYS A CB  1 
ATOM   22  S SG  . CYS A 1 3  ? 4.049   -17.594 10.166  1.00 30.22 ? 3   CYS A SG  1 
ATOM   23  N N   . GLU A 1 4  ? 0.552   -14.516 9.131   1.00 16.13 ? 4   GLU A N   1 
ATOM   24  C CA  . GLU A 1 4  ? -0.275  -13.312 9.219   1.00 12.99 ? 4   GLU A CA  1 
ATOM   25  C C   . GLU A 1 4  ? -0.641  -13.078 10.677  1.00 13.32 ? 4   GLU A C   1 
ATOM   26  O O   . GLU A 1 4  ? -1.252  -13.935 11.321  1.00 16.82 ? 4   GLU A O   1 
ATOM   27  C CB  . GLU A 1 4  ? -1.463  -13.459 8.269   1.00 14.46 ? 4   GLU A CB  1 
ATOM   28  C CG  . GLU A 1 4  ? -2.226  -12.157 8.157   1.00 14.01 ? 4   GLU A CG  1 
ATOM   29  C CD  . GLU A 1 4  ? -3.415  -12.139 7.238   1.00 14.70 ? 4   GLU A CD  1 
ATOM   30  O OE1 . GLU A 1 4  ? -3.604  -11.149 6.526   1.00 15.34 ? 4   GLU A OE1 1 
ATOM   31  O OE2 . GLU A 1 4  ? -4.104  -13.196 7.149   1.00 22.27 ? 4   GLU A OE2 1 
ATOM   32  N N   . ASN A 1 5  ? -0.244  -11.920 11.219  1.00 12.43 ? 5   ASN A N   1 
ATOM   33  C CA  . ASN A 1 5  ? -0.557  -11.536 12.592  1.00 12.28 ? 5   ASN A CA  1 
ATOM   34  C C   . ASN A 1 5  ? -0.891  -10.071 12.649  1.00 10.74 ? 5   ASN A C   1 
ATOM   35  O O   . ASN A 1 5  ? -0.637  -9.304  11.690  1.00 11.36 ? 5   ASN A O   1 
ATOM   36  C CB  . ASN A 1 5  ? 0.604   -11.857 13.516  1.00 14.41 ? 5   ASN A CB  1 
ATOM   37  C CG  . ASN A 1 5  ? 0.606   -13.367 13.759  1.00 18.43 ? 5   ASN A CG  1 
ATOM   38  O OD1 . ASN A 1 5  ? -0.127  -13.857 14.612  1.00 20.53 ? 5   ASN A OD1 1 
ATOM   39  N ND2 . ASN A 1 5  ? 1.302   -14.186 12.999  1.00 21.19 ? 5   ASN A ND2 1 
ATOM   40  N N   . LEU A 1 6  ? -1.506  -9.650  13.745  1.00 11.35 ? 6   LEU A N   1 
ATOM   41  C CA  . LEU A 1 6  ? -1.868  -8.242  13.896  1.00 10.99 ? 6   LEU A CA  1 
ATOM   42  C C   . LEU A 1 6  ? -0.658  -7.343  13.770  1.00 10.48 ? 6   LEU A C   1 
ATOM   43  O O   . LEU A 1 6  ? 0.443   -7.636  14.238  1.00 12.51 ? 6   LEU A O   1 
ATOM   44  C CB  . LEU A 1 6  ? -2.522  -8.001  15.274  1.00 12.15 ? 6   LEU A CB  1 
ATOM   45  C CG  . LEU A 1 6  ? -3.933  -8.519  15.369  1.00 13.46 ? 6   LEU A CG  1 
ATOM   46  C CD1 . LEU A 1 6  ? -4.357  -8.445  16.853  1.00 17.02 ? 6   LEU A CD1 1 
ATOM   47  C CD2 . LEU A 1 6  ? -4.931  -7.745  14.524  1.00 13.90 ? 6   LEU A CD2 1 
ATOM   48  N N   . ALA A 1 7  ? -0.857  -6.183  13.165  1.00 10.46 ? 7   ALA A N   1 
ATOM   49  C CA  . ALA A 1 7  ? 0.122   -5.115  13.207  1.00 11.00 ? 7   ALA A CA  1 
ATOM   50  C C   . ALA A 1 7  ? 0.459   -4.801  14.659  1.00 11.41 ? 7   ALA A C   1 
ATOM   51  O O   . ALA A 1 7  ? -0.427  -4.896  15.533  1.00 14.10 ? 7   ALA A O   1 
ATOM   52  C CB  . ALA A 1 7  ? -0.415  -3.909  12.471  1.00 11.24 ? 7   ALA A CB  1 
ATOM   53  N N   . ASP A 1 8  ? 1.642   -4.330  14.896  1.00 14.23 ? 8   ASP A N   1 
ATOM   54  C CA  . ASP A 1 8  ? 2.035   -3.976  16.228  1.00 14.08 ? 8   ASP A CA  1 
ATOM   55  C C   . ASP A 1 8  ? 1.503   -2.617  16.684  1.00 12.52 ? 8   ASP A C   1 
ATOM   56  O O   . ASP A 1 8  ? 1.082   -2.490  17.833  1.00 15.16 ? 8   ASP A O   1 
ATOM   57  C CB  . ASP A 1 8  ? 3.596   -3.995  16.321  1.00 18.16 ? 8   ASP A CB  1 
ATOM   58  C CG  . ASP A 1 8  ? 4.208   -5.384  16.458  1.00 24.92 ? 8   ASP A CG  1 
ATOM   59  O OD1 . ASP A 1 8  ? 3.509   -6.372  16.773  1.00 26.44 ? 8   ASP A OD1 1 
ATOM   60  O OD2 . ASP A 1 8  ? 5.446   -5.486  16.261  1.00 38.70 ? 8   ASP A OD2 1 
ATOM   61  N N   . THR A 1 9  ? 1.520   -1.606  15.820  1.00 11.90 ? 9   THR A N   1 
ATOM   62  C CA  . THR A 1 9  ? 1.291   -0.217  16.228  1.00 13.25 ? 9   THR A CA  1 
ATOM   63  C C   . THR A 1 9  ? 0.362   0.523   15.298  1.00 12.47 ? 9   THR A C   1 
ATOM   64  O O   . THR A 1 9  ? 0.322   1.720   15.301  1.00 17.82 ? 9   THR A O   1 
ATOM   65  C CB  . THR A 1 9  ? 2.650   0.529   16.345  1.00 15.34 ? 9   THR A CB  1 
ATOM   66  O OG1 . THR A 1 9  ? 3.341   0.381   15.091  1.00 19.05 ? 9   THR A OG1 1 
ATOM   67  C CG2 . THR A 1 9  ? 3.485   -0.095  17.456  1.00 15.49 ? 9   THR A CG2 1 
ATOM   68  N N   . PHE A 1 10 ? -0.420  -0.166  14.503  1.00 11.24 ? 10  PHE A N   1 
ATOM   69  C CA  . PHE A 1 10 ? -1.432  0.503   13.666  1.00 10.42 ? 10  PHE A CA  1 
ATOM   70  C C   . PHE A 1 10 ? -2.466  1.169   14.566  1.00 10.94 ? 10  PHE A C   1 
ATOM   71  O O   . PHE A 1 10 ? -2.984  0.516   15.471  1.00 12.89 ? 10  PHE A O   1 
ATOM   72  C CB  . PHE A 1 10 ? -2.039  -0.529  12.737  1.00 10.42 ? 10  PHE A CB  1 
ATOM   73  C CG  . PHE A 1 10 ? -3.086  0.043   11.770  1.00 9.62  ? 10  PHE A CG  1 
ATOM   74  C CD1 . PHE A 1 10 ? -2.725  0.457   10.490  1.00 10.81 ? 10  PHE A CD1 1 
ATOM   75  C CD2 . PHE A 1 10 ? -4.404  0.153   12.124  1.00 10.25 ? 10  PHE A CD2 1 
ATOM   76  C CE1 . PHE A 1 10 ? -3.661  0.928   9.608   1.00 11.41 ? 10  PHE A CE1 1 
ATOM   77  C CE2 . PHE A 1 10 ? -5.358  0.636   11.206  1.00 10.94 ? 10  PHE A CE2 1 
ATOM   78  C CZ  . PHE A 1 10 ? -4.973  1.016   9.960   1.00 11.57 ? 10  PHE A CZ  1 
ATOM   79  N N   . ARG A 1 11 ? -2.791  2.414   14.264  1.00 10.92 ? 11  ARG A N   1 
ATOM   80  C CA  . ARG A 1 11 ? -3.735  3.158   15.090  1.00 11.44 ? 11  ARG A CA  1 
ATOM   81  C C   . ARG A 1 11 ? -5.149  3.176   14.574  1.00 12.72 ? 11  ARG A C   1 
ATOM   82  O O   . ARG A 1 11 ? -5.398  3.582   13.423  1.00 13.63 ? 11  ARG A O   1 
ATOM   83  C CB  . ARG A 1 11 ? -3.238  4.604   15.177  1.00 11.41 ? 11  ARG A CB  1 
ATOM   84  C CG  . ARG A 1 11 ? -4.091  5.455   16.113  1.00 12.99 ? 11  ARG A CG  1 
ATOM   85  C CD  . ARG A 1 11 ? -3.570  6.838   16.305  1.00 13.44 ? 11  ARG A CD  1 
ATOM   86  N NE  . ARG A 1 11 ? -2.294  6.889   16.975  1.00 12.23 ? 11  ARG A NE  1 
ATOM   87  C CZ  . ARG A 1 11 ? -2.034  6.822   18.247  1.00 12.60 ? 11  ARG A CZ  1 
ATOM   88  N NH1 . ARG A 1 11 ? -3.025  6.757   19.116  1.00 16.26 ? 11  ARG A NH1 1 
ATOM   89  N NH2 . ARG A 1 11 ? -0.772  6.879   18.690  1.00 12.98 ? 11  ARG A NH2 1 
ATOM   90  N N   . GLY A 1 12 ? -6.111  2.836   15.477  1.00 16.54 ? 12  GLY A N   1 
ATOM   91  C CA  . GLY A 1 12 ? -7.544  2.962   15.213  1.00 16.99 ? 12  GLY A CA  1 
ATOM   92  C C   . GLY A 1 12 ? -8.044  1.791   14.395  1.00 13.71 ? 12  GLY A C   1 
ATOM   93  O O   . GLY A 1 12 ? -7.268  0.838   14.018  1.00 14.84 ? 12  GLY A O   1 
ATOM   94  N N   . PRO A 1 13 ? -9.315  1.832   14.062  1.00 13.57 ? 13  PRO A N   1 
ATOM   95  C CA  . PRO A 1 13 ? -9.848  0.731   13.250  1.00 12.59 ? 13  PRO A CA  1 
ATOM   96  C C   . PRO A 1 13 ? -9.238  0.711   11.867  1.00 10.81 ? 13  PRO A C   1 
ATOM   97  O O   . PRO A 1 13 ? -8.908  1.771   11.282  1.00 12.00 ? 13  PRO A O   1 
ATOM   98  C CB  . PRO A 1 13 ? -11.361 1.049   13.179  1.00 14.43 ? 13  PRO A CB  1 
ATOM   99  C CG  . PRO A 1 13 ? -11.565 1.938   14.406  1.00 17.18 ? 13  PRO A CG  1 
ATOM   100 C CD  . PRO A 1 13 ? -10.351 2.812   14.382  1.00 16.47 ? 13  PRO A CD  1 
ATOM   101 N N   . CYS A 1 14 ? -9.226  -0.472  11.294  1.00 10.71 ? 14  CYS A N   1 
ATOM   102 C CA  . CYS A 1 14 ? -8.743  -0.644  9.914   1.00 9.77  ? 14  CYS A CA  1 
ATOM   103 C C   . CYS A 1 14 ? -9.930  -0.636  8.961   1.00 10.09 ? 14  CYS A C   1 
ATOM   104 O O   . CYS A 1 14 ? -10.738 -1.557  8.963   1.00 11.43 ? 14  CYS A O   1 
ATOM   105 C CB  . CYS A 1 14 ? -8.003  -1.963  9.819   1.00 9.30  ? 14  CYS A CB  1 
ATOM   106 S SG  . CYS A 1 14 ? -6.983  -2.214  8.370   1.00 9.23  ? 14  CYS A SG  1 
ATOM   107 N N   . PHE A 1 15 ? -10.015 0.461   8.209   1.00 10.83 ? 15  PHE A N   1 
ATOM   108 C CA  . PHE A 1 15 ? -11.065 0.676   7.224   1.00 12.25 ? 15  PHE A CA  1 
ATOM   109 C C   . PHE A 1 15 ? -10.602 0.480   5.805   1.00 12.74 ? 15  PHE A C   1 
ATOM   110 O O   . PHE A 1 15 ? -11.407 0.159   4.959   1.00 19.10 ? 15  PHE A O   1 
ATOM   111 C CB  . PHE A 1 15 ? -11.648 2.082   7.364   1.00 13.94 ? 15  PHE A CB  1 
ATOM   112 C CG  . PHE A 1 15 ? -12.386 2.304   8.652   1.00 15.50 ? 15  PHE A CG  1 
ATOM   113 C CD1 . PHE A 1 15 ? -11.938 3.244   9.568   1.00 17.12 ? 15  PHE A CD1 1 
ATOM   114 C CD2 . PHE A 1 15 ? -13.517 1.593   8.988   1.00 19.49 ? 15  PHE A CD2 1 
ATOM   115 C CE1 . PHE A 1 15 ? -12.628 3.472   10.756  1.00 18.56 ? 15  PHE A CE1 1 
ATOM   116 C CE2 . PHE A 1 15 ? -14.168 1.836   10.170  1.00 23.67 ? 15  PHE A CE2 1 
ATOM   117 C CZ  . PHE A 1 15 ? -13.750 2.751   11.067  1.00 21.62 ? 15  PHE A CZ  1 
ATOM   118 N N   . THR A 1 16 ? -9.337  0.739   5.507   1.00 10.37 ? 16  THR A N   1 
ATOM   119 C CA  . THR A 1 16 ? -8.804  0.664   4.153   1.00 9.97  ? 16  THR A CA  1 
ATOM   120 C C   . THR A 1 16 ? -7.626  -0.278  4.135   1.00 9.02  ? 16  THR A C   1 
ATOM   121 O O   . THR A 1 16 ? -6.716  -0.173  4.965   1.00 8.95  ? 16  THR A O   1 
ATOM   122 C CB  . THR A 1 16 ? -8.466  2.035   3.569   1.00 10.41 ? 16  THR A CB  1 
ATOM   123 O OG1 . THR A 1 16 ? -7.269  2.524   4.181   1.00 10.38 ? 16  THR A OG1 1 
ATOM   124 C CG2 . THR A 1 16 ? -9.636  3.006   3.737   1.00 12.75 ? 16  THR A CG2 1 
ATOM   125 N N   . ASP A 1 17 ? -7.619  -1.187  3.148   1.00 8.90  ? 17  ASP A N   1 
ATOM   126 C CA  . ASP A 1 17 ? -6.443  -2.041  3.004   1.00 8.80  ? 17  ASP A CA  1 
ATOM   127 C C   . ASP A 1 17 ? -5.220  -1.225  2.686   1.00 8.48  ? 17  ASP A C   1 
ATOM   128 O O   . ASP A 1 17 ? -4.112  -1.579  3.148   1.00 9.05  ? 17  ASP A O   1 
ATOM   129 C CB  . ASP A 1 17 ? -6.676  -3.091  1.926   1.00 10.33 ? 17  ASP A CB  1 
ATOM   130 C CG  . ASP A 1 17 ? -7.571  -4.222  2.445   1.00 11.49 ? 17  ASP A CG  1 
ATOM   131 O OD1 . ASP A 1 17 ? -7.971  -4.276  3.572   1.00 11.44 ? 17  ASP A OD1 1 
ATOM   132 O OD2 . ASP A 1 17 ? -7.776  -5.178  1.629   1.00 16.43 ? 17  ASP A OD2 1 
ATOM   133 N N   . GLY A 1 18 ? -5.334  -0.126  1.932   1.00 8.53  ? 18  GLY A N   1 
ATOM   134 C CA  . GLY A 1 18 ? -4.151  0.668   1.661   1.00 8.85  ? 18  GLY A CA  1 
ATOM   135 C C   . GLY A 1 18 ? -3.503  1.205   2.888   1.00 8.36  ? 18  GLY A C   1 
ATOM   136 O O   . GLY A 1 18 ? -2.279  1.219   3.034   1.00 8.53  ? 18  GLY A O   1 
ATOM   137 N N   . SER A 1 19 ? -4.295  1.671   3.889   1.00 8.54  ? 19  SER A N   1 
ATOM   138 C CA  . SER A 1 19 ? -3.705  2.185   5.112   1.00 8.39  ? 19  SER A CA  1 
ATOM   139 C C   . SER A 1 19 ? -2.896  1.075   5.835   1.00 7.85  ? 19  SER A C   1 
ATOM   140 O O   . SER A 1 19 ? -1.812  1.341   6.381   1.00 8.38  ? 19  SER A O   1 
ATOM   141 C CB  . SER A 1 19 ? -4.738  2.747   6.057   1.00 9.39  ? 19  SER A CB  1 
ATOM   142 O OG  . SER A 1 19 ? -5.627  1.776   6.595   1.00 9.68  ? 19  SER A OG  1 
ATOM   143 N N   . CYS A 1 20 ? -3.423  -0.135  5.841   1.00 7.69  ? 20  CYS A N   1 
ATOM   144 C CA  . CYS A 1 20 ? -2.745  -1.232  6.512   1.00 7.73  ? 20  CYS A CA  1 
ATOM   145 C C   . CYS A 1 20 ? -1.551  -1.722  5.757   1.00 7.85  ? 20  CYS A C   1 
ATOM   146 O O   . CYS A 1 20 ? -0.486  -1.997  6.338   1.00 8.04  ? 20  CYS A O   1 
ATOM   147 C CB  . CYS A 1 20 ? -3.754  -2.362  6.746   1.00 8.12  ? 20  CYS A CB  1 
ATOM   148 S SG  . CYS A 1 20 ? -3.087  -3.809  7.569   1.00 8.20  ? 20  CYS A SG  1 
ATOM   149 N N   . ASP A 1 21 ? -1.674  -1.837  4.437   1.00 7.78  ? 21  ASP A N   1 
ATOM   150 C CA  . ASP A 1 21 ? -0.530  -2.245  3.608   1.00 7.83  ? 21  ASP A CA  1 
ATOM   151 C C   . ASP A 1 21 ? 0.614   -1.262  3.742   1.00 7.73  ? 21  ASP A C   1 
ATOM   152 O O   . ASP A 1 21 ? 1.780   -1.650  3.845   1.00 8.37  ? 21  ASP A O   1 
ATOM   153 C CB  . ASP A 1 21 ? -0.996  -2.389  2.166   1.00 8.37  ? 21  ASP A CB  1 
ATOM   154 C CG  . ASP A 1 21 ? -0.108  -3.224  1.284   1.00 8.38  ? 21  ASP A CG  1 
ATOM   155 O OD1 . ASP A 1 21 ? 0.477   -4.207  1.773   1.00 9.39  ? 21  ASP A OD1 1 
ATOM   156 O OD2 . ASP A 1 21 ? -0.014  -2.885  0.078   1.00 10.17 ? 21  ASP A OD2 1 
ATOM   157 N N   . ASP A 1 22 ? 0.300   0.036   3.769   1.00 7.95  ? 22  ASP A N   1 
ATOM   158 C CA  . ASP A 1 22 ? 1.291   1.075   3.996   1.00 8.54  ? 22  ASP A CA  1 
ATOM   159 C C   . ASP A 1 22 ? 2.002   0.847   5.321   1.00 8.20  ? 22  ASP A C   1 
ATOM   160 O O   . ASP A 1 22 ? 3.224   0.776   5.414   1.00 8.99  ? 22  ASP A O   1 
ATOM   161 C CB  . ASP A 1 22 ? 0.589   2.440   3.945   1.00 9.69  ? 22  ASP A CB  1 
ATOM   162 C CG  . ASP A 1 22 ? 1.389   3.639   4.363   1.00 10.74 ? 22  ASP A CG  1 
ATOM   163 O OD1 . ASP A 1 22 ? 2.632   3.569   4.340   1.00 11.35 ? 22  ASP A OD1 1 
ATOM   164 O OD2 . ASP A 1 22 ? 0.766   4.655   4.771   1.00 16.22 ? 22  ASP A OD2 1 
ATOM   165 N N   . HIS A 1 23 ? 1.203   0.717   6.408   1.00 8.47  ? 23  HIS A N   1 
ATOM   166 C CA  . HIS A 1 23 ? 1.790   0.469   7.711   1.00 8.71  ? 23  HIS A CA  1 
ATOM   167 C C   . HIS A 1 23 ? 2.710   -0.745  7.692   1.00 8.68  ? 23  HIS A C   1 
ATOM   168 O O   . HIS A 1 23 ? 3.856   -0.725  8.176   1.00 9.67  ? 23  HIS A O   1 
ATOM   169 C CB  . HIS A 1 23 ? 0.661   0.295   8.757   1.00 9.20  ? 23  HIS A CB  1 
ATOM   170 C CG  . HIS A 1 23 ? 1.235   -0.118  10.099  1.00 10.41 ? 23  HIS A CG  1 
ATOM   171 N ND1 . HIS A 1 23 ? 1.592   0.835   11.043  1.00 11.99 ? 23  HIS A ND1 1 
ATOM   172 C CD2 . HIS A 1 23 ? 1.513   -1.362  10.572  1.00 11.54 ? 23  HIS A CD2 1 
ATOM   173 C CE1 . HIS A 1 23 ? 2.105   0.151   12.053  1.00 12.72 ? 23  HIS A CE1 1 
ATOM   174 N NE2 . HIS A 1 23 ? 2.088   -1.141  11.796  1.00 13.10 ? 23  HIS A NE2 1 
ATOM   175 N N   . CYS A 1 24 ? 2.186   -1.872  7.218   1.00 8.18  ? 24  CYS A N   1 
ATOM   176 C CA  . CYS A 1 24 ? 2.940   -3.128  7.284   1.00 8.51  ? 24  CYS A CA  1 
ATOM   177 C C   . CYS A 1 24 ? 4.217   -3.061  6.458   1.00 8.57  ? 24  CYS A C   1 
ATOM   178 O O   . CYS A 1 24 ? 5.254   -3.515  6.899   1.00 10.28 ? 24  CYS A O   1 
ATOM   179 C CB  . CYS A 1 24 ? 2.065   -4.291  6.843   1.00 8.72  ? 24  CYS A CB  1 
ATOM   180 S SG  . CYS A 1 24 ? 0.682   -4.598  7.996   1.00 8.61  ? 24  CYS A SG  1 
ATOM   181 N N   . LYS A 1 25 ? 4.138   -2.487  5.238   1.00 8.60  ? 25  LYS A N   1 
ATOM   182 C CA  . LYS A 1 25 ? 5.313   -2.394  4.369   1.00 9.09  ? 25  LYS A CA  1 
ATOM   183 C C   . LYS A 1 25 ? 6.309   -1.370  4.882   1.00 9.53  ? 25  LYS A C   1 
ATOM   184 O O   . LYS A 1 25 ? 7.530   -1.596  4.816   1.00 12.11 ? 25  LYS A O   1 
ATOM   185 C CB  . LYS A 1 25 ? 4.891   -2.051  2.944   1.00 9.02  ? 25  LYS A CB  1 
ATOM   186 C CG  . LYS A 1 25 ? 4.240   -3.171  2.198   1.00 9.01  ? 25  LYS A CG  1 
ATOM   187 C CD  . LYS A 1 25 ? 3.659   -2.763  0.862   1.00 9.68  ? 25  LYS A CD  1 
ATOM   188 C CE  . LYS A 1 25 ? 3.283   -3.983  0.013   1.00 11.96 ? 25  LYS A CE  1 
ATOM   189 N NZ  . LYS A 1 25 ? 2.409   -3.674  -1.105  1.00 11.64 ? 25  LYS A NZ  1 
ATOM   190 N N   . ASN A 1 26 ? 5.829   -0.213  5.297   1.00 9.83  ? 26  ASN A N   1 
ATOM   191 C CA  . ASN A 1 26 ? 6.686   0.964   5.507   1.00 10.14 ? 26  ASN A CA  1 
ATOM   192 C C   . ASN A 1 26 ? 7.020   1.258   6.925   1.00 11.22 ? 26  ASN A C   1 
ATOM   193 O O   . ASN A 1 26 ? 8.041   1.941   7.163   1.00 16.03 ? 26  ASN A O   1 
ATOM   194 C CB  . ASN A 1 26 ? 6.030   2.188   4.842   1.00 10.56 ? 26  ASN A CB  1 
ATOM   195 C CG  . ASN A 1 26 ? 5.878   1.959   3.365   1.00 10.52 ? 26  ASN A CG  1 
ATOM   196 O OD1 . ASN A 1 26 ? 6.852   1.512   2.703   1.00 12.74 ? 26  ASN A OD1 1 
ATOM   197 N ND2 . ASN A 1 26 ? 4.723   2.252   2.823   1.00 10.64 ? 26  ASN A ND2 1 
ATOM   198 N N   . LYS A 1 27 ? 6.223   0.813   7.893   1.00 10.56 ? 27  LYS A N   1 
ATOM   199 C CA  . LYS A 1 27 ? 6.540   0.936   9.295   1.00 12.10 ? 27  LYS A CA  1 
ATOM   200 C C   . LYS A 1 27 ? 7.147   -0.341  9.860   1.00 12.81 ? 27  LYS A C   1 
ATOM   201 O O   . LYS A 1 27 ? 8.078   -0.314  10.651  1.00 16.46 ? 27  LYS A O   1 
ATOM   202 C CB  . LYS A 1 27 ? 5.359   1.381   10.131  1.00 14.95 ? 27  LYS A CB  1 
ATOM   203 C CG  . LYS A 1 27 ? 4.862   2.731   9.703   1.00 19.06 ? 27  LYS A CG  1 
ATOM   204 C CD  . LYS A 1 27 ? 5.694   3.795   10.389  1.00 22.23 ? 27  LYS A CD  1 
ATOM   205 C CE  . LYS A 1 27 ? 5.131   5.179   10.111  1.00 25.88 ? 27  LYS A CE  1 
ATOM   206 N NZ  . LYS A 1 27 ? 5.309   5.517   8.658   1.00 34.49 ? 27  LYS A NZ  1 
ATOM   207 N N   . GLU A 1 28 ? 6.620   -1.492  9.468   1.00 14.14 ? 28  GLU A N   1 
ATOM   208 C CA  . GLU A 1 28 ? 7.109   -2.765  9.995   1.00 15.62 ? 28  GLU A CA  1 
ATOM   209 C C   . GLU A 1 28 ? 8.013   -3.513  9.020   1.00 16.15 ? 28  GLU A C   1 
ATOM   210 O O   . GLU A 1 28 ? 8.657   -4.510  9.394   1.00 18.31 ? 28  GLU A O   1 
ATOM   211 C CB  . GLU A 1 28 ? 5.937   -3.638  10.474  1.00 14.99 ? 28  GLU A CB  1 
ATOM   212 C CG  . GLU A 1 28 ? 5.146   -3.018  11.598  1.00 18.23 ? 28  GLU A CG  1 
ATOM   213 C CD  . GLU A 1 28 ? 4.231   -3.976  12.347  1.00 18.35 ? 28  GLU A CD  1 
ATOM   214 O OE1 . GLU A 1 28 ? 4.597   -5.148  12.577  1.00 21.58 ? 28  GLU A OE1 1 
ATOM   215 O OE2 . GLU A 1 28 ? 3.137   -3.514  12.767  1.00 26.04 ? 28  GLU A OE2 1 
ATOM   216 N N   . HIS A 1 29 ? 8.168   -3.027  7.789   1.00 14.72 ? 29  HIS A N   1 
ATOM   217 C CA  . HIS A 1 29 ? 9.063   -3.637  6.808   1.00 17.17 ? 29  HIS A CA  1 
ATOM   218 C C   . HIS A 1 29 ? 8.715   -5.113  6.587   1.00 14.71 ? 29  HIS A C   1 
ATOM   219 O O   . HIS A 1 29 ? 9.598   -5.975  6.328   1.00 18.01 ? 29  HIS A O   1 
ATOM   220 C CB  . HIS A 1 29 ? 10.554  -3.384  7.126   1.00 24.17 ? 29  HIS A CB  1 
ATOM   221 C CG  . HIS A 1 29 ? 10.838  -1.923  7.014   1.00 30.31 ? 29  HIS A CG  1 
ATOM   222 N ND1 . HIS A 1 29 ? 10.887  -1.218  5.812   1.00 36.20 ? 29  HIS A ND1 1 
ATOM   223 C CD2 . HIS A 1 29 ? 11.039  -1.017  8.003   1.00 37.05 ? 29  HIS A CD2 1 
ATOM   224 C CE1 . HIS A 1 29 ? 11.130  0.055   6.065   1.00 38.66 ? 29  HIS A CE1 1 
ATOM   225 N NE2 . HIS A 1 29 ? 11.228  0.193   7.384   1.00 42.32 ? 29  HIS A NE2 1 
ATOM   226 N N   . LEU A 1 30 ? 7.446   -5.381  6.567   1.00 13.22 ? 30  LEU A N   1 
ATOM   227 C CA  . LEU A 1 30 ? 6.926   -6.733  6.331   1.00 12.93 ? 30  LEU A CA  1 
ATOM   228 C C   . LEU A 1 30 ? 6.457   -6.840  4.895   1.00 12.08 ? 30  LEU A C   1 
ATOM   229 O O   . LEU A 1 30 ? 6.649   -5.930  4.065   1.00 13.36 ? 30  LEU A O   1 
ATOM   230 C CB  . LEU A 1 30 ? 5.878   -7.099  7.383   1.00 12.49 ? 30  LEU A CB  1 
ATOM   231 C CG  . LEU A 1 30 ? 6.352   -6.948  8.832   1.00 13.52 ? 30  LEU A CG  1 
ATOM   232 C CD1 . LEU A 1 30 ? 5.247   -7.303  9.824   1.00 14.09 ? 30  LEU A CD1 1 
ATOM   233 C CD2 . LEU A 1 30 ? 7.622   -7.764  9.066   1.00 18.66 ? 30  LEU A CD2 1 
ATOM   234 N N   . ILE A 1 31 ? 5.822   -7.937  4.550   1.00 12.15 ? 31  ILE A N   1 
ATOM   235 C CA  . ILE A 1 31 ? 5.483   -8.191  3.151   1.00 12.33 ? 31  ILE A CA  1 
ATOM   236 C C   . ILE A 1 31 ? 4.308   -7.351  2.671   1.00 10.87 ? 31  ILE A C   1 
ATOM   237 O O   . ILE A 1 31 ? 4.372   -6.726  1.616   1.00 11.44 ? 31  ILE A O   1 
ATOM   238 C CB  . ILE A 1 31 ? 5.195   -9.677  2.901   1.00 12.99 ? 31  ILE A CB  1 
ATOM   239 C CG1 . ILE A 1 31 ? 6.410   -10.545 3.210   1.00 14.18 ? 31  ILE A CG1 1 
ATOM   240 C CG2 . ILE A 1 31 ? 4.706   -9.903  1.479   1.00 15.09 ? 31  ILE A CG2 1 
ATOM   241 C CD1 . ILE A 1 31 ? 6.043   -12.015 3.264   1.00 18.83 ? 31  ILE A CD1 1 
ATOM   242 N N   . LYS A 1 32 ? 3.226   -7.342  3.424   1.00 10.69 ? 32  LYS A N   1 
ATOM   243 C CA  . LYS A 1 32 ? 1.981   -6.707  3.031   1.00 10.23 ? 32  LYS A CA  1 
ATOM   244 C C   . LYS A 1 32 ? 1.072   -6.619  4.224   1.00 8.78  ? 32  LYS A C   1 
ATOM   245 O O   . LYS A 1 32 ? 1.313   -7.244  5.278   1.00 9.57  ? 32  LYS A O   1 
ATOM   246 C CB  . LYS A 1 32 ? 1.296   -7.431  1.876   1.00 11.39 ? 32  LYS A CB  1 
ATOM   247 C CG  . LYS A 1 32 ? 0.869   -8.833  2.221   1.00 14.59 ? 32  LYS A CG  1 
ATOM   248 C CD  . LYS A 1 32 ? 0.220   -9.540  1.042   1.00 21.77 ? 32  LYS A CD  1 
ATOM   249 C CE  . LYS A 1 32 ? -0.253  -10.937 1.402   1.00 29.14 ? 32  LYS A CE  1 
ATOM   250 N NZ  . LYS A 1 32 ? -0.979  -11.491 0.243   1.00 38.65 ? 32  LYS A NZ  1 
ATOM   251 N N   . GLY A 1 33 ? 0.023   -5.834  4.084   1.00 8.66  ? 33  GLY A N   1 
ATOM   252 C CA  . GLY A 1 33 ? -1.012  -5.740  5.078   1.00 8.54  ? 33  GLY A CA  1 
ATOM   253 C C   . GLY A 1 33 ? -2.391  -5.661  4.455   1.00 8.37  ? 33  GLY A C   1 
ATOM   254 O O   . GLY A 1 33 ? -2.552  -5.176  3.337   1.00 9.08  ? 33  GLY A O   1 
ATOM   255 N N   . ARG A 1 34 ? -3.382  -6.060  5.244   1.00 8.42  ? 34  ARG A N   1 
ATOM   256 C CA  . ARG A 1 34 ? -4.775  -5.919  4.871   1.00 8.63  ? 34  ARG A CA  1 
ATOM   257 C C   . ARG A 1 34 ? -5.620  -5.780  6.131   1.00 8.59  ? 34  ARG A C   1 
ATOM   258 O O   . ARG A 1 34 ? -5.260  -6.321  7.192   1.00 8.92  ? 34  ARG A O   1 
ATOM   259 C CB  . ARG A 1 34 ? -5.291  -7.087  4.049   1.00 10.10 ? 34  ARG A CB  1 
ATOM   260 C CG  . ARG A 1 34 ? -5.242  -8.400  4.833   1.00 11.47 ? 34  ARG A CG  1 
ATOM   261 C CD  . ARG A 1 34 ? -5.936  -9.509  4.116   1.00 13.56 ? 34  ARG A CD  1 
ATOM   262 N NE  . ARG A 1 34 ? -5.782  -10.760 4.848   1.00 13.60 ? 34  ARG A NE  1 
ATOM   263 C CZ  . ARG A 1 34 ? -6.549  -11.828 4.663   1.00 14.80 ? 34  ARG A CZ  1 
ATOM   264 N NH1 . ARG A 1 34 ? -7.546  -11.801 3.794   1.00 17.13 ? 34  ARG A NH1 1 
ATOM   265 N NH2 . ARG A 1 34 ? -6.238  -12.885 5.405   1.00 18.28 ? 34  ARG A NH2 1 
ATOM   266 N N   . CYS A 1 35 ? -6.755  -5.132  6.002   1.00 8.90  ? 35  CYS A N   1 
ATOM   267 C CA  . CYS A 1 35 ? -7.763  -5.259  7.084   1.00 9.23  ? 35  CYS A CA  1 
ATOM   268 C C   . CYS A 1 35 ? -8.442  -6.609  6.975   1.00 9.69  ? 35  CYS A C   1 
ATOM   269 O O   . CYS A 1 35 ? -8.640  -7.152  5.902   1.00 12.15 ? 35  CYS A O   1 
ATOM   270 C CB  . CYS A 1 35 ? -8.838  -4.200  6.944   1.00 10.07 ? 35  CYS A CB  1 
ATOM   271 S SG  . CYS A 1 35 ? -8.231  -2.487  6.790   1.00 9.72  ? 35  CYS A SG  1 
ATOM   272 N N   . ARG A 1 36 ? -8.822  -7.163  8.094   1.00 10.64 ? 36  ARG A N   1 
ATOM   273 C CA  . ARG A 1 36 ? -9.662  -8.357  8.106   1.00 12.08 ? 36  ARG A CA  1 
ATOM   274 C C   . ARG A 1 36 ? -11.053 -7.991  8.605   1.00 13.53 ? 36  ARG A C   1 
ATOM   275 O O   . ARG A 1 36 ? -11.364 -6.819  8.847   1.00 13.31 ? 36  ARG A O   1 
ATOM   276 C CB  . ARG A 1 36 ? -8.984  -9.547  8.831   1.00 13.18 ? 36  ARG A CB  1 
ATOM   277 C CG  . ARG A 1 36 ? -7.783  -10.022 8.008   1.00 13.85 ? 36  ARG A CG  1 
ATOM   278 C CD  . ARG A 1 36 ? -7.025  -11.168 8.568   1.00 16.54 ? 36  ARG A CD  1 
ATOM   279 N NE  . ARG A 1 36 ? -7.808  -12.374 8.605   1.00 15.62 ? 36  ARG A NE  1 
ATOM   280 C CZ  . ARG A 1 36 ? -8.013  -13.187 9.570   1.00 22.52 ? 36  ARG A CZ  1 
ATOM   281 N NH1 . ARG A 1 36 ? -7.451  -13.026 10.793  1.00 33.46 ? 36  ARG A NH1 1 
ATOM   282 N NH2 . ARG A 1 36 ? -8.797  -14.259 9.392   1.00 22.60 ? 36  ARG A NH2 1 
ATOM   283 N N   . ASP A 1 37 ? -11.929 -8.952  8.757   1.00 14.02 ? 37  ASP A N   1 
ATOM   284 C CA  . ASP A 1 37 ? -13.331 -8.726  9.069   1.00 15.85 ? 37  ASP A CA  1 
ATOM   285 C C   . ASP A 1 37 ? -13.554 -8.277  10.494  1.00 14.27 ? 37  ASP A C   1 
ATOM   286 O O   . ASP A 1 37 ? -14.677 -7.878  10.849  1.00 16.75 ? 37  ASP A O   1 
ATOM   287 C CB  . ASP A 1 37 ? -14.146 -9.980  8.770   1.00 18.05 ? 37  ASP A CB  1 
ATOM   288 C CG  . ASP A 1 37 ? -13.820 -11.203 9.585   1.00 23.25 ? 37  ASP A CG  1 
ATOM   289 O OD1 . ASP A 1 37 ? -14.602 -12.158 9.552   1.00 22.57 ? 37  ASP A OD1 1 
ATOM   290 O OD2 . ASP A 1 37 ? -12.760 -11.271 10.214  1.00 40.45 ? 37  ASP A OD2 1 
ATOM   291 N N   . ASP A 1 38 ? -12.522 -8.235  11.277  1.00 13.23 ? 38  ASP A N   1 
ATOM   292 C CA  . ASP A 1 38 ? -12.400 -7.635  12.607  1.00 14.10 ? 38  ASP A CA  1 
ATOM   293 C C   . ASP A 1 38 ? -12.083 -6.137  12.623  1.00 13.14 ? 38  ASP A C   1 
ATOM   294 O O   . ASP A 1 38 ? -11.952 -5.523  13.694  1.00 14.07 ? 38  ASP A O   1 
ATOM   295 C CB  . ASP A 1 38 ? -11.360 -8.345  13.477  1.00 14.55 ? 38  ASP A CB  1 
ATOM   296 C CG  . ASP A 1 38 ? -9.958  -8.290  12.895  1.00 13.50 ? 38  ASP A CG  1 
ATOM   297 O OD1 . ASP A 1 38 ? -9.059  -8.782  13.557  1.00 15.80 ? 38  ASP A OD1 1 
ATOM   298 O OD2 . ASP A 1 38 ? -9.771  -7.750  11.767  1.00 11.19 ? 38  ASP A OD2 1 
ATOM   299 N N   . PHE A 1 39 ? -11.975 -5.522  11.459  1.00 11.86 ? 39  PHE A N   1 
ATOM   300 C CA  . PHE A 1 39 ? -11.594 -4.108  11.392  1.00 11.22 ? 39  PHE A CA  1 
ATOM   301 C C   . PHE A 1 39 ? -10.284 -3.843  12.087  1.00 10.63 ? 39  PHE A C   1 
ATOM   302 O O   . PHE A 1 39 ? -10.064 -2.750  12.643  1.00 11.02 ? 39  PHE A O   1 
ATOM   303 C CB  . PHE A 1 39 ? -12.685 -3.181  11.900  1.00 13.50 ? 39  PHE A CB  1 
ATOM   304 C CG  . PHE A 1 39 ? -13.925 -3.186  11.026  1.00 13.84 ? 39  PHE A CG  1 
ATOM   305 C CD1 . PHE A 1 39 ? -14.905 -4.157  11.228  1.00 17.14 ? 39  PHE A CD1 1 
ATOM   306 C CD2 . PHE A 1 39 ? -14.065 -2.228  10.052  1.00 15.86 ? 39  PHE A CD2 1 
ATOM   307 C CE1 . PHE A 1 39 ? -16.050 -4.091  10.420  1.00 20.49 ? 39  PHE A CE1 1 
ATOM   308 C CE2 . PHE A 1 39 ? -15.215 -2.174  9.275   1.00 19.58 ? 39  PHE A CE2 1 
ATOM   309 C CZ  . PHE A 1 39 ? -16.191 -3.112  9.467   1.00 22.00 ? 39  PHE A CZ  1 
ATOM   310 N N   . ARG A 1 40 ? -9.338  -4.757  11.966  1.00 9.75  ? 40  ARG A N   1 
ATOM   311 C CA  . ARG A 1 40 ? -7.962  -4.549  12.409  1.00 9.91  ? 40  ARG A CA  1 
ATOM   312 C C   . ARG A 1 40 ? -7.013  -4.837  11.240  1.00 9.43  ? 40  ARG A C   1 
ATOM   313 O O   . ARG A 1 40 ? -7.357  -5.497  10.262  1.00 9.62  ? 40  ARG A O   1 
ATOM   314 C CB  . ARG A 1 40 ? -7.615  -5.472  13.575  1.00 11.81 ? 40  ARG A CB  1 
ATOM   315 C CG  . ARG A 1 40 ? -8.430  -5.094  14.821  1.00 13.62 ? 40  ARG A CG  1 
ATOM   316 C CD  . ARG A 1 40 ? -7.976  -5.868  16.047  1.00 14.53 ? 40  ARG A CD  1 
ATOM   317 N NE  . ARG A 1 40 ? -8.303  -7.264  15.834  1.00 14.49 ? 40  ARG A NE  1 
ATOM   318 C CZ  . ARG A 1 40 ? -8.274  -8.205  16.757  1.00 14.94 ? 40  ARG A CZ  1 
ATOM   319 N NH1 . ARG A 1 40 ? -7.908  -7.883  17.978  1.00 17.21 ? 40  ARG A NH1 1 
ATOM   320 N NH2 . ARG A 1 40 ? -8.597  -9.463  16.398  1.00 17.48 ? 40  ARG A NH2 1 
ATOM   321 N N   . CYS A 1 41 ? -5.816  -4.265  11.368  1.00 8.63  ? 41  CYS A N   1 
ATOM   322 C CA  . CYS A 1 41 ? -4.762  -4.387  10.379  1.00 8.35  ? 41  CYS A CA  1 
ATOM   323 C C   . CYS A 1 41 ? -3.878  -5.578  10.695  1.00 8.66  ? 41  CYS A C   1 
ATOM   324 O O   . CYS A 1 41 ? -3.347  -5.698  11.807  1.00 9.45  ? 41  CYS A O   1 
ATOM   325 C CB  . CYS A 1 41 ? -3.923  -3.101  10.406  1.00 8.64  ? 41  CYS A CB  1 
ATOM   326 S SG  . CYS A 1 41 ? -2.432  -3.123  9.375   1.00 8.36  ? 41  CYS A SG  1 
ATOM   327 N N   . TRP A 1 42 ? -3.749  -6.477  9.729   1.00 8.55  ? 42  TRP A N   1 
ATOM   328 C CA  . TRP A 1 42 ? -2.957  -7.686  9.818   1.00 9.04  ? 42  TRP A CA  1 
ATOM   329 C C   . TRP A 1 42 ? -1.841  -7.622  8.781   1.00 8.92  ? 42  TRP A C   1 
ATOM   330 O O   . TRP A 1 42 ? -2.064  -7.361  7.613   1.00 9.60  ? 42  TRP A O   1 
ATOM   331 C CB  . TRP A 1 42 ? -3.829  -8.921  9.519   1.00 10.14 ? 42  TRP A CB  1 
ATOM   332 C CG  . TRP A 1 42 ? -4.870  -9.187  10.589  1.00 10.19 ? 42  TRP A CG  1 
ATOM   333 C CD1 . TRP A 1 42 ? -6.018  -8.474  10.819  1.00 11.09 ? 42  TRP A CD1 1 
ATOM   334 C CD2 . TRP A 1 42 ? -4.848  -10.260 11.537  1.00 11.07 ? 42  TRP A CD2 1 
ATOM   335 N NE1 . TRP A 1 42 ? -6.674  -9.065  11.884  1.00 12.29 ? 42  TRP A NE1 1 
ATOM   336 C CE2 . TRP A 1 42 ? -6.002  -10.136 12.342  1.00 12.29 ? 42  TRP A CE2 1 
ATOM   337 C CE3 . TRP A 1 42 ? -3.954  -11.303 11.814  1.00 11.82 ? 42  TRP A CE3 1 
ATOM   338 C CZ2 . TRP A 1 42 ? -6.274  -11.001 13.380  1.00 14.20 ? 42  TRP A CZ2 1 
ATOM   339 C CZ3 . TRP A 1 42 ? -4.272  -12.178 12.857  1.00 13.63 ? 42  TRP A CZ3 1 
ATOM   340 C CH2 . TRP A 1 42 ? -5.424  -12.013 13.600  1.00 14.58 ? 42  TRP A CH2 1 
ATOM   341 N N   . CYS A 1 43 ? -0.610  -7.878  9.259   1.00 9.09  ? 43  CYS A N   1 
ATOM   342 C CA  . CYS A 1 43 ? 0.533   -7.908  8.419   1.00 9.21  ? 43  CYS A CA  1 
ATOM   343 C C   . CYS A 1 43 ? 0.936   -9.357  8.121   1.00 10.63 ? 43  CYS A C   1 
ATOM   344 O O   . CYS A 1 43 ? 0.874   -10.241 8.993   1.00 12.04 ? 43  CYS A O   1 
ATOM   345 C CB  . CYS A 1 43 ? 1.763   -7.235  9.058   1.00 10.19 ? 43  CYS A CB  1 
ATOM   346 S SG  . CYS A 1 43 ? 1.559   -5.524  9.582   1.00 9.89  ? 43  CYS A SG  1 
ATOM   347 N N   . THR A 1 44 ? 1.414   -9.580  6.928   1.00 10.57 ? 44  THR A N   1 
ATOM   348 C CA  . THR A 1 44 ? 2.044   -10.839 6.505   1.00 12.62 ? 44  THR A CA  1 
ATOM   349 C C   . THR A 1 44 ? 3.549   -10.673 6.483   1.00 12.64 ? 44  THR A C   1 
ATOM   350 O O   . THR A 1 44 ? 4.059   -9.683  5.984   1.00 12.11 ? 44  THR A O   1 
ATOM   351 C CB  . THR A 1 44 ? 1.527   -11.254 5.120   1.00 14.07 ? 44  THR A CB  1 
ATOM   352 O OG1 . THR A 1 44 ? 0.108   -11.463 5.224   1.00 16.07 ? 44  THR A OG1 1 
ATOM   353 C CG2 . THR A 1 44 ? 2.130   -12.551 4.639   1.00 17.13 ? 44  THR A CG2 1 
ATOM   354 N N   . ARG A 1 45 ? 4.245   -11.666 7.025   1.00 14.44 ? 45  ARG A N   1 
ATOM   355 C CA  . ARG A 1 45 ? 5.692   -11.683 7.098   1.00 16.62 ? 45  ARG A CA  1 
ATOM   356 C C   . ARG A 1 45 ? 6.235   -13.063 6.741   1.00 18.54 ? 45  ARG A C   1 
ATOM   357 O O   . ARG A 1 45 ? 5.558   -14.070 6.857   1.00 20.94 ? 45  ARG A O   1 
ATOM   358 C CB  . ARG A 1 45 ? 6.143   -11.356 8.514   1.00 18.42 ? 45  ARG A CB  1 
ATOM   359 C CG  . ARG A 1 45 ? 5.788   -12.452 9.532   1.00 23.59 ? 45  ARG A CG  1 
ATOM   360 C CD  . ARG A 1 45 ? 6.430   -12.104 10.896  1.00 29.58 ? 45  ARG A CD  1 
ATOM   361 N NE  . ARG A 1 45 ? 5.917   -13.221 11.723  1.00 30.18 ? 45  ARG A NE  1 
ATOM   362 C CZ  . ARG A 1 45 ? 4.729   -13.444 12.253  1.00 29.88 ? 45  ARG A CZ  1 
ATOM   363 N NH1 . ARG A 1 45 ? 3.923   -12.452 11.993  1.00 31.87 ? 45  ARG A NH1 1 
ATOM   364 N NH2 . ARG A 1 45 ? 4.563   -14.572 12.947  1.00 29.92 ? 45  ARG A NH2 1 
ATOM   365 N N   . ASN A 1 46 ? 7.493   -13.103 6.273   1.00 20.16 ? 46  ASN A N   1 
ATOM   366 C CA  . ASN A 1 46 ? 8.230   -14.368 6.176   1.00 22.42 ? 46  ASN A CA  1 
ATOM   367 C C   . ASN A 1 46 ? 8.408   -14.973 7.555   1.00 27.50 ? 46  ASN A C   1 
ATOM   368 O O   . ASN A 1 46 ? 8.729   -14.216 8.489   1.00 29.15 ? 46  ASN A O   1 
ATOM   369 C CB  . ASN A 1 46 ? 9.569   -14.052 5.513   1.00 26.27 ? 46  ASN A CB  1 
ATOM   370 C CG  . ASN A 1 46 ? 9.408   -13.587 4.079   1.00 24.57 ? 46  ASN A CG  1 
ATOM   371 O OD1 . ASN A 1 46 ? 9.703   -12.409 3.746   1.00 26.07 ? 46  ASN A OD1 1 
ATOM   372 N ND2 . ASN A 1 46 ? 8.905   -14.428 3.229   1.00 28.01 ? 46  ASN A ND2 1 
ATOM   373 N N   . CYS A 1 47 ? 8.178   -16.296 7.688   1.00 30.96 ? 47  CYS A N   1 
ATOM   374 C CA  . CYS A 1 47 ? 8.156   -17.003 8.978   1.00 27.75 ? 47  CYS A CA  1 
ATOM   375 C C   . CYS A 1 47 ? 8.652   -18.429 8.803   1.00 38.93 ? 47  CYS A C   1 
ATOM   376 O O   . CYS A 1 47 ? 9.292   -18.727 7.771   1.00 40.30 ? 47  CYS A O   1 
ATOM   377 C CB  . CYS A 1 47 ? 6.745   -17.017 9.685   1.00 21.38 ? 47  CYS A CB  1 
ATOM   378 S SG  . CYS A 1 47 ? 5.480   -17.827 8.737   1.00 25.49 ? 47  CYS A SG  1 
ATOM   379 O OXT . CYS A 1 47 ? 8.431   -19.305 9.646   1.00 52.27 ? 47  CYS A OXT 1 
ATOM   380 N N   A LYS B 1 1  ? 10.925  -9.765  -9.490  0.71 23.78 ? 1   LYS B N   1 
ATOM   381 C CA  A LYS B 1 1  ? 10.033  -9.359  -8.443  0.71 19.90 ? 1   LYS B CA  1 
ATOM   382 C C   A LYS B 1 1  ? 9.477   -7.963  -8.810  0.71 16.11 ? 1   LYS B C   1 
ATOM   383 O O   A LYS B 1 1  ? 10.218  -7.107  -9.332  0.71 15.70 ? 1   LYS B O   1 
ATOM   384 C CB  A LYS B 1 1  ? 10.822  -9.295  -7.144  0.71 19.00 ? 1   LYS B CB  1 
ATOM   385 C CG  A LYS B 1 1  ? 10.050  -9.166  -5.857  0.71 20.12 ? 1   LYS B CG  1 
ATOM   386 C CD  A LYS B 1 1  ? 10.824  -8.797  -4.619  0.71 21.63 ? 1   LYS B CD  1 
ATOM   387 C CE  A LYS B 1 1  ? 9.824   -8.454  -3.491  0.71 20.19 ? 1   LYS B CE  1 
ATOM   388 N NZ  A LYS B 1 1  ? 10.542  -7.845  -2.343  0.71 34.85 ? 1   LYS B NZ  1 
ATOM   389 N N   . THR B 1 2  ? 8.225   -7.728  -8.499  1.00 17.84 ? 2   THR B N   1 
ATOM   390 C CA  . THR B 1 2  ? 7.674   -6.386  -8.564  1.00 15.18 ? 2   THR B CA  1 
ATOM   391 C C   . THR B 1 2  ? 7.159   -6.089  -7.158  1.00 14.41 ? 2   THR B C   1 
ATOM   392 O O   . THR B 1 2  ? 6.791   -6.992  -6.389  1.00 17.41 ? 2   THR B O   1 
ATOM   393 C CB  . THR B 1 2  ? 6.603   -6.226  -9.611  1.00 15.32 ? 2   THR B CB  1 
ATOM   394 O OG1 . THR B 1 2  ? 5.541   -7.159  -9.368  1.00 18.63 ? 2   THR B OG1 1 
ATOM   395 C CG2 . THR B 1 2  ? 7.065   -6.454  -11.058 1.00 18.69 ? 2   THR B CG2 1 
ATOM   396 N N   . CYS B 1 3  ? 7.050   -4.804  -6.906  1.00 13.99 ? 3   CYS B N   1 
ATOM   397 C CA  . CYS B 1 3  ? 6.709   -4.248  -5.635  1.00 13.47 ? 3   CYS B CA  1 
ATOM   398 C C   . CYS B 1 3  ? 5.708   -3.110  -5.870  1.00 11.62 ? 3   CYS B C   1 
ATOM   399 O O   . CYS B 1 3  ? 5.877   -2.294  -6.778  1.00 13.71 ? 3   CYS B O   1 
ATOM   400 C CB  . CYS B 1 3  ? 7.961   -3.729  -4.938  1.00 15.44 ? 3   CYS B CB  1 
ATOM   401 S SG  . CYS B 1 3  ? 9.180   -4.887  -4.398  1.00 17.20 ? 3   CYS B SG  1 
ATOM   402 N N   . GLU B 1 4  ? 4.698   -3.051  -5.011  1.00 11.19 ? 4   GLU B N   1 
ATOM   403 C CA  . GLU B 1 4  ? 3.721   -1.974  -5.068  1.00 10.13 ? 4   GLU B CA  1 
ATOM   404 C C   . GLU B 1 4  ? 3.842   -1.168  -3.780  1.00 9.32  ? 4   GLU B C   1 
ATOM   405 O O   . GLU B 1 4  ? 3.804   -1.743  -2.680  1.00 11.54 ? 4   GLU B O   1 
ATOM   406 C CB  . GLU B 1 4  ? 2.315   -2.553  -5.227  1.00 10.63 ? 4   GLU B CB  1 
ATOM   407 C CG  . GLU B 1 4  ? 1.256   -1.472  -5.339  1.00 11.06 ? 4   GLU B CG  1 
ATOM   408 C CD  . GLU B 1 4  ? -0.112  -1.971  -5.718  1.00 11.73 ? 4   GLU B CD  1 
ATOM   409 O OE1 . GLU B 1 4  ? -0.616  -2.942  -5.097  1.00 15.96 ? 4   GLU B OE1 1 
ATOM   410 O OE2 . GLU B 1 4  ? -0.719  -1.418  -6.659  1.00 12.32 ? 4   GLU B OE2 1 
ATOM   411 N N   . ASN B 1 5  ? 3.961   0.144   -3.912  1.00 8.90  ? 5   ASN B N   1 
ATOM   412 C CA  . ASN B 1 5  ? 4.083   0.998   -2.719  1.00 8.72  ? 5   ASN B CA  1 
ATOM   413 C C   . ASN B 1 5  ? 3.585   2.373   -3.093  1.00 8.58  ? 5   ASN B C   1 
ATOM   414 O O   . ASN B 1 5  ? 3.241   2.635   -4.233  1.00 8.84  ? 5   ASN B O   1 
ATOM   415 C CB  . ASN B 1 5  ? 5.527   0.948   -2.166  1.00 9.93  ? 5   ASN B CB  1 
ATOM   416 C CG  . ASN B 1 5  ? 5.585   1.179   -0.695  1.00 9.95  ? 5   ASN B CG  1 
ATOM   417 O OD1 . ASN B 1 5  ? 4.785   1.889   -0.073  1.00 11.75 ? 5   ASN B OD1 1 
ATOM   418 N ND2 . ASN B 1 5  ? 6.574   0.563   -0.035  1.00 11.93 ? 5   ASN B ND2 1 
ATOM   419 N N   . LEU B 1 6  ? 3.540   3.258   -2.109  1.00 8.73  ? 6   LEU B N   1 
ATOM   420 C CA  . LEU B 1 6  ? 2.999   4.594   -2.303  1.00 8.62  ? 6   LEU B CA  1 
ATOM   421 C C   . LEU B 1 6  ? 3.841   5.363   -3.303  1.00 8.97  ? 6   LEU B C   1 
ATOM   422 O O   . LEU B 1 6  ? 5.074   5.276   -3.328  1.00 9.95  ? 6   LEU B O   1 
ATOM   423 C CB  . LEU B 1 6  ? 2.983   5.312   -0.989  1.00 9.30  ? 6   LEU B CB  1 
ATOM   424 C CG  . LEU B 1 6  ? 1.863   4.892   -0.016  1.00 10.49 ? 6   LEU B CG  1 
ATOM   425 C CD1 . LEU B 1 6  ? 2.146   5.371   1.385   1.00 14.03 ? 6   LEU B CD1 1 
ATOM   426 C CD2 . LEU B 1 6  ? 0.512   5.393   -0.517  1.00 11.94 ? 6   LEU B CD2 1 
ATOM   427 N N   . ALA B 1 7  ? 3.149   6.171   -4.099  1.00 8.57  ? 7   ALA B N   1 
ATOM   428 C CA  . ALA B 1 7  ? 3.805   7.167   -4.936  1.00 9.26  ? 7   ALA B CA  1 
ATOM   429 C C   . ALA B 1 7  ? 4.602   8.138   -4.067  1.00 9.62  ? 7   ALA B C   1 
ATOM   430 O O   . ALA B 1 7  ? 4.281   8.399   -2.911  1.00 10.72 ? 7   ALA B O   1 
ATOM   431 C CB  . ALA B 1 7  ? 2.793   7.905   -5.745  1.00 9.86  ? 7   ALA B CB  1 
ATOM   432 N N   . ASP B 1 8  ? 5.608   8.700   -4.712  1.00 11.17 ? 8   ASP B N   1 
ATOM   433 C CA  . ASP B 1 8  ? 6.423   9.771   -4.166  1.00 12.32 ? 8   ASP B CA  1 
ATOM   434 C C   . ASP B 1 8  ? 5.943   11.074  -4.764  1.00 11.60 ? 8   ASP B C   1 
ATOM   435 O O   . ASP B 1 8  ? 6.061   11.284  -5.973  1.00 11.81 ? 8   ASP B O   1 
ATOM   436 C CB  . ASP B 1 8  ? 7.887   9.494   -4.498  1.00 14.67 ? 8   ASP B CB  1 
ATOM   437 C CG  . ASP B 1 8  ? 8.873   10.509  -3.966  1.00 16.38 ? 8   ASP B CG  1 
ATOM   438 O OD1 . ASP B 1 8  ? 8.487   11.576  -3.458  1.00 18.12 ? 8   ASP B OD1 1 
ATOM   439 O OD2 . ASP B 1 8  ? 10.078  10.251  -4.027  1.00 21.47 ? 8   ASP B OD2 1 
ATOM   440 N N   . THR B 1 9  ? 5.440   11.960  -3.908  1.00 12.11 ? 9   THR B N   1 
ATOM   441 C CA  . THR B 1 9  ? 5.071   13.314  -4.327  1.00 12.14 ? 9   THR B CA  1 
ATOM   442 C C   . THR B 1 9  ? 4.017   13.327  -5.438  1.00 11.77 ? 9   THR B C   1 
ATOM   443 O O   . THR B 1 9  ? 4.060   14.076  -6.407  1.00 12.79 ? 9   THR B O   1 
ATOM   444 C CB  . THR B 1 9  ? 6.316   14.167  -4.656  1.00 13.44 ? 9   THR B CB  1 
ATOM   445 O OG1 . THR B 1 9  ? 7.321   13.925  -3.624  1.00 15.66 ? 9   THR B OG1 1 
ATOM   446 C CG2 . THR B 1 9  ? 5.990   15.641  -4.660  1.00 14.49 ? 9   THR B CG2 1 
ATOM   447 N N   . PHE B 1 10 ? 2.992   12.476  -5.223  1.00 12.34 ? 10  PHE B N   1 
ATOM   448 C CA  . PHE B 1 10 ? 1.736   12.607  -5.921  1.00 12.57 ? 10  PHE B CA  1 
ATOM   449 C C   . PHE B 1 10 ? 0.885   13.510  -5.033  1.00 13.48 ? 10  PHE B C   1 
ATOM   450 O O   . PHE B 1 10 ? 0.592   13.180  -3.885  1.00 14.73 ? 10  PHE B O   1 
ATOM   451 C CB  . PHE B 1 10 ? 1.052   11.248  -6.107  1.00 12.20 ? 10  PHE B CB  1 
ATOM   452 C CG  . PHE B 1 10 ? -0.303  11.319  -6.736  1.00 11.23 ? 10  PHE B CG  1 
ATOM   453 C CD1 . PHE B 1 10 ? -0.418  11.162  -8.106  1.00 12.53 ? 10  PHE B CD1 1 
ATOM   454 C CD2 . PHE B 1 10 ? -1.467  11.480  -6.054  1.00 11.85 ? 10  PHE B CD2 1 
ATOM   455 C CE1 . PHE B 1 10 ? -1.639  11.203  -8.757  1.00 14.80 ? 10  PHE B CE1 1 
ATOM   456 C CE2 . PHE B 1 10 ? -2.680  11.535  -6.667  1.00 12.56 ? 10  PHE B CE2 1 
ATOM   457 C CZ  . PHE B 1 10 ? -2.768  11.396  -8.022  1.00 13.49 ? 10  PHE B CZ  1 
ATOM   458 N N   . ARG B 1 11 ? 0.456   14.623  -5.641  1.00 15.71 ? 11  ARG B N   1 
ATOM   459 C CA  . ARG B 1 11 ? -0.198  15.645  -4.825  1.00 16.63 ? 11  ARG B CA  1 
ATOM   460 C C   . ARG B 1 11 ? -1.704  15.430  -4.870  1.00 17.78 ? 11  ARG B C   1 
ATOM   461 O O   . ARG B 1 11 ? -2.333  15.245  -5.918  1.00 18.50 ? 11  ARG B O   1 
ATOM   462 C CB  . ARG B 1 11 ? 0.136   17.026  -5.363  1.00 19.42 ? 11  ARG B CB  1 
ATOM   463 C CG  . ARG B 1 11 ? 1.601   17.403  -5.087  1.00 21.18 ? 11  ARG B CG  1 
ATOM   464 C CD  . ARG B 1 11 ? 1.842   18.860  -5.447  1.00 25.26 ? 11  ARG B CD  1 
ATOM   465 N NE  . ARG B 1 11 ? 3.165   19.250  -4.965  1.00 28.50 ? 11  ARG B NE  1 
ATOM   466 C CZ  . ARG B 1 11 ? 4.307   19.120  -5.613  1.00 28.40 ? 11  ARG B CZ  1 
ATOM   467 N NH1 . ARG B 1 11 ? 4.335   18.571  -6.836  1.00 28.56 ? 11  ARG B NH1 1 
ATOM   468 N NH2 . ARG B 1 11 ? 5.444   19.524  -5.038  1.00 29.50 ? 11  ARG B NH2 1 
ATOM   469 N N   . GLY B 1 12 ? -2.300  15.521  -3.667  1.00 17.66 ? 12  GLY B N   1 
ATOM   470 C CA  . GLY B 1 12 ? -3.746  15.486  -3.611  1.00 18.98 ? 12  GLY B CA  1 
ATOM   471 C C   . GLY B 1 12 ? -4.350  14.124  -3.557  1.00 15.50 ? 12  GLY B C   1 
ATOM   472 O O   . GLY B 1 12 ? -3.653  13.083  -3.614  1.00 14.63 ? 12  GLY B O   1 
ATOM   473 N N   . PRO B 1 13 ? -5.652  14.045  -3.449  1.00 15.52 ? 13  PRO B N   1 
ATOM   474 C CA  . PRO B 1 13 ? -6.301  12.735  -3.342  1.00 13.77 ? 13  PRO B CA  1 
ATOM   475 C C   . PRO B 1 13 ? -6.252  11.996  -4.663  1.00 11.53 ? 13  PRO B C   1 
ATOM   476 O O   . PRO B 1 13 ? -6.272  12.602  -5.733  1.00 13.88 ? 13  PRO B O   1 
ATOM   477 C CB  . PRO B 1 13 ? -7.755  13.050  -2.977  1.00 16.94 ? 13  PRO B CB  1 
ATOM   478 C CG  . PRO B 1 13 ? -7.925  14.464  -3.496  1.00 24.16 ? 13  PRO B CG  1 
ATOM   479 C CD  . PRO B 1 13 ? -6.637  15.158  -3.366  1.00 20.09 ? 13  PRO B CD  1 
ATOM   480 N N   . CYS B 1 14 ? -6.240  10.681  -4.587  1.00 10.45 ? 14  CYS B N   1 
ATOM   481 C CA  . CYS B 1 14 ? -6.238  9.820   -5.755  1.00 10.12 ? 14  CYS B CA  1 
ATOM   482 C C   . CYS B 1 14 ? -7.666  9.317   -5.980  1.00 10.55 ? 14  CYS B C   1 
ATOM   483 O O   . CYS B 1 14 ? -8.109  8.374   -5.368  1.00 11.66 ? 14  CYS B O   1 
ATOM   484 C CB  . CYS B 1 14 ? -5.289  8.654   -5.531  1.00 9.90  ? 14  CYS B CB  1 
ATOM   485 S SG  . CYS B 1 14 ? -4.706  7.823   -7.023  1.00 10.17 ? 14  CYS B SG  1 
ATOM   486 N N   . PHE B 1 15 ? -8.340  10.054  -6.882  1.00 12.52 ? 15  PHE B N   1 
ATOM   487 C CA  . PHE B 1 15 ? -9.727  9.763   -7.256  1.00 14.69 ? 15  PHE B CA  1 
ATOM   488 C C   . PHE B 1 15 ? -9.863  9.266   -8.662  1.00 14.42 ? 15  PHE B C   1 
ATOM   489 O O   . PHE B 1 15 ? -10.985 8.879   -9.043  1.00 16.70 ? 15  PHE B O   1 
ATOM   490 C CB  . PHE B 1 15 ? -10.617 10.970  -7.078  1.00 16.03 ? 15  PHE B CB  1 
ATOM   491 C CG  . PHE B 1 15 ? -10.765 11.394  -5.640  1.00 14.95 ? 15  PHE B CG  1 
ATOM   492 C CD1 . PHE B 1 15 ? -11.041 12.714  -5.415  1.00 17.22 ? 15  PHE B CD1 1 
ATOM   493 C CD2 . PHE B 1 15 ? -10.640 10.572  -4.535  1.00 15.21 ? 15  PHE B CD2 1 
ATOM   494 C CE1 . PHE B 1 15 ? -11.228 13.204  -4.150  1.00 16.50 ? 15  PHE B CE1 1 
ATOM   495 C CE2 . PHE B 1 15 ? -10.842 11.037  -3.259  1.00 15.46 ? 15  PHE B CE2 1 
ATOM   496 C CZ  . PHE B 1 15 ? -11.150 12.371  -3.042  1.00 16.38 ? 15  PHE B CZ  1 
ATOM   497 N N   . THR B 1 16 ? -8.824  9.240   -9.451  1.00 13.40 ? 16  THR B N   1 
ATOM   498 C CA  . THR B 1 16 ? -8.883  8.703   -10.772 1.00 14.31 ? 16  THR B CA  1 
ATOM   499 C C   . THR B 1 16 ? -7.633  7.876   -11.008 1.00 12.56 ? 16  THR B C   1 
ATOM   500 O O   . THR B 1 16 ? -6.485  8.392   -10.958 1.00 12.62 ? 16  THR B O   1 
ATOM   501 C CB  A THR B 1 16 ? -8.932  9.897   -11.766 0.48 18.59 ? 16  THR B CB  1 
ATOM   502 C CB  B THR B 1 16 ? -9.025  9.732   -11.920 0.52 20.09 ? 16  THR B CB  1 
ATOM   503 O OG1 A THR B 1 16 ? -10.022 10.735  -11.351 0.48 25.56 ? 16  THR B OG1 1 
ATOM   504 O OG1 B THR B 1 16 ? -7.736  10.293  -12.133 0.52 23.45 ? 16  THR B OG1 1 
ATOM   505 C CG2 A THR B 1 16 ? -9.159  9.377   -13.159 0.48 23.90 ? 16  THR B CG2 1 
ATOM   506 C CG2 B THR B 1 16 ? -9.992  10.836  -11.549 0.52 27.15 ? 16  THR B CG2 1 
ATOM   507 N N   . ASP B 1 17 ? -7.802  6.587   -11.294 1.00 12.74 ? 17  ASP B N   1 
ATOM   508 C CA  . ASP B 1 17 ? -6.669  5.692   -11.515 1.00 11.85 ? 17  ASP B CA  1 
ATOM   509 C C   . ASP B 1 17 ? -5.706  6.230   -12.589 1.00 11.69 ? 17  ASP B C   1 
ATOM   510 O O   . ASP B 1 17 ? -4.502  6.130   -12.427 1.00 11.98 ? 17  ASP B O   1 
ATOM   511 C CB  . ASP B 1 17 ? -7.119  4.307   -11.930 1.00 13.06 ? 17  ASP B CB  1 
ATOM   512 C CG  . ASP B 1 17 ? -7.678  3.450   -10.823 1.00 12.07 ? 17  ASP B CG  1 
ATOM   513 O OD1 . ASP B 1 17 ? -7.381  3.664   -9.653  1.00 11.33 ? 17  ASP B OD1 1 
ATOM   514 O OD2 . ASP B 1 17 ? -8.387  2.423   -11.212 1.00 11.51 ? 17  ASP B OD2 1 
ATOM   515 N N   . GLY B 1 18 ? -6.258  6.787   -13.682 1.00 12.50 ? 18  GLY B N   1 
ATOM   516 C CA  . GLY B 1 18 ? -5.386  7.199   -14.758 1.00 13.11 ? 18  GLY B CA  1 
ATOM   517 C C   . GLY B 1 18 ? -4.404  8.280   -14.357 1.00 12.28 ? 18  GLY B C   1 
ATOM   518 O O   . GLY B 1 18 ? -3.277  8.337   -14.865 1.00 13.21 ? 18  GLY B O   1 
ATOM   519 N N   . SER B 1 19 ? -4.764  9.182   -13.462 1.00 12.61 ? 19  SER B N   1 
ATOM   520 C CA  . SER B 1 19 ? -3.850  10.221  -12.987 1.00 14.26 ? 19  SER B CA  1 
ATOM   521 C C   . SER B 1 19 ? -2.691  9.614   -12.240 1.00 11.41 ? 19  SER B C   1 
ATOM   522 O O   . SER B 1 19 ? -1.534  10.076  -12.350 1.00 11.99 ? 19  SER B O   1 
ATOM   523 C CB  A SER B 1 19 ? -4.579  11.243  -12.106 0.41 15.82 ? 19  SER B CB  1 
ATOM   524 C CB  B SER B 1 19 ? -4.632  11.217  -12.125 0.29 16.12 ? 19  SER B CB  1 
ATOM   525 C CB  C SER B 1 19 ? -4.621  11.178  -12.064 0.29 14.78 ? 19  SER B CB  1 
ATOM   526 O OG  A SER B 1 19 ? -5.626  11.819  -12.857 0.41 17.72 ? 19  SER B OG  1 
ATOM   527 O OG  B SER B 1 19 ? -3.764  12.185  -11.577 0.29 19.38 ? 19  SER B OG  1 
ATOM   528 O OG  C SER B 1 19 ? -5.063  10.603  -10.837 0.29 15.50 ? 19  SER B OG  1 
ATOM   529 N N   . CYS B 1 20 ? -2.965  8.586   -11.442 1.00 10.69 ? 20  CYS B N   1 
ATOM   530 C CA  . CYS B 1 20 ? -1.900  7.853   -10.751 1.00 9.99  ? 20  CYS B CA  1 
ATOM   531 C C   . CYS B 1 20 ? -1.013  7.079   -11.676 1.00 9.77  ? 20  CYS B C   1 
ATOM   532 O O   . CYS B 1 20 ? 0.194   7.094   -11.571 1.00 9.85  ? 20  CYS B O   1 
ATOM   533 C CB  . CYS B 1 20 ? -2.562  6.969   -9.703  1.00 10.55 ? 20  CYS B CB  1 
ATOM   534 S SG  . CYS B 1 20 ? -1.392  5.980   -8.760  1.00 9.62  ? 20  CYS B SG  1 
ATOM   535 N N   . ASP B 1 21 ? -1.645  6.328   -12.605 1.00 10.71 ? 21  ASP B N   1 
ATOM   536 C CA  . ASP B 1 21 ? -0.834  5.596   -13.602 1.00 10.93 ? 21  ASP B CA  1 
ATOM   537 C C   . ASP B 1 21 ? 0.121   6.538   -14.335 1.00 10.77 ? 21  ASP B C   1 
ATOM   538 O O   . ASP B 1 21 ? 1.282   6.212   -14.541 1.00 11.23 ? 21  ASP B O   1 
ATOM   539 C CB  . ASP B 1 21 ? -1.782  4.861   -14.565 1.00 11.94 ? 21  ASP B CB  1 
ATOM   540 C CG  . ASP B 1 21 ? -1.049  3.882   -15.446 1.00 11.62 ? 21  ASP B CG  1 
ATOM   541 O OD1 . ASP B 1 21 ? -0.389  3.001   -14.944 1.00 12.00 ? 21  ASP B OD1 1 
ATOM   542 O OD2 . ASP B 1 21 ? -1.211  4.071   -16.728 1.00 15.69 ? 21  ASP B OD2 1 
ATOM   543 N N   . ASP B 1 22 ? -0.396  7.702   -14.708 1.00 11.41 ? 22  ASP B N   1 
ATOM   544 C CA  . ASP B 1 22 ? 0.399   8.713   -15.417 1.00 11.88 ? 22  ASP B CA  1 
ATOM   545 C C   . ASP B 1 22 ? 1.557   9.138   -14.580 1.00 11.26 ? 22  ASP B C   1 
ATOM   546 O O   . ASP B 1 22 ? 2.716   9.205   -15.015 1.00 12.85 ? 22  ASP B O   1 
ATOM   547 C CB  . ASP B 1 22 ? -0.533  9.853   -15.789 1.00 13.11 ? 22  ASP B CB  1 
ATOM   548 C CG  . ASP B 1 22 ? 0.184   10.732  -16.772 1.00 20.32 ? 22  ASP B CG  1 
ATOM   549 O OD1 . ASP B 1 22 ? 0.615   11.765  -16.339 1.00 34.29 ? 22  ASP B OD1 1 
ATOM   550 O OD2 . ASP B 1 22 ? 0.352   10.305  -17.937 1.00 36.55 ? 22  ASP B OD2 1 
ATOM   551 N N   . HIS B 1 23 ? 1.297   9.510   -13.320 1.00 10.81 ? 23  HIS B N   1 
ATOM   552 C CA  . HIS B 1 23 ? 2.370   9.897   -12.397 1.00 10.60 ? 23  HIS B CA  1 
ATOM   553 C C   . HIS B 1 23 ? 3.426   8.816   -12.294 1.00 10.32 ? 23  HIS B C   1 
ATOM   554 O O   . HIS B 1 23 ? 4.633   9.045   -12.397 1.00 10.58 ? 23  HIS B O   1 
ATOM   555 C CB  . HIS B 1 23 ? 1.764   10.217  -11.021 1.00 10.67 ? 23  HIS B CB  1 
ATOM   556 C CG  . HIS B 1 23 ? 2.773   10.452  -9.959  1.00 10.69 ? 23  HIS B CG  1 
ATOM   557 N ND1 . HIS B 1 23 ? 3.250   11.710  -9.643  1.00 12.68 ? 23  HIS B ND1 1 
ATOM   558 C CD2 . HIS B 1 23 ? 3.440   9.563   -9.176  1.00 11.27 ? 23  HIS B CD2 1 
ATOM   559 C CE1 . HIS B 1 23 ? 4.135   11.540  -8.690  1.00 13.25 ? 23  HIS B CE1 1 
ATOM   560 N NE2 . HIS B 1 23 ? 4.300   10.266  -8.386  1.00 11.45 ? 23  HIS B NE2 1 
ATOM   561 N N   . CYS B 1 24 ? 2.979   7.595   -11.978 1.00 9.76  ? 24  CYS B N   1 
ATOM   562 C CA  . CYS B 1 24 ? 3.905   6.510   -11.756 1.00 9.79  ? 24  CYS B CA  1 
ATOM   563 C C   . CYS B 1 24 ? 4.776   6.233   -12.980 1.00 10.28 ? 24  CYS B C   1 
ATOM   564 O O   . CYS B 1 24 ? 5.974   6.048   -12.840 1.00 11.24 ? 24  CYS B O   1 
ATOM   565 C CB  . CYS B 1 24 ? 3.145   5.261   -11.329 1.00 9.68  ? 24  CYS B CB  1 
ATOM   566 S SG  . CYS B 1 24 ? 2.322   5.442   -9.721  1.00 9.19  ? 24  CYS B SG  1 
ATOM   567 N N   . LYS B 1 25 ? 4.182   6.184   -14.157 1.00 10.60 ? 25  LYS B N   1 
ATOM   568 C CA  . LYS B 1 25 ? 4.923   5.929   -15.378 1.00 11.50 ? 25  LYS B CA  1 
ATOM   569 C C   . LYS B 1 25 ? 5.825   7.092   -15.796 1.00 12.34 ? 25  LYS B C   1 
ATOM   570 O O   . LYS B 1 25 ? 6.979   6.907   -16.180 1.00 14.10 ? 25  LYS B O   1 
ATOM   571 C CB  . LYS B 1 25 ? 3.980   5.639   -16.521 1.00 13.21 ? 25  LYS B CB  1 
ATOM   572 C CG  . LYS B 1 25 ? 3.307   4.313   -16.441 1.00 15.23 ? 25  LYS B CG  1 
ATOM   573 C CD  . LYS B 1 25 ? 2.302   4.071   -17.509 1.00 18.69 ? 25  LYS B CD  1 
ATOM   574 C CE  . LYS B 1 25 ? 1.727   2.660   -17.584 1.00 20.92 ? 25  LYS B CE  1 
ATOM   575 N NZ  . LYS B 1 25 ? 0.483   2.694   -18.363 1.00 33.25 ? 25  LYS B NZ  1 
ATOM   576 N N   . ASN B 1 26 ? 5.284   8.306   -15.770 1.00 12.16 ? 26  ASN B N   1 
ATOM   577 C CA  . ASN B 1 26 ? 5.938   9.466   -16.412 1.00 13.35 ? 26  ASN B CA  1 
ATOM   578 C C   . ASN B 1 26 ? 6.712   10.345  -15.500 1.00 14.56 ? 26  ASN B C   1 
ATOM   579 O O   . ASN B 1 26 ? 7.677   10.992  -15.933 1.00 20.46 ? 26  ASN B O   1 
ATOM   580 C CB  . ASN B 1 26 ? 4.864   10.285  -17.152 1.00 15.15 ? 26  ASN B CB  1 
ATOM   581 C CG  . ASN B 1 26 ? 4.201   9.457   -18.254 1.00 16.00 ? 26  ASN B CG  1 
ATOM   582 O OD1 . ASN B 1 26 ? 2.960   9.506   -18.365 1.00 23.53 ? 26  ASN B OD1 1 
ATOM   583 N ND2 . ASN B 1 26 ? 4.972   8.790   -19.083 1.00 15.94 ? 26  ASN B ND2 1 
ATOM   584 N N   . LYS B 1 27 ? 6.330   10.444  -14.250 1.00 13.30 ? 27  LYS B N   1 
ATOM   585 C CA  . LYS B 1 27 ? 7.102   11.197  -13.272 1.00 13.89 ? 27  LYS B CA  1 
ATOM   586 C C   . LYS B 1 27 ? 8.098   10.328  -12.536 1.00 13.62 ? 27  LYS B C   1 
ATOM   587 O O   . LYS B 1 27 ? 9.246   10.747  -12.326 1.00 17.49 ? 27  LYS B O   1 
ATOM   588 C CB  . LYS B 1 27 ? 6.211   11.941  -12.287 1.00 15.45 ? 27  LYS B CB  1 
ATOM   589 C CG  . LYS B 1 27 ? 5.313   12.920  -12.913 1.00 21.54 ? 27  LYS B CG  1 
ATOM   590 C CD  . LYS B 1 27 ? 5.987   14.066  -13.658 1.00 33.33 ? 27  LYS B CD  1 
ATOM   591 C CE  . LYS B 1 27 ? 4.965   15.204  -13.785 1.00 42.94 ? 27  LYS B CE  1 
ATOM   592 N NZ  . LYS B 1 27 ? 4.146   15.045  -15.026 1.00 60.90 ? 27  LYS B NZ  1 
ATOM   593 N N   . GLU B 1 28 ? 7.722   9.107   -12.164 1.00 12.19 ? 28  GLU B N   1 
ATOM   594 C CA  . GLU B 1 28 ? 8.584   8.237   -11.398 1.00 12.30 ? 28  GLU B CA  1 
ATOM   595 C C   . GLU B 1 28 ? 9.269   7.174   -12.258 1.00 11.97 ? 28  GLU B C   1 
ATOM   596 O O   . GLU B 1 28 ? 10.145  6.505   -11.744 1.00 13.30 ? 28  GLU B O   1 
ATOM   597 C CB  . GLU B 1 28 ? 7.871   7.605   -10.217 1.00 12.00 ? 28  GLU B CB  1 
ATOM   598 C CG  . GLU B 1 28 ? 7.342   8.609   -9.201  1.00 12.75 ? 28  GLU B CG  1 
ATOM   599 C CD  . GLU B 1 28 ? 6.979   7.950   -7.874  1.00 11.86 ? 28  GLU B CD  1 
ATOM   600 O OE1 . GLU B 1 28 ? 7.710   7.111   -7.373  1.00 16.16 ? 28  GLU B OE1 1 
ATOM   601 O OE2 . GLU B 1 28 ? 5.894   8.275   -7.365  1.00 12.02 ? 28  GLU B OE2 1 
ATOM   602 N N   . HIS B 1 29 ? 8.881   7.020   -13.521 1.00 11.87 ? 29  HIS B N   1 
ATOM   603 C CA  . HIS B 1 29 ? 9.537   6.097   -14.454 1.00 12.89 ? 29  HIS B CA  1 
ATOM   604 C C   . HIS B 1 29 ? 9.371   4.649   -14.004 1.00 12.31 ? 29  HIS B C   1 
ATOM   605 O O   . HIS B 1 29 ? 10.255  3.817   -14.222 1.00 13.86 ? 29  HIS B O   1 
ATOM   606 C CB  . HIS B 1 29 ? 11.016  6.473   -14.652 1.00 14.73 ? 29  HIS B CB  1 
ATOM   607 C CG  . HIS B 1 29 ? 11.221  7.915   -14.845 1.00 18.03 ? 29  HIS B CG  1 
ATOM   608 N ND1 . HIS B 1 29 ? 10.800  8.502   -15.985 1.00 22.90 ? 29  HIS B ND1 1 
ATOM   609 C CD2 . HIS B 1 29 ? 11.791  8.866   -14.064 1.00 22.63 ? 29  HIS B CD2 1 
ATOM   610 C CE1 . HIS B 1 29 ? 11.074  9.787   -15.977 1.00 28.29 ? 29  HIS B CE1 1 
ATOM   611 N NE2 . HIS B 1 29 ? 11.673  10.014  -14.811 1.00 28.20 ? 29  HIS B NE2 1 
ATOM   612 N N   . LEU B 1 30 ? 8.216   4.344   -13.396 1.00 11.66 ? 30  LEU B N   1 
ATOM   613 C CA  . LEU B 1 30 ? 7.877   3.028   -12.884 1.00 11.89 ? 30  LEU B CA  1 
ATOM   614 C C   . LEU B 1 30 ? 6.957   2.333   -13.848 1.00 11.74 ? 30  LEU B C   1 
ATOM   615 O O   . LEU B 1 30 ? 6.734   2.739   -14.986 1.00 13.66 ? 30  LEU B O   1 
ATOM   616 C CB  . LEU B 1 30 ? 7.383   3.125   -11.445 1.00 10.76 ? 30  LEU B CB  1 
ATOM   617 C CG  . LEU B 1 30 ? 8.293   3.909   -10.488 1.00 11.23 ? 30  LEU B CG  1 
ATOM   618 C CD1 . LEU B 1 30 ? 7.672   4.015   -9.128  1.00 11.53 ? 30  LEU B CD1 1 
ATOM   619 C CD2 . LEU B 1 30 ? 9.682   3.317   -10.477 1.00 12.19 ? 30  LEU B CD2 1 
ATOM   620 N N   . ILE B 1 31 ? 6.410   1.171   -13.421 1.00 11.76 ? 31  ILE B N   1 
ATOM   621 C CA  . ILE B 1 31 ? 5.656   0.340   -14.362 1.00 12.07 ? 31  ILE B CA  1 
ATOM   622 C C   . ILE B 1 31 ? 4.273   0.839   -14.621 1.00 11.47 ? 31  ILE B C   1 
ATOM   623 O O   . ILE B 1 31 ? 3.796   0.928   -15.766 1.00 13.03 ? 31  ILE B O   1 
ATOM   624 C CB  . ILE B 1 31 ? 5.592   -1.140  -13.924 1.00 12.75 ? 31  ILE B CB  1 
ATOM   625 C CG1 . ILE B 1 31 ? 7.001   -1.731  -13.799 1.00 13.24 ? 31  ILE B CG1 1 
ATOM   626 C CG2 . ILE B 1 31 ? 4.704   -1.980  -14.802 1.00 13.86 ? 31  ILE B CG2 1 
ATOM   627 C CD1 . ILE B 1 31 ? 7.042   -3.072  -13.110 1.00 15.04 ? 31  ILE B CD1 1 
ATOM   628 N N   . LYS B 1 32 ? 3.511   1.152   -13.556 1.00 11.52 ? 32  LYS B N   1 
ATOM   629 C CA  . LYS B 1 32 ? 2.070   1.464   -13.615 1.00 10.52 ? 32  LYS B CA  1 
ATOM   630 C C   . LYS B 1 32 ? 1.669   2.004   -12.240 1.00 9.88  ? 32  LYS B C   1 
ATOM   631 O O   . LYS B 1 32 ? 2.426   1.901   -11.284 1.00 9.92  ? 32  LYS B O   1 
ATOM   632 C CB  . LYS B 1 32 ? 1.245   0.235   -13.960 1.00 11.79 ? 32  LYS B CB  1 
ATOM   633 C CG  . LYS B 1 32 ? 1.381   -0.955  -13.015 1.00 11.15 ? 32  LYS B CG  1 
ATOM   634 C CD  . LYS B 1 32 ? 0.611   -2.196  -13.454 1.00 13.53 ? 32  LYS B CD  1 
ATOM   635 C CE  . LYS B 1 32 ? 0.789   -3.340  -12.491 1.00 13.53 ? 32  LYS B CE  1 
ATOM   636 N NZ  . LYS B 1 32 ? 0.034   -4.573  -12.899 1.00 16.62 ? 32  LYS B NZ  1 
ATOM   637 N N   . GLY B 1 33 ? 0.455   2.528   -12.195 1.00 10.34 ? 33  GLY B N   1 
ATOM   638 C CA  . GLY B 1 33 ? -0.103  2.989   -10.916 1.00 9.80  ? 33  GLY B CA  1 
ATOM   639 C C   . GLY B 1 33 ? -1.605  2.831   -10.885 1.00 9.46  ? 33  GLY B C   1 
ATOM   640 O O   . GLY B 1 33 ? -2.255  2.689   -11.922 1.00 10.96 ? 33  GLY B O   1 
ATOM   641 N N   . ARG B 1 34 ? -2.139  2.875   -9.664  1.00 9.10  ? 34  ARG B N   1 
ATOM   642 C CA  . ARG B 1 34 ? -3.570  2.838   -9.448  1.00 8.84  ? 34  ARG B CA  1 
ATOM   643 C C   . ARG B 1 34 ? -3.867  3.556   -8.131  1.00 8.59  ? 34  ARG B C   1 
ATOM   644 O O   . ARG B 1 34 ? -3.035  3.534   -7.206  1.00 8.48  ? 34  ARG B O   1 
ATOM   645 C CB  . ARG B 1 34 ? -4.112  1.404   -9.407  1.00 9.74  ? 34  ARG B CB  1 
ATOM   646 C CG  . ARG B 1 34 ? -3.605  0.637   -8.178  1.00 9.61  ? 34  ARG B CG  1 
ATOM   647 C CD  . ARG B 1 34 ? -3.937  -0.833  -8.261  1.00 11.00 ? 34  ARG B CD  1 
ATOM   648 N NE  . ARG B 1 34 ? -3.469  -1.569  -7.102  1.00 11.57 ? 34  ARG B NE  1 
ATOM   649 C CZ  . ARG B 1 34 ? -4.199  -2.144  -6.148  1.00 11.24 ? 34  ARG B CZ  1 
ATOM   650 N NH1 . ARG B 1 34 ? -5.511  -2.095  -6.127  1.00 12.93 ? 34  ARG B NH1 1 
ATOM   651 N NH2 . ARG B 1 34 ? -3.574  -2.798  -5.210  1.00 12.41 ? 34  ARG B NH2 1 
ATOM   652 N N   . CYS B 1 35 ? -5.056  4.123   -8.014  1.00 8.85  ? 35  CYS B N   1 
ATOM   653 C CA  . CYS B 1 35 ? -5.547  4.575   -6.720  1.00 8.57  ? 35  CYS B CA  1 
ATOM   654 C C   . CYS B 1 35 ? -6.034  3.365   -5.909  1.00 8.52  ? 35  CYS B C   1 
ATOM   655 O O   . CYS B 1 35 ? -6.615  2.452   -6.455  1.00 10.23 ? 35  CYS B O   1 
ATOM   656 C CB  . CYS B 1 35 ? -6.719  5.549   -6.876  1.00 9.36  ? 35  CYS B CB  1 
ATOM   657 S SG  . CYS B 1 35 ? -6.358  6.995   -7.901  1.00 10.53 ? 35  CYS B SG  1 
ATOM   658 N N   . ARG B 1 36 ? -5.844  3.418   -4.613  1.00 8.50  ? 36  ARG B N   1 
ATOM   659 C CA  . ARG B 1 36 ? -6.381  2.400   -3.724  1.00 8.77  ? 36  ARG B CA  1 
ATOM   660 C C   . ARG B 1 36 ? -7.437  2.978   -2.819  1.00 9.03  ? 36  ARG B C   1 
ATOM   661 O O   . ARG B 1 36 ? -7.834  4.118   -2.932  1.00 9.95  ? 36  ARG B O   1 
ATOM   662 C CB  . ARG B 1 36 ? -5.225  1.701   -2.956  1.00 8.78  ? 36  ARG B CB  1 
ATOM   663 C CG  . ARG B 1 36 ? -4.364  0.879   -3.879  1.00 8.97  ? 36  ARG B CG  1 
ATOM   664 C CD  . ARG B 1 36 ? -3.284  0.139   -3.152  1.00 9.24  ? 36  ARG B CD  1 
ATOM   665 N NE  . ARG B 1 36 ? -3.865  -0.936  -2.337  1.00 9.10  ? 36  ARG B NE  1 
ATOM   666 C CZ  . ARG B 1 36 ? -3.148  -1.661  -1.498  1.00 9.27  ? 36  ARG B CZ  1 
ATOM   667 N NH1 . ARG B 1 36 ? -1.872  -1.400  -1.323  1.00 9.69  ? 36  ARG B NH1 1 
ATOM   668 N NH2 . ARG B 1 36 ? -3.715  -2.633  -0.829  1.00 11.06 ? 36  ARG B NH2 1 
ATOM   669 N N   . ASP B 1 37 ? -7.968  2.119   -1.942  1.00 9.47  ? 37  ASP B N   1 
ATOM   670 C CA  . ASP B 1 37 ? -9.086  2.462   -1.068  1.00 10.68 ? 37  ASP B CA  1 
ATOM   671 C C   . ASP B 1 37 ? -8.733  3.465   -0.006  1.00 10.65 ? 37  ASP B C   1 
ATOM   672 O O   . ASP B 1 37 ? -9.650  3.984   0.662   1.00 12.50 ? 37  ASP B O   1 
ATOM   673 C CB  . ASP B 1 37 ? -9.710  1.193   -0.491  1.00 11.28 ? 37  ASP B CB  1 
ATOM   674 C CG  . ASP B 1 37 ? -8.812  0.353   0.376   1.00 10.15 ? 37  ASP B CG  1 
ATOM   675 O OD1 . ASP B 1 37 ? -7.597  0.647   0.459   1.00 9.82  ? 37  ASP B OD1 1 
ATOM   676 O OD2 . ASP B 1 37 ? -9.351  -0.624  0.997   1.00 11.82 ? 37  ASP B OD2 1 
ATOM   677 N N   . ASP B 1 38 ? -7.469  3.803   0.147   1.00 9.68  ? 38  ASP B N   1 
ATOM   678 C CA  . ASP B 1 38 ? -6.996  4.895   0.951   1.00 10.15 ? 38  ASP B CA  1 
ATOM   679 C C   . ASP B 1 38 ? -7.017  6.241   0.211   1.00 10.24 ? 38  ASP B C   1 
ATOM   680 O O   . ASP B 1 38 ? -6.637  7.283   0.746   1.00 11.72 ? 38  ASP B O   1 
ATOM   681 C CB  . ASP B 1 38 ? -5.597  4.605   1.501   1.00 10.05 ? 38  ASP B CB  1 
ATOM   682 C CG  . ASP B 1 38 ? -4.579  4.323   0.414   1.00 9.24  ? 38  ASP B CG  1 
ATOM   683 O OD1 . ASP B 1 38 ? -4.904  4.323   -0.786  1.00 9.06  ? 38  ASP B OD1 1 
ATOM   684 O OD2 . ASP B 1 38 ? -3.405  4.119   0.846   1.00 8.95  ? 38  ASP B OD2 1 
ATOM   685 N N   . PHE B 1 39 ? -7.425  6.230   -1.053  1.00 9.57  ? 39  PHE B N   1 
ATOM   686 C CA  . PHE B 1 39 ? -7.399  7.410   -1.910  1.00 9.88  ? 39  PHE B CA  1 
ATOM   687 C C   . PHE B 1 39 ? -6.007  7.996   -2.043  1.00 9.66  ? 39  PHE B C   1 
ATOM   688 O O   . PHE B 1 39 ? -5.821  9.202   -2.208  1.00 11.00 ? 39  PHE B O   1 
ATOM   689 C CB  . PHE B 1 39 ? -8.454  8.472   -1.497  1.00 12.31 ? 39  PHE B CB  1 
ATOM   690 C CG  . PHE B 1 39 ? -9.821  7.808   -1.407  1.00 13.63 ? 39  PHE B CG  1 
ATOM   691 C CD1 . PHE B 1 39 ? -10.481 7.745   -0.197  1.00 16.06 ? 39  PHE B CD1 1 
ATOM   692 C CD2 . PHE B 1 39 ? -10.378 7.227   -2.549  1.00 15.71 ? 39  PHE B CD2 1 
ATOM   693 C CE1 . PHE B 1 39 ? -11.709 7.086   -0.138  1.00 19.46 ? 39  PHE B CE1 1 
ATOM   694 C CE2 . PHE B 1 39 ? -11.602 6.568   -2.516  1.00 18.11 ? 39  PHE B CE2 1 
ATOM   695 C CZ  . PHE B 1 39 ? -12.207 6.502   -1.296  1.00 19.10 ? 39  PHE B CZ  1 
ATOM   696 N N   . ARG B 1 40 ? -5.016  7.110   -2.048  1.00 9.09  ? 40  ARG B N   1 
ATOM   697 C CA  . ARG B 1 40 ? -3.643  7.437   -2.387  1.00 8.69  ? 40  ARG B CA  1 
ATOM   698 C C   . ARG B 1 40 ? -3.268  6.726   -3.662  1.00 8.02  ? 40  ARG B C   1 
ATOM   699 O O   . ARG B 1 40 ? -3.858  5.718   -4.071  1.00 8.25  ? 40  ARG B O   1 
ATOM   700 C CB  A ARG B 1 40 ? -2.710  7.138   -1.224  0.56 9.65  ? 40  ARG B CB  1 
ATOM   701 C CB  B ARG B 1 40 ? -2.705  6.961   -1.282  0.44 11.83 ? 40  ARG B CB  1 
ATOM   702 C CG  A ARG B 1 40 ? -3.000  8.076   -0.042  0.56 10.27 ? 40  ARG B CG  1 
ATOM   703 C CG  B ARG B 1 40 ? -3.069  7.389   0.116   0.44 13.61 ? 40  ARG B CG  1 
ATOM   704 C CD  A ARG B 1 40 ? -2.016  7.858   1.076   0.56 12.11 ? 40  ARG B CD  1 
ATOM   705 C CD  B ARG B 1 40 ? -2.407  8.618   0.580   0.44 19.70 ? 40  ARG B CD  1 
ATOM   706 N NE  A ARG B 1 40 ? -2.150  6.600   1.709   0.56 10.97 ? 40  ARG B NE  1 
ATOM   707 N NE  B ARG B 1 40 ? -1.052  8.986   0.284   0.44 20.29 ? 40  ARG B NE  1 
ATOM   708 C CZ  A ARG B 1 40 ? -1.518  6.139   2.760   0.56 11.16 ? 40  ARG B CZ  1 
ATOM   709 C CZ  B ARG B 1 40 ? 0.002   8.881   1.066   0.44 17.29 ? 40  ARG B CZ  1 
ATOM   710 N NH1 A ARG B 1 40 ? -0.633  6.891   3.434   0.56 15.53 ? 40  ARG B NH1 1 
ATOM   711 N NH1 B ARG B 1 40 ? -0.010  8.385   2.288   0.44 23.51 ? 40  ARG B NH1 1 
ATOM   712 N NH2 A ARG B 1 40 ? -1.666  4.968   3.338   0.56 14.82 ? 40  ARG B NH2 1 
ATOM   713 N NH2 B ARG B 1 40 ? 1.168   9.299   0.566   0.44 16.75 ? 40  ARG B NH2 1 
ATOM   714 N N   . CYS B 1 41 ? -2.231  7.252   -4.325  1.00 8.24  ? 41  CYS B N   1 
ATOM   715 C CA  . CYS B 1 41 ? -1.644  6.691   -5.539  1.00 8.26  ? 41  CYS B CA  1 
ATOM   716 C C   . CYS B 1 41 ? -0.552  5.714   -5.160  1.00 7.67  ? 41  CYS B C   1 
ATOM   717 O O   . CYS B 1 41 ? 0.336   6.048   -4.387  1.00 8.22  ? 41  CYS B O   1 
ATOM   718 C CB  . CYS B 1 41 ? -1.093  7.827   -6.388  1.00 8.64  ? 41  CYS B CB  1 
ATOM   719 S SG  . CYS B 1 41 ? -0.164  7.318   -7.844  1.00 9.01  ? 41  CYS B SG  1 
ATOM   720 N N   . TRP B 1 42 ? -0.667  4.500   -5.714  1.00 7.74  ? 42  TRP B N   1 
ATOM   721 C CA  . TRP B 1 42 ? 0.286   3.433   -5.503  1.00 7.61  ? 42  TRP B CA  1 
ATOM   722 C C   . TRP B 1 42 ? 0.915   3.032   -6.825  1.00 7.80  ? 42  TRP B C   1 
ATOM   723 O O   . TRP B 1 42 ? 0.199   2.751   -7.805  1.00 8.74  ? 42  TRP B O   1 
ATOM   724 C CB  . TRP B 1 42 ? -0.413  2.218   -4.864  1.00 7.92  ? 42  TRP B CB  1 
ATOM   725 C CG  . TRP B 1 42 ? -0.869  2.441   -3.457  1.00 7.94  ? 42  TRP B CG  1 
ATOM   726 C CD1 . TRP B 1 42 ? -1.875  3.245   -3.026  1.00 8.17  ? 42  TRP B CD1 1 
ATOM   727 C CD2 . TRP B 1 42 ? -0.307  1.806   -2.294  1.00 7.89  ? 42  TRP B CD2 1 
ATOM   728 N NE1 . TRP B 1 42 ? -1.983  3.130   -1.695  1.00 8.70  ? 42  TRP B NE1 1 
ATOM   729 C CE2 . TRP B 1 42 ? -1.034  2.264   -1.183  1.00 8.75  ? 42  TRP B CE2 1 
ATOM   730 C CE3 . TRP B 1 42 ? 0.723   0.875   -2.092  1.00 8.48  ? 42  TRP B CE3 1 
ATOM   731 C CZ2 . TRP B 1 42 ? -0.758  1.836   0.107   1.00 9.36  ? 42  TRP B CZ2 1 
ATOM   732 C CZ3 . TRP B 1 42 ? 0.984   0.469   -0.812  1.00 9.40  ? 42  TRP B CZ3 1 
ATOM   733 C CH2 . TRP B 1 42 ? 0.242   0.944   0.288   1.00 10.00 ? 42  TRP B CH2 1 
ATOM   734 N N   . CYS B 1 43 ? 2.234   3.005   -6.857  1.00 8.08  ? 43  CYS B N   1 
ATOM   735 C CA  . CYS B 1 43 ? 2.986   2.622   -8.047  1.00 8.54  ? 43  CYS B CA  1 
ATOM   736 C C   . CYS B 1 43 ? 3.520   1.208   -7.913  1.00 8.57  ? 43  CYS B C   1 
ATOM   737 O O   . CYS B 1 43 ? 3.920   0.786   -6.824  1.00 9.40  ? 43  CYS B O   1 
ATOM   738 C CB  . CYS B 1 43 ? 4.197   3.546   -8.269  1.00 9.14  ? 43  CYS B CB  1 
ATOM   739 S SG  . CYS B 1 43 ? 3.862   5.312   -8.390  1.00 9.29  ? 43  CYS B SG  1 
ATOM   740 N N   . THR B 1 44 ? 3.607   0.513   -9.045  1.00 8.98  ? 44  THR B N   1 
ATOM   741 C CA  . THR B 1 44 ? 4.290   -0.764  -9.143  1.00 9.66  ? 44  THR B CA  1 
ATOM   742 C C   . THR B 1 44 ? 5.605   -0.579  -9.883  1.00 9.99  ? 44  THR B C   1 
ATOM   743 O O   . THR B 1 44 ? 5.656   0.125   -10.870 1.00 11.13 ? 44  THR B O   1 
ATOM   744 C CB  . THR B 1 44 ? 3.420   -1.783  -9.895  1.00 11.21 ? 44  THR B CB  1 
ATOM   745 O OG1 . THR B 1 44 ? 2.206   -1.954  -9.129  1.00 11.98 ? 44  THR B OG1 1 
ATOM   746 C CG2 . THR B 1 44 ? 4.082   -3.139  -10.029 1.00 12.56 ? 44  THR B CG2 1 
ATOM   747 N N   . ARG B 1 45 ? 6.647   -1.200  -9.353  1.00 10.73 ? 45  ARG B N   1 
ATOM   748 C CA  . ARG B 1 45 ? 8.000   -1.066  -9.886  1.00 11.36 ? 45  ARG B CA  1 
ATOM   749 C C   . ARG B 1 45 ? 8.669   -2.452  -9.902  1.00 12.02 ? 45  ARG B C   1 
ATOM   750 O O   . ARG B 1 45 ? 8.351   -3.353  -9.148  1.00 13.16 ? 45  ARG B O   1 
ATOM   751 C CB  . ARG B 1 45 ? 8.811   -0.125  -8.998  1.00 11.64 ? 45  ARG B CB  1 
ATOM   752 C CG  . ARG B 1 45 ? 9.186   -0.670  -7.639  1.00 12.87 ? 45  ARG B CG  1 
ATOM   753 C CD  . ARG B 1 45 ? 9.925   0.345   -6.775  1.00 15.05 ? 45  ARG B CD  1 
ATOM   754 N NE  . ARG B 1 45 ? 10.430  -0.229  -5.531  1.00 18.08 ? 45  ARG B NE  1 
ATOM   755 C CZ  . ARG B 1 45 ? 9.827   -0.574  -4.435  1.00 23.65 ? 45  ARG B CZ  1 
ATOM   756 N NH1 . ARG B 1 45 ? 8.513   -0.378  -4.287  1.00 22.39 ? 45  ARG B NH1 1 
ATOM   757 N NH2 . ARG B 1 45 ? 10.488  -1.120  -3.407  1.00 29.52 ? 45  ARG B NH2 1 
ATOM   758 N N   . ASN B 1 46 ? 9.690   -2.552  -10.770 1.00 12.85 ? 46  ASN B N   1 
ATOM   759 C CA  . ASN B 1 46 ? 10.619  -3.656  -10.684 1.00 14.32 ? 46  ASN B CA  1 
ATOM   760 C C   . ASN B 1 46 ? 11.439  -3.537  -9.397  1.00 14.50 ? 46  ASN B C   1 
ATOM   761 O O   . ASN B 1 46 ? 11.884  -2.427  -9.068  1.00 16.33 ? 46  ASN B O   1 
ATOM   762 C CB  . ASN B 1 46 ? 11.576  -3.651  -11.881 1.00 15.89 ? 46  ASN B CB  1 
ATOM   763 C CG  . ASN B 1 46 ? 10.894  -3.639  -13.225 1.00 19.99 ? 46  ASN B CG  1 
ATOM   764 O OD1 . ASN B 1 46 ? 11.066  -2.772  -14.102 1.00 24.51 ? 46  ASN B OD1 1 
ATOM   765 N ND2 . ASN B 1 46 ? 10.120  -4.684  -13.394 1.00 23.57 ? 46  ASN B ND2 1 
ATOM   766 N N   . CYS B 1 47 ? 11.645  -4.624  -8.639  1.00 17.48 ? 47  CYS B N   1 
ATOM   767 C CA  . CYS B 1 47 ? 12.407  -4.507  -7.392  1.00 18.59 ? 47  CYS B CA  1 
ATOM   768 C C   . CYS B 1 47 ? 13.274  -5.693  -7.058  1.00 19.15 ? 47  CYS B C   1 
ATOM   769 O O   . CYS B 1 47 ? 13.258  -6.664  -7.835  1.00 21.01 ? 47  CYS B O   1 
ATOM   770 C CB  . CYS B 1 47 ? 11.434  -4.182  -6.223  1.00 17.69 ? 47  CYS B CB  1 
ATOM   771 S SG  . CYS B 1 47 ? 10.220  -5.447  -6.016  1.00 17.37 ? 47  CYS B SG  1 
ATOM   772 O OXT . CYS B 1 47 ? 13.997  -5.583  -6.011  1.00 22.23 ? 47  CYS B OXT 1 
HETATM 773 O O   . HOH C 2 .  ? 1.384   4.113   19.076  1.00 14.59 ? 48  HOH A O   1 
HETATM 774 O O   . HOH C 2 .  ? 4.339   5.754   4.299   1.00 27.20 ? 49  HOH A O   1 
HETATM 775 O O   . HOH C 2 .  ? -12.363 -3.556  2.424   1.00 37.01 ? 50  HOH A O   1 
HETATM 776 O O   . HOH C 2 .  ? -7.307  5.201   4.791   1.00 17.01 ? 51  HOH A O   1 
HETATM 777 O O   . HOH C 2 .  ? 6.231   5.821   6.140   1.00 37.67 ? 52  HOH A O   1 
HETATM 778 O O   . HOH C 2 .  ? 9.598   -8.107  4.521   1.00 18.36 ? 53  HOH A O   1 
HETATM 779 O O   . HOH C 2 .  ? -1.723  -9.479  5.680   1.00 12.84 ? 54  HOH A O   1 
HETATM 780 O O   . HOH C 2 .  ? -1.580  10.660  20.374  1.00 17.35 ? 55  HOH A O   1 
HETATM 781 O O   . HOH C 2 .  ? -7.701  3.995   12.030  1.00 22.14 ? 56  HOH A O   1 
HETATM 782 O O   . HOH C 2 .  ? 12.289  -8.633  4.150   1.00 18.84 ? 57  HOH A O   1 
HETATM 783 O O   . HOH C 2 .  ? 3.217   -10.712 10.359  1.00 23.43 ? 58  HOH A O   1 
HETATM 784 O O   . HOH C 2 .  ? 9.660   3.246   5.148   1.00 33.80 ? 59  HOH A O   1 
HETATM 785 O O   . HOH C 2 .  ? 8.435   -3.916  3.356   1.00 19.54 ? 60  HOH A O   1 
HETATM 786 O O   . HOH C 2 .  ? -8.029  2.439   7.822   1.00 13.87 ? 61  HOH A O   1 
HETATM 787 O O   . HOH C 2 .  ? 8.598   -10.244 6.254   1.00 19.55 ? 62  HOH A O   1 
HETATM 788 O O   . HOH C 2 .  ? -1.582  3.952   12.137  1.00 13.85 ? 63  HOH A O   1 
HETATM 789 O O   . HOH C 2 .  ? 2.583   -7.887  12.319  1.00 34.69 ? 64  HOH A O   1 
HETATM 790 O O   . HOH C 2 .  ? 11.496  -6.936  7.994   1.00 28.77 ? 65  HOH A O   1 
HETATM 791 O O   . HOH C 2 .  ? -9.178  -17.370 8.748   1.00 31.17 ? 66  HOH A O   1 
HETATM 792 O O   . HOH C 2 .  ? -8.915  -9.660  2.337   1.00 20.80 ? 67  HOH A O   1 
HETATM 793 O O   . HOH C 2 .  ? -9.164  -7.094  3.269   1.00 16.85 ? 68  HOH A O   1 
HETATM 794 O O   . HOH C 2 .  ? 0.957   3.466   11.249  1.00 15.54 ? 69  HOH A O   1 
HETATM 795 O O   . HOH C 2 .  ? -0.887  -13.900 4.315   1.00 27.83 ? 70  HOH A O   1 
HETATM 796 O O   . HOH C 2 .  ? -1.313  8.314   21.492  1.00 18.57 ? 71  HOH A O   1 
HETATM 797 O O   . HOH C 2 .  ? 3.194   3.857   7.227   1.00 20.60 ? 72  HOH A O   1 
HETATM 798 O O   . HOH C 2 .  ? 0.604   4.181   16.382  1.00 22.60 ? 73  HOH A O   1 
HETATM 799 O O   . HOH C 2 .  ? -3.065  -4.973  0.713   1.00 16.75 ? 74  HOH A O   1 
HETATM 800 O O   . HOH C 2 .  ? 6.106   6.000   2.256   1.00 31.47 ? 75  HOH A O   1 
HETATM 801 O O   . HOH C 2 .  ? 0.238   8.060   11.058  1.00 24.97 ? 76  HOH A O   1 
HETATM 802 O O   . HOH C 2 .  ? 6.826   -6.147  0.512   1.00 32.23 ? 77  HOH A O   1 
HETATM 803 O O   . HOH C 2 .  ? -0.491  -17.257 9.850   1.00 25.79 ? 78  HOH A O   1 
HETATM 804 O O   . HOH C 2 .  ? -14.916 -14.019 7.508   1.00 18.37 ? 79  HOH A O   1 
HETATM 805 O O   . HOH C 2 .  ? -10.617 -2.841  4.224   1.00 23.68 ? 80  HOH A O   1 
HETATM 806 O O   . HOH C 2 .  ? -7.068  -9.951  0.464   1.00 37.68 ? 81  HOH A O   1 
HETATM 807 O O   . HOH C 2 .  ? -5.568  -6.180  0.210   1.00 25.63 ? 82  HOH A O   1 
HETATM 808 O O   . HOH C 2 .  ? -3.037  -3.976  15.594  1.00 23.69 ? 83  HOH A O   1 
HETATM 809 O O   . HOH C 2 .  ? -12.011 -14.248 8.748   1.00 21.00 ? 84  HOH A O   1 
HETATM 810 O O   . HOH C 2 .  ? -4.986  -3.083  13.804  1.00 14.74 ? 85  HOH A O   1 
HETATM 811 O O   . HOH C 2 .  ? -1.985  -1.814  16.442  1.00 29.66 ? 86  HOH A O   1 
HETATM 812 O O   . HOH C 2 .  ? 3.140   8.125   11.081  1.00 20.66 ? 87  HOH A O   1 
HETATM 813 O O   . HOH C 2 .  ? 6.959   0.377   16.787  1.00 28.21 ? 88  HOH A O   1 
HETATM 814 O O   . HOH C 2 .  ? 10.353  -1.833  11.835  1.00 29.53 ? 89  HOH A O   1 
HETATM 815 O O   . HOH C 2 .  ? 9.457   1.639   2.941   1.00 33.36 ? 91  HOH A O   1 
HETATM 816 O O   . HOH C 2 .  ? 4.520   8.653   9.018   1.00 34.52 ? 95  HOH A O   1 
HETATM 817 O O   . HOH C 2 .  ? -4.965  6.297   5.274   1.00 36.24 ? 96  HOH A O   1 
HETATM 818 O O   . HOH C 2 .  ? -8.759  -19.695 6.983   1.00 27.14 ? 97  HOH A O   1 
HETATM 819 O O   . HOH C 2 .  ? 7.047   -3.534  16.519  1.00 32.33 ? 101 HOH A O   1 
HETATM 820 O O   . HOH C 2 .  ? 6.869   -6.147  13.311  1.00 28.96 ? 105 HOH A O   1 
HETATM 821 O O   . HOH C 2 .  ? -3.141  4.448   9.799   1.00 28.21 ? 106 HOH A O   1 
HETATM 822 O O   . HOH C 2 .  ? 3.273   -11.091 15.280  1.00 35.09 ? 107 HOH A O   1 
HETATM 823 O O   . HOH C 2 .  ? -16.878 -7.619  9.231   1.00 28.64 ? 109 HOH A O   1 
HETATM 824 O O   . HOH C 2 .  ? -6.504  -5.503  19.069  1.00 35.32 ? 110 HOH A O   1 
HETATM 825 O O   . HOH C 2 .  ? 2.902   -13.828 15.890  1.00 39.73 ? 111 HOH A O   1 
HETATM 826 O O   . HOH C 2 .  ? -12.726 1.098   2.445   1.00 33.87 ? 113 HOH A O   1 
HETATM 827 O O   . HOH C 2 .  ? -2.434  -9.510  3.003   1.00 26.16 ? 116 HOH A O   1 
HETATM 828 O O   . HOH C 2 .  ? -5.671  1.811   18.087  1.00 29.48 ? 121 HOH A O   1 
HETATM 829 O O   . HOH C 2 .  ? 4.041   -9.643  12.564  1.00 24.67 ? 122 HOH A O   1 
HETATM 830 O O   . HOH C 2 .  ? -14.325 -14.297 11.282  1.00 34.73 ? 123 HOH A O   1 
HETATM 831 O O   . HOH C 2 .  ? -3.194  -14.948 5.193   1.00 37.60 ? 125 HOH A O   1 
HETATM 832 O O   . HOH C 2 .  ? -12.126 -2.909  6.991   1.00 24.32 ? 128 HOH A O   1 
HETATM 833 O O   . HOH C 2 .  ? 2.371   4.493   13.470  1.00 23.33 ? 129 HOH A O   1 
HETATM 834 O O   . HOH C 2 .  ? 7.027   4.184   0.824   1.00 21.97 ? 130 HOH A O   1 
HETATM 835 O O   . HOH C 2 .  ? -5.680  -0.903  15.407  1.00 25.60 ? 132 HOH A O   1 
HETATM 836 O O   . HOH C 2 .  ? 4.263   2.658   14.226  1.00 30.95 ? 134 HOH A O   1 
HETATM 837 O O   . HOH C 2 .  ? 5.758   0.245   13.310  1.00 25.70 ? 135 HOH A O   1 
HETATM 838 O O   . HOH C 2 .  ? 5.909   -1.304  14.983  1.00 33.75 ? 138 HOH A O   1 
HETATM 839 O O   . HOH C 2 .  ? 0.578   -15.954 5.731   1.00 36.39 ? 141 HOH A O   1 
HETATM 840 O O   . HOH C 2 .  ? 1.995   -6.027  -2.313  1.00 33.00 ? 143 HOH A O   1 
HETATM 841 O O   . HOH C 2 .  ? 9.315   -17.005 3.138   1.00 29.88 ? 147 HOH A O   1 
HETATM 842 O O   . HOH C 2 .  ? 11.650  -11.185 5.882   1.00 34.96 ? 149 HOH A O   1 
HETATM 843 O O   . HOH C 2 .  ? 11.270  -17.008 6.351   1.00 37.82 ? 154 HOH A O   1 
HETATM 844 O O   . HOH C 2 .  ? 6.714   8.789   5.923   1.00 33.68 ? 155 HOH A O   1 
HETATM 845 O O   . HOH C 2 .  ? 2.282   -20.030 3.865   1.00 32.82 ? 157 HOH A O   1 
HETATM 846 O O   . HOH C 2 .  ? 3.428   -6.870  14.174  1.00 37.83 ? 159 HOH A O   1 
HETATM 847 O O   . HOH C 2 .  ? 3.641   8.108   4.309   1.00 38.29 ? 163 HOH A O   1 
HETATM 848 O O   . HOH C 2 .  ? -14.072 -10.831 13.603  1.00 39.61 ? 165 HOH A O   1 
HETATM 849 O O   . HOH C 2 .  ? 7.682   10.531  8.049   1.00 31.96 ? 167 HOH A O   1 
HETATM 850 O O   . HOH C 2 .  ? 13.126  -9.115  6.702   1.00 37.11 ? 172 HOH A O   1 
HETATM 851 O O   . HOH C 2 .  ? -0.593  -16.827 15.047  1.00 36.26 ? 173 HOH A O   1 
HETATM 852 O O   . HOH C 2 .  ? 0.972   4.469   8.775   1.00 20.08 ? 174 HOH A O   1 
HETATM 853 O O   . HOH C 2 .  ? -1.267  3.795   7.442   1.00 23.51 ? 175 HOH A O   1 
HETATM 854 O O   . HOH C 2 .  ? -8.906  4.993   7.095   1.00 25.28 ? 176 HOH A O   1 
HETATM 855 O O   . HOH C 2 .  ? -11.457 5.642   6.167   1.00 35.81 ? 177 HOH A O   1 
HETATM 856 O O   . HOH C 2 .  ? -2.984  10.400  18.031  1.00 22.39 ? 178 HOH A O   1 
HETATM 857 O O   . HOH C 2 .  ? -5.658  9.482   18.847  1.00 35.77 ? 179 HOH A O   1 
HETATM 858 O O   . HOH C 2 .  ? -0.701  -6.121  18.070  1.00 35.92 ? 180 HOH A O   1 
HETATM 859 O O   . HOH C 2 .  ? -1.600  -8.160  19.278  1.00 36.93 ? 181 HOH A O   1 
HETATM 860 O O   . HOH D 2 .  ? -1.290  -1.092  -10.606 1.00 17.80 ? 48  HOH B O   1 
HETATM 861 O O   . HOH D 2 .  ? -9.669  2.393   -13.609 1.00 14.23 ? 49  HOH B O   1 
HETATM 862 O O   . HOH D 2 .  ? -7.139  -0.893  -2.678  1.00 18.26 ? 50  HOH B O   1 
HETATM 863 O O   . HOH D 2 .  ? 6.735   0.966   -6.096  1.00 15.81 ? 51  HOH B O   1 
HETATM 864 O O   . HOH D 2 .  ? -0.771  9.367   -3.080  1.00 11.38 ? 52  HOH B O   1 
HETATM 865 O O   . HOH D 2 .  ? 10.038  -0.074  -12.281 1.00 14.53 ? 53  HOH B O   1 
HETATM 866 O O   . HOH D 2 .  ? -1.743  15.527  -8.515  1.00 30.22 ? 54  HOH B O   1 
HETATM 867 O O   . HOH D 2 .  ? 1.398   -4.561  -8.534  1.00 16.04 ? 55  HOH B O   1 
HETATM 868 O O   . HOH D 2 .  ? 8.641   -13.351 -5.814  1.00 34.09 ? 56  HOH B O   1 
HETATM 869 O O   . HOH D 2 .  ? 1.813   9.256   -2.046  1.00 16.00 ? 57  HOH B O   1 
HETATM 870 O O   . HOH D 2 .  ? 2.751   12.580  -15.030 1.00 31.38 ? 58  HOH B O   1 
HETATM 871 O O   . HOH D 2 .  ? -12.294 3.501   1.000   1.00 24.39 ? 59  HOH B O   1 
HETATM 872 O O   . HOH D 2 .  ? 0.909   -6.255  -10.602 1.00 21.63 ? 60  HOH B O   1 
HETATM 873 O O   . HOH D 2 .  ? 0.926   15.302  -8.433  1.00 21.73 ? 61  HOH B O   1 
HETATM 874 O O   . HOH D 2 .  ? 8.626   10.770  -18.523 1.00 23.63 ? 62  HOH B O   1 
HETATM 875 O O   . HOH D 2 .  ? 6.029   15.007  -8.162  1.00 25.73 ? 63  HOH B O   1 
HETATM 876 O O   . HOH D 2 .  ? 9.920   1.117   -14.891 1.00 17.47 ? 64  HOH B O   1 
HETATM 877 O O   . HOH D 2 .  ? 7.015   4.352   -1.615  1.00 19.58 ? 65  HOH B O   1 
HETATM 878 O O   . HOH D 2 .  ? -1.444  12.024  -2.383  1.00 15.05 ? 66  HOH B O   1 
HETATM 879 O O   . HOH D 2 .  ? 0.333   0.006   -8.648  1.00 11.40 ? 67  HOH B O   1 
HETATM 880 O O   . HOH D 2 .  ? 10.328  4.046   -17.948 1.00 27.52 ? 68  HOH B O   1 
HETATM 881 O O   . HOH D 2 .  ? -6.923  11.559  -8.906  1.00 32.81 ? 69  HOH B O   1 
HETATM 882 O O   . HOH D 2 .  ? 7.859   4.287   -16.950 1.00 17.34 ? 70  HOH B O   1 
HETATM 883 O O   . HOH D 2 .  ? 8.932   -7.803  1.813   1.00 25.25 ? 71  HOH B O   1 
HETATM 884 O O   . HOH D 2 .  ? 4.451   -5.376  -3.210  1.00 22.21 ? 72  HOH B O   1 
HETATM 885 O O   . HOH D 2 .  ? -8.909  6.549   -14.735 1.00 17.52 ? 73  HOH B O   1 
HETATM 886 O O   . HOH D 2 .  ? -10.373 5.466   -11.101 1.00 18.81 ? 74  HOH B O   1 
HETATM 887 O O   . HOH D 2 .  ? 2.236   13.987  -10.418 1.00 26.40 ? 75  HOH B O   1 
HETATM 888 O O   . HOH D 2 .  ? 11.606  6.632   -9.483  1.00 23.99 ? 76  HOH B O   1 
HETATM 889 O O   . HOH D 2 .  ? -4.601  2.434   -13.322 1.00 17.26 ? 77  HOH B O   1 
HETATM 890 O O   . HOH D 2 .  ? -11.973 -0.924  1.046   1.00 24.69 ? 78  HOH B O   1 
HETATM 891 O O   . HOH D 2 .  ? -5.237  13.505  -9.454  1.00 29.17 ? 79  HOH B O   1 
HETATM 892 O O   . HOH D 2 .  ? 8.354   12.050  -7.370  1.00 19.46 ? 80  HOH B O   1 
HETATM 893 O O   . HOH D 2 .  ? 10.179  12.487  -19.931 1.00 26.91 ? 81  HOH B O   1 
HETATM 894 O O   . HOH D 2 .  ? -4.834  14.661  -6.907  1.00 22.54 ? 82  HOH B O   1 
HETATM 895 O O   . HOH D 2 .  ? -5.180  8.102   3.141   1.00 25.42 ? 83  HOH B O   1 
HETATM 896 O O   . HOH D 2 .  ? 13.045  4.769   -17.405 1.00 25.51 ? 84  HOH B O   1 
HETATM 897 O O   . HOH D 2 .  ? 2.105   17.668  -8.697  1.00 31.87 ? 85  HOH B O   1 
HETATM 898 O O   . HOH D 2 .  ? 6.835   -10.022 -7.447  1.00 21.95 ? 86  HOH B O   1 
HETATM 899 O O   . HOH D 2 .  ? 14.944  -7.773  -4.704  1.00 25.67 ? 87  HOH B O   1 
HETATM 900 O O   . HOH D 2 .  ? 6.021   -4.169  -17.141 1.00 24.82 ? 88  HOH B O   1 
HETATM 901 O O   . HOH D 2 .  ? 7.056   10.019  -20.448 1.00 16.58 ? 89  HOH B O   1 
HETATM 902 O O   . HOH D 2 .  ? 3.883   -5.423  -12.980 1.00 28.11 ? 90  HOH B O   1 
HETATM 903 O O   . HOH D 2 .  ? 5.024   6.489   -20.612 1.00 27.58 ? 91  HOH B O   1 
HETATM 904 O O   . HOH D 2 .  ? -0.989  12.775  -12.478 1.00 28.19 ? 92  HOH B O   1 
HETATM 905 O O   . HOH D 2 .  ? 9.387   -2.381  -16.762 1.00 30.78 ? 93  HOH B O   1 
HETATM 906 O O   . HOH D 2 .  ? -0.701  15.886  -1.284  1.00 27.20 ? 94  HOH B O   1 
HETATM 907 O O   . HOH D 2 .  ? 12.433  0.999   -11.569 1.00 27.37 ? 95  HOH B O   1 
HETATM 908 O O   . HOH D 2 .  ? 13.502  -1.126  -13.086 1.00 29.98 ? 96  HOH B O   1 
HETATM 909 O O   . HOH D 2 .  ? -5.898  10.990  0.352   1.00 38.48 ? 97  HOH B O   1 
HETATM 910 O O   . HOH D 2 .  ? -8.700  -2.648  -1.427  1.00 30.17 ? 98  HOH B O   1 
HETATM 911 O O   . HOH D 2 .  ? 10.681  -6.230  0.755   1.00 30.08 ? 99  HOH B O   1 
HETATM 912 O O   . HOH D 2 .  ? -6.363  -3.610  -1.690  1.00 27.25 ? 100 HOH B O   1 
HETATM 913 O O   . HOH D 2 .  ? 6.484   -6.573  -18.885 1.00 28.63 ? 101 HOH B O   1 
HETATM 914 O O   . HOH D 2 .  ? 13.134  -6.935  -2.588  1.00 29.42 ? 102 HOH B O   1 
HETATM 915 O O   . HOH D 2 .  ? -2.414  -0.525  -13.025 1.00 26.04 ? 103 HOH B O   1 
HETATM 916 O O   . HOH D 2 .  ? 6.173   4.140   -5.666  1.00 32.53 ? 104 HOH B O   1 
HETATM 917 O O   . HOH D 2 .  ? 0.176   -4.287  -2.853  1.00 26.81 ? 108 HOH B O   1 
HETATM 918 O O   . HOH D 2 .  ? 13.097  -2.302  -3.350  1.00 31.97 ? 112 HOH B O   1 
HETATM 919 O O   . HOH D 2 .  ? 9.879   7.545   -18.088 1.00 38.28 ? 114 HOH B O   1 
HETATM 920 O O   . HOH D 2 .  ? 9.286   -9.773  -11.578 1.00 37.91 ? 115 HOH B O   1 
HETATM 921 O O   . HOH D 2 .  ? 7.885   5.620   -5.315  1.00 28.14 ? 117 HOH B O   1 
HETATM 922 O O   . HOH D 2 .  ? 6.286   -9.633  -10.837 1.00 27.40 ? 118 HOH B O   1 
HETATM 923 O O   . HOH D 2 .  ? -1.562  -5.605  -1.600  1.00 38.85 ? 119 HOH B O   1 
HETATM 924 O O   . HOH D 2 .  ? 1.501   13.682  -13.259 1.00 32.68 ? 120 HOH B O   1 
HETATM 925 O O   . HOH D 2 .  ? -2.780  14.370  -10.603 1.00 39.42 ? 124 HOH B O   1 
HETATM 926 O O   . HOH D 2 .  ? 8.878   2.612   -2.596  1.00 29.45 ? 126 HOH B O   1 
HETATM 927 O O   . HOH D 2 .  ? 8.068   -1.731  -1.453  1.00 25.93 ? 127 HOH B O   1 
HETATM 928 O O   . HOH D 2 .  ? -1.067  -4.663  -7.362  1.00 21.88 ? 131 HOH B O   1 
HETATM 929 O O   . HOH D 2 .  ? 6.110   -11.955 -9.268  1.00 24.23 ? 133 HOH B O   1 
HETATM 930 O O   . HOH D 2 .  ? 2.441   -0.801  -17.455 1.00 31.36 ? 136 HOH B O   1 
HETATM 931 O O   . HOH D 2 .  ? 3.432   -7.151  -10.996 1.00 30.61 ? 137 HOH B O   1 
HETATM 932 O O   . HOH D 2 .  ? 10.405  13.184  -13.069 1.00 37.05 ? 139 HOH B O   1 
HETATM 933 O O   . HOH D 2 .  ? 4.656   20.815  -2.683  1.00 35.96 ? 140 HOH B O   1 
HETATM 934 O O   . HOH D 2 .  ? 14.214  0.185   -2.620  1.00 36.81 ? 142 HOH B O   1 
HETATM 935 O O   . HOH D 2 .  ? 7.561   13.577  -9.250  1.00 35.14 ? 144 HOH B O   1 
HETATM 936 O O   . HOH D 2 .  ? 10.479  10.607  -7.972  1.00 30.81 ? 145 HOH B O   1 
HETATM 937 O O   . HOH D 2 .  ? -0.763  11.668  0.291   1.00 34.11 ? 146 HOH B O   1 
HETATM 938 O O   . HOH D 2 .  ? -9.167  13.131  -10.190 1.00 36.32 ? 148 HOH B O   1 
HETATM 939 O O   . HOH D 2 .  ? 10.689  -7.356  -12.933 1.00 37.48 ? 150 HOH B O   1 
HETATM 940 O O   . HOH D 2 .  ? 11.228  7.989   -4.959  1.00 30.41 ? 151 HOH B O   1 
HETATM 941 O O   . HOH D 2 .  ? 1.310   3.778   -20.954 1.00 26.80 ? 152 HOH B O   1 
HETATM 942 O O   . HOH D 2 .  ? 6.243   4.269   -19.464 1.00 29.43 ? 153 HOH B O   1 
HETATM 943 O O   . HOH D 2 .  ? -12.791 9.114   -11.028 1.00 35.84 ? 156 HOH B O   1 
HETATM 944 O O   . HOH D 2 .  ? 12.447  4.672   -8.299  1.00 34.86 ? 158 HOH B O   1 
HETATM 945 O O   . HOH D 2 .  ? 7.788   -8.734  -0.715  1.00 37.93 ? 160 HOH B O   1 
HETATM 946 O O   . HOH D 2 .  ? -6.594  16.640  -7.251  1.00 34.28 ? 161 HOH B O   1 
HETATM 947 O O   . HOH D 2 .  ? 7.482   -11.092 -4.325  1.00 32.51 ? 162 HOH B O   1 
HETATM 948 O O   . HOH D 2 .  ? 7.530   -3.178  0.294   1.00 39.94 ? 164 HOH B O   1 
HETATM 949 O O   . HOH D 2 .  ? 8.161   3.094   -5.478  1.00 26.73 ? 166 HOH B O   1 
HETATM 950 O O   . HOH D 2 .  ? -0.102  0.159   -17.446 1.00 31.43 ? 168 HOH B O   1 
HETATM 951 O O   . HOH D 2 .  ? 5.501   8.706   -0.558  1.00 27.84 ? 169 HOH B O   1 
HETATM 952 O O   . HOH D 2 .  ? 5.619   -5.778  -14.897 1.00 37.12 ? 170 HOH B O   1 
HETATM 953 O O   . HOH D 2 .  ? -9.775  6.367   2.885   1.00 33.36 ? 171 HOH B O   1 
HETATM 954 O O   . HOH D 2 .  ? -8.745  -0.278  -4.890  1.00 31.45 ? 182 HOH B O   1 
HETATM 955 O O   . HOH D 2 .  ? -10.972 0.062   -4.429  1.00 36.55 ? 183 HOH B O   1 
# 
loop_
_atom_site_anisotrop.id 
_atom_site_anisotrop.type_symbol 
_atom_site_anisotrop.pdbx_label_atom_id 
_atom_site_anisotrop.pdbx_label_alt_id 
_atom_site_anisotrop.pdbx_label_comp_id 
_atom_site_anisotrop.pdbx_label_asym_id 
_atom_site_anisotrop.pdbx_label_seq_id 
_atom_site_anisotrop.pdbx_PDB_ins_code 
_atom_site_anisotrop.U[1][1] 
_atom_site_anisotrop.U[2][2] 
_atom_site_anisotrop.U[3][3] 
_atom_site_anisotrop.U[1][2] 
_atom_site_anisotrop.U[1][3] 
_atom_site_anisotrop.U[2][3] 
_atom_site_anisotrop.pdbx_auth_seq_id 
_atom_site_anisotrop.pdbx_auth_comp_id 
_atom_site_anisotrop.pdbx_auth_asym_id 
_atom_site_anisotrop.pdbx_auth_atom_id 
1   N N   A LYS A 1  ? 0.2574 0.2028 0.2390 0.0633  0.0668  -0.0040 1  LYS A N   
2   C CA  A LYS A 1  ? 0.5179 0.1948 0.4029 0.1426  0.3040  0.0865  1  LYS A CA  
3   C C   A LYS A 1  ? 0.5248 0.1723 0.4066 0.1217  0.3336  0.1109  1  LYS A C   
4   O O   A LYS A 1  ? 0.4720 0.1587 0.4396 0.1781  0.2926  0.1162  1  LYS A O   
5   C CB  A LYS A 1  ? 0.3720 0.1261 0.3745 0.0872  0.1893  0.0343  1  LYS A CB  
6   C CG  A LYS A 1  ? 0.3630 0.1367 0.3126 0.0829  0.1668  0.0475  1  LYS A CG  
7   C CD  A LYS A 1  ? 0.2904 0.1354 0.3616 0.0949  0.1193  0.0808  1  LYS A CD  
8   C CE  A LYS A 1  ? 0.3743 0.1150 0.3073 0.0681  0.1588  0.0417  1  LYS A CE  
9   N NZ  . LYS A 1  ? 0.3270 0.2358 0.3576 0.0039  0.0819  0.1126  1  LYS A NZ  
10  N N   . THR A 2  ? 0.5007 0.1529 0.4637 0.0831  0.3275  0.0819  2  THR A N   
11  C CA  . THR A 2  ? 0.5121 0.1391 0.4781 0.0822  0.3373  0.0897  2  THR A CA  
12  C C   . THR A 2  ? 0.4387 0.1459 0.4856 0.0634  0.3102  0.0700  2  THR A C   
13  O O   . THR A 2  ? 0.6117 0.1160 0.6072 0.0701  0.4408  0.0768  2  THR A O   
14  C CB  . THR A 2  ? 0.5480 0.1991 0.5061 0.1176  0.3271  0.1131  2  THR A CB  
15  O OG1 . THR A 2  ? 0.5663 0.2946 0.5042 0.1007  0.3003  0.1067  2  THR A OG1 
16  C CG2 . THR A 2  ? 0.6435 0.2031 0.5374 0.0838  0.3677  0.1595  2  THR A CG2 
17  N N   . CYS A 3  ? 0.3777 0.1342 0.4164 0.0930  0.2517  0.1046  3  CYS A N   
18  C CA  . CYS A 3  ? 0.2977 0.1419 0.3858 0.0579  0.2056  0.1061  3  CYS A CA  
19  C C   . CYS A 3  ? 0.2513 0.1226 0.3064 0.0276  0.1393  0.0587  3  CYS A C   
20  O O   . CYS A 3  ? 0.2595 0.1268 0.3621 0.0366  0.1629  0.0918  3  CYS A O   
21  C CB  . CYS A 3  ? 0.3441 0.2264 0.4250 0.1125  0.1788  0.1834  3  CYS A CB  
22  S SG  . CYS A 3  ? 0.3948 0.2176 0.5359 0.1233  0.2062  0.2125  3  CYS A SG  
23  N N   . GLU A 4  ? 0.2455 0.1147 0.2526 0.0168  0.1166  0.0434  4  GLU A N   
24  C CA  . GLU A 4  ? 0.2023 0.0971 0.1942 -0.0123 0.0829  0.0175  4  GLU A CA  
25  C C   . GLU A 4  ? 0.2128 0.1106 0.1827 -0.0068 0.0730  0.0294  4  GLU A C   
26  O O   . GLU A 4  ? 0.3005 0.1219 0.2165 -0.0298 0.1195  0.0274  4  GLU A O   
27  C CB  . GLU A 4  ? 0.2396 0.1170 0.1931 -0.0238 0.0651  0.0071  4  GLU A CB  
28  C CG  . GLU A 4  ? 0.2210 0.1160 0.1954 -0.0206 0.0489  0.0037  4  GLU A CG  
29  C CD  . GLU A 4  ? 0.2081 0.1365 0.2140 -0.0580 0.0387  -0.0102 4  GLU A CD  
30  O OE1 . GLU A 4  ? 0.1836 0.1438 0.2555 -0.0546 0.0143  0.0121  4  GLU A OE1 
31  O OE2 . GLU A 4  ? 0.2786 0.1744 0.3930 -0.1090 0.0130  0.0383  4  GLU A OE2 
32  N N   . ASN A 5  ? 0.2009 0.1050 0.1664 0.0011  0.0610  0.0327  5  ASN A N   
33  C CA  . ASN A 5  ? 0.1797 0.1309 0.1558 0.0079  0.0573  0.0402  5  ASN A CA  
34  C C   . ASN A 5  ? 0.1488 0.1130 0.1462 -0.0115 0.0182  0.0277  5  ASN A C   
35  O O   . ASN A 5  ? 0.1611 0.1266 0.1438 -0.0028 0.0098  0.0343  5  ASN A O   
36  C CB  . ASN A 5  ? 0.1990 0.1682 0.1804 0.0421  0.0432  0.0521  5  ASN A CB  
37  C CG  . ASN A 5  ? 0.3198 0.1938 0.1866 0.0850  0.0839  0.0799  5  ASN A CG  
38  O OD1 . ASN A 5  ? 0.3587 0.1941 0.2273 0.0304  0.0919  0.0915  5  ASN A OD1 
39  N ND2 . ASN A 5  ? 0.3760 0.1826 0.2463 0.1176  0.1196  0.1057  5  ASN A ND2 
40  N N   . LEU A 6  ? 0.1612 0.1258 0.1443 -0.0091 0.0222  0.0225  6  LEU A N   
41  C CA  . LEU A 6  ? 0.1505 0.1219 0.1451 -0.0033 0.0022  0.0126  6  LEU A CA  
42  C C   . LEU A 6  ? 0.1372 0.1289 0.1323 -0.0036 -0.0144 0.0001  6  LEU A C   
43  O O   . LEU A 6  ? 0.1514 0.1603 0.1634 0.0123  -0.0156 0.0188  6  LEU A O   
44  C CB  . LEU A 6  ? 0.1645 0.1449 0.1521 -0.0047 0.0157  0.0169  6  LEU A CB  
45  C CG  . LEU A 6  ? 0.1862 0.1466 0.1787 -0.0176 0.0390  0.0342  6  LEU A CG  
46  C CD1 . LEU A 6  ? 0.2078 0.2524 0.1863 0.0337  0.0644  0.0878  6  LEU A CD1 
47  C CD2 . LEU A 6  ? 0.1677 0.1811 0.1793 -0.0155 0.0136  0.0148  6  LEU A CD2 
48  N N   . ALA A 7  ? 0.1399 0.1262 0.1314 -0.0117 -0.0162 0.0139  7  ALA A N   
49  C CA  . ALA A 7  ? 0.1391 0.1272 0.1516 -0.0145 -0.0106 -0.0104 7  ALA A CA  
50  C C   . ALA A 7  ? 0.1445 0.1378 0.1514 -0.0126 -0.0166 -0.0009 7  ALA A C   
51  O O   . ALA A 7  ? 0.1821 0.1963 0.1575 -0.0029 0.0025  -0.0140 7  ALA A O   
52  C CB  . ALA A 7  ? 0.1540 0.1210 0.1518 -0.0319 -0.0232 0.0009  7  ALA A CB  
53  N N   . ASP A 8  ? 0.1457 0.1950 0.2001 0.0000  -0.0556 -0.0322 8  ASP A N   
54  C CA  . ASP A 8  ? 0.1870 0.1731 0.1749 -0.0185 -0.0503 0.0009  8  ASP A CA  
55  C C   . ASP A 8  ? 0.1662 0.1794 0.1301 -0.0301 -0.0365 0.0084  8  ASP A C   
56  O O   . ASP A 8  ? 0.2122 0.2216 0.1422 -0.0268 -0.0126 0.0090  8  ASP A O   
57  C CB  . ASP A 8  ? 0.1918 0.2267 0.2713 0.0217  -0.1069 -0.0305 8  ASP A CB  
58  C CG  . ASP A 8  ? 0.2511 0.2122 0.4832 0.0316  -0.0838 -0.0419 8  ASP A CG  
59  O OD1 . ASP A 8  ? 0.3155 0.2506 0.4385 0.0040  -0.1500 0.0585  8  ASP A OD1 
60  O OD2 . ASP A 8  ? 0.2914 0.3020 0.8769 0.1180  0.0276  0.1944  8  ASP A OD2 
61  N N   . THR A 9  ? 0.1588 0.1570 0.1366 -0.0270 -0.0213 -0.0058 9  THR A N   
62  C CA  . THR A 9  ? 0.1899 0.1625 0.1514 -0.0354 -0.0403 -0.0184 9  THR A CA  
63  C C   . THR A 9  ? 0.1867 0.1386 0.1483 -0.0303 -0.0205 -0.0115 9  THR A C   
64  O O   . THR A 9  ? 0.2768 0.1519 0.2481 -0.0209 -0.1036 -0.0187 9  THR A O   
65  C CB  . THR A 9  ? 0.2271 0.1905 0.1650 -0.0659 -0.0660 0.0001  9  THR A CB  
66  O OG1 . THR A 9  ? 0.2414 0.2868 0.1956 -0.1136 -0.0301 0.0168  9  THR A OG1 
67  C CG2 . THR A 9  ? 0.2025 0.1900 0.1959 -0.0449 -0.0617 -0.0057 9  THR A CG2 
68  N N   . PHE A 10 ? 0.1490 0.1488 0.1294 -0.0254 -0.0034 -0.0059 10 PHE A N   
69  C CA  . PHE A 10 ? 0.1375 0.1257 0.1326 -0.0204 0.0064  -0.0008 10 PHE A CA  
70  C C   . PHE A 10 ? 0.1563 0.1338 0.1255 -0.0297 -0.0054 -0.0112 10 PHE A C   
71  O O   . PHE A 10 ? 0.1837 0.1554 0.1506 -0.0047 0.0409  0.0014  10 PHE A O   
72  C CB  . PHE A 10 ? 0.1315 0.1320 0.1325 -0.0177 0.0059  -0.0044 10 PHE A CB  
73  C CG  . PHE A 10 ? 0.1295 0.1151 0.1211 -0.0208 0.0044  -0.0045 10 PHE A CG  
74  C CD1 . PHE A 10 ? 0.1285 0.1426 0.1396 -0.0103 0.0220  0.0030  10 PHE A CD1 
75  C CD2 . PHE A 10 ? 0.1299 0.1378 0.1217 -0.0319 0.0151  0.0031  10 PHE A CD2 
76  C CE1 . PHE A 10 ? 0.1544 0.1715 0.1076 -0.0185 0.0138  0.0072  10 PHE A CE1 
77  C CE2 . PHE A 10 ? 0.1237 0.1649 0.1269 -0.0265 0.0017  -0.0103 10 PHE A CE2 
78  C CZ  . PHE A 10 ? 0.1444 0.1677 0.1276 -0.0015 0.0022  -0.0070 10 PHE A CZ  
79  N N   . ARG A 11 ? 0.1346 0.1331 0.1471 -0.0235 0.0075  -0.0059 11 ARG A N   
80  C CA  . ARG A 11 ? 0.1300 0.1501 0.1543 -0.0226 0.0015  -0.0152 11 ARG A CA  
81  C C   . ARG A 11 ? 0.1259 0.1504 0.2069 -0.0329 0.0046  -0.0012 11 ARG A C   
82  O O   . ARG A 11 ? 0.1389 0.1690 0.2098 -0.0226 -0.0275 -0.0174 11 ARG A O   
83  C CB  . ARG A 11 ? 0.1199 0.1458 0.1678 -0.0151 -0.0116 -0.0139 11 ARG A CB  
84  C CG  . ARG A 11 ? 0.1058 0.1751 0.2127 -0.0125 -0.0023 -0.0398 11 ARG A CG  
85  C CD  . ARG A 11 ? 0.1378 0.1617 0.2109 -0.0206 -0.0256 -0.0361 11 ARG A CD  
86  N NE  . ARG A 11 ? 0.1280 0.1655 0.1713 -0.0250 0.0007  -0.0247 11 ARG A NE  
87  C CZ  . ARG A 11 ? 0.1449 0.1617 0.1720 -0.0436 0.0004  0.0105  11 ARG A CZ  
88  N NH1 . ARG A 11 ? 0.1584 0.2560 0.2033 -0.0586 0.0271  -0.0209 11 ARG A NH1 
89  N NH2 . ARG A 11 ? 0.1468 0.1813 0.1654 -0.0375 0.0050  0.0120  11 ARG A NH2 
90  N N   . GLY A 12 ? 0.1525 0.2701 0.2058 -0.0677 0.0510  -0.1031 12 GLY A N   
91  C CA  . GLY A 12 ? 0.1472 0.2826 0.2156 -0.0625 0.0575  -0.1061 12 GLY A CA  
92  C C   . GLY A 12 ? 0.1348 0.2215 0.1647 -0.0315 0.0396  -0.0516 12 GLY A C   
93  O O   . GLY A 12 ? 0.1487 0.2267 0.1883 -0.0238 0.0358  -0.0522 12 GLY A O   
94  N N   . PRO A 13 ? 0.1262 0.2163 0.1732 -0.0367 0.0469  -0.0587 13 PRO A N   
95  C CA  . PRO A 13 ? 0.1353 0.1768 0.1662 -0.0226 0.0477  -0.0331 13 PRO A CA  
96  C C   . PRO A 13 ? 0.1160 0.1508 0.1439 -0.0204 0.0217  -0.0195 13 PRO A C   
97  O O   . PRO A 13 ? 0.1336 0.1511 0.1712 -0.0071 0.0380  -0.0180 13 PRO A O   
98  C CB  . PRO A 13 ? 0.1261 0.2384 0.1835 -0.0345 0.0473  -0.0673 13 PRO A CB  
99  C CG  . PRO A 13 ? 0.1321 0.2519 0.2689 -0.0452 0.0604  -0.1242 13 PRO A CG  
100 C CD  . PRO A 13 ? 0.1208 0.2417 0.2633 -0.0367 0.0618  -0.1141 13 PRO A CD  
101 N N   . CYS A 14 ? 0.1271 0.1522 0.1276 -0.0133 0.0309  -0.0018 14 CYS A N   
102 C CA  . CYS A 14 ? 0.1089 0.1423 0.1200 -0.0044 0.0252  -0.0005 14 CYS A CA  
103 C C   . CYS A 14 ? 0.1051 0.1584 0.1197 -0.0041 0.0290  0.0053  14 CYS A C   
104 O O   . CYS A 14 ? 0.0966 0.1752 0.1623 -0.0129 0.0212  0.0007  14 CYS A O   
105 C CB  . CYS A 14 ? 0.1062 0.1349 0.1121 -0.0167 0.0229  0.0065  14 CYS A CB  
106 S SG  . CYS A 14 ? 0.0929 0.1337 0.1241 -0.0172 0.0225  0.0019  14 CYS A SG  
107 N N   . PHE A 15 ? 0.1138 0.1746 0.1230 0.0089  0.0325  0.0181  15 PHE A N   
108 C CA  . PHE A 15 ? 0.0947 0.2245 0.1462 0.0154  0.0257  0.0275  15 PHE A CA  
109 C C   . PHE A 15 ? 0.0892 0.2669 0.1279 -0.0014 0.0100  0.0374  15 PHE A C   
110 O O   . PHE A 15 ? 0.1194 0.4620 0.1445 -0.0639 0.0094  0.0188  15 PHE A O   
111 C CB  . PHE A 15 ? 0.1120 0.2403 0.1775 0.0345  0.0351  0.0574  15 PHE A CB  
112 C CG  . PHE A 15 ? 0.1366 0.2179 0.2345 0.0463  0.0800  0.0401  15 PHE A CG  
113 C CD1 . PHE A 15 ? 0.1665 0.2494 0.2346 0.0301  0.0807  0.0221  15 PHE A CD1 
114 C CD2 . PHE A 15 ? 0.1927 0.2421 0.3057 0.0048  0.1460  0.0047  15 PHE A CD2 
115 C CE1 . PHE A 15 ? 0.2168 0.2326 0.2558 0.0250  0.1046  0.0195  15 PHE A CE1 
116 C CE2 . PHE A 15 ? 0.2747 0.2971 0.3273 -0.0597 0.1875  -0.0168 15 PHE A CE2 
117 C CZ  . PHE A 15 ? 0.2368 0.2963 0.2886 -0.0018 0.1399  0.0017  15 PHE A CZ  
118 N N   . THR A 16 ? 0.0938 0.1773 0.1226 0.0082  0.0199  0.0294  16 THR A N   
119 C CA  . THR A 16 ? 0.1005 0.1705 0.1076 0.0029  0.0095  0.0069  16 THR A CA  
120 C C   . THR A 16 ? 0.0945 0.1416 0.1065 -0.0165 0.0137  0.0154  16 THR A C   
121 O O   . THR A 16 ? 0.0949 0.1338 0.1112 -0.0135 0.0124  0.0109  16 THR A O   
122 C CB  . THR A 16 ? 0.0997 0.1717 0.1243 0.0139  0.0192  0.0192  16 THR A CB  
123 O OG1 . THR A 16 ? 0.1213 0.1412 0.1320 0.0003  0.0163  0.0198  16 THR A OG1 
124 C CG2 . THR A 16 ? 0.1305 0.1966 0.1572 0.0396  0.0235  0.0300  16 THR A CG2 
125 N N   . ASP A 17 ? 0.0869 0.1440 0.1071 -0.0140 0.0062  0.0144  17 ASP A N   
126 C CA  . ASP A 17 ? 0.0930 0.1350 0.1065 -0.0108 -0.0017 0.0088  17 ASP A CA  
127 C C   . ASP A 17 ? 0.0867 0.1358 0.0998 -0.0075 0.0105  0.0061  17 ASP A C   
128 O O   . ASP A 17 ? 0.0931 0.1363 0.1146 -0.0066 0.0015  0.0129  17 ASP A O   
129 C CB  . ASP A 17 ? 0.1108 0.1563 0.1253 -0.0155 -0.0007 -0.0030 17 ASP A CB  
130 C CG  . ASP A 17 ? 0.1325 0.1603 0.1436 -0.0426 -0.0173 -0.0116 17 ASP A CG  
131 O OD1 . ASP A 17 ? 0.1325 0.1638 0.1385 -0.0413 -0.0147 0.0237  17 ASP A OD1 
132 O OD2 . ASP A 17 ? 0.2401 0.2084 0.1757 -0.0958 0.0163  -0.0448 17 ASP A OD2 
133 N N   . GLY A 18 ? 0.0860 0.1379 0.1002 -0.0097 0.0056  0.0188  18 GLY A N   
134 C CA  . GLY A 18 ? 0.0871 0.1361 0.1132 -0.0027 0.0080  0.0173  18 GLY A CA  
135 C C   . GLY A 18 ? 0.0880 0.1224 0.1071 -0.0029 0.0131  0.0293  18 GLY A C   
136 O O   . GLY A 18 ? 0.0923 0.1300 0.1016 -0.0052 0.0098  0.0181  18 GLY A O   
137 N N   . SER A 19 ? 0.0915 0.1213 0.1118 -0.0021 0.0116  0.0191  19 SER A N   
138 C CA  . SER A 19 ? 0.0961 0.1019 0.1207 -0.0109 0.0095  0.0154  19 SER A CA  
139 C C   . SER A 19 ? 0.0828 0.1108 0.1045 -0.0089 0.0146  0.0117  19 SER A C   
140 O O   . SER A 19 ? 0.1000 0.1092 0.1091 -0.0149 0.0065  0.0114  19 SER A O   
141 C CB  . SER A 19 ? 0.1146 0.1130 0.1291 0.0071  0.0099  0.0106  19 SER A CB  
142 O OG  . SER A 19 ? 0.1050 0.1355 0.1276 0.0015  0.0182  0.0064  19 SER A OG  
143 N N   . CYS A 20 ? 0.0876 0.1066 0.0979 -0.0142 0.0058  0.0162  20 CYS A N   
144 C CA  . CYS A 20 ? 0.0856 0.1054 0.1025 -0.0146 -0.0018 0.0073  20 CYS A CA  
145 C C   . CYS A 20 ? 0.0855 0.1069 0.1058 -0.0224 0.0042  0.0178  20 CYS A C   
146 O O   . CYS A 20 ? 0.0834 0.1120 0.1099 -0.0209 0.0034  0.0128  20 CYS A O   
147 C CB  . CYS A 20 ? 0.0876 0.1184 0.1025 -0.0161 0.0094  0.0192  20 CYS A CB  
148 S SG  . CYS A 20 ? 0.0985 0.1066 0.1064 -0.0271 0.0109  0.0101  20 CYS A SG  
149 N N   . ASP A 21 ? 0.0812 0.1088 0.1058 -0.0147 0.0055  0.0161  21 ASP A N   
150 C CA  . ASP A 21 ? 0.0851 0.1033 0.1089 -0.0051 0.0129  0.0162  21 ASP A CA  
151 C C   . ASP A 21 ? 0.0869 0.1122 0.0948 -0.0108 0.0056  0.0190  21 ASP A C   
152 O O   . ASP A 21 ? 0.0828 0.1218 0.1135 -0.0110 0.0096  0.0140  21 ASP A O   
153 C CB  . ASP A 21 ? 0.0878 0.1189 0.1114 -0.0113 0.0077  0.0172  21 ASP A CB  
154 C CG  . ASP A 21 ? 0.1000 0.1104 0.1080 -0.0121 0.0097  0.0140  21 ASP A CG  
155 O OD1 . ASP A 21 ? 0.1039 0.1314 0.1215 0.0021  0.0131  0.0172  21 ASP A OD1 
156 O OD2 . ASP A 21 ? 0.1376 0.1375 0.1112 0.0116  0.0140  0.0134  21 ASP A OD2 
157 N N   . ASP A 22 ? 0.0814 0.1109 0.1100 -0.0154 0.0087  0.0167  22 ASP A N   
158 C CA  . ASP A 22 ? 0.1056 0.1051 0.1137 -0.0189 0.0109  0.0176  22 ASP A CA  
159 C C   . ASP A 22 ? 0.1008 0.0980 0.1129 -0.0202 0.0085  0.0106  22 ASP A C   
160 O O   . ASP A 22 ? 0.0878 0.1217 0.1319 -0.0185 0.0083  0.0179  22 ASP A O   
161 C CB  . ASP A 22 ? 0.1141 0.1124 0.1416 -0.0037 0.0200  0.0258  22 ASP A CB  
162 C CG  . ASP A 22 ? 0.1453 0.1155 0.1472 -0.0171 0.0332  0.0223  22 ASP A CG  
163 O OD1 . ASP A 22 ? 0.1501 0.1186 0.1627 -0.0305 0.0030  0.0185  22 ASP A OD1 
164 O OD2 . ASP A 22 ? 0.1967 0.1259 0.2935 -0.0128 0.0773  -0.0191 22 ASP A OD2 
165 N N   . HIS A 23 ? 0.1022 0.1079 0.1115 -0.0211 0.0056  0.0090  23 HIS A N   
166 C CA  . HIS A 23 ? 0.1008 0.1219 0.1085 -0.0343 -0.0029 0.0021  23 HIS A CA  
167 C C   . HIS A 23 ? 0.0923 0.1191 0.1183 -0.0344 -0.0038 0.0193  23 HIS A C   
168 O O   . HIS A 23 ? 0.0997 0.1418 0.1260 -0.0405 -0.0094 0.0199  23 HIS A O   
169 C CB  . HIS A 23 ? 0.1095 0.1279 0.1121 -0.0302 0.0045  0.0047  23 HIS A CB  
170 C CG  . HIS A 23 ? 0.1190 0.1617 0.1147 -0.0451 0.0036  0.0017  23 HIS A CG  
171 N ND1 . HIS A 23 ? 0.1429 0.1877 0.1248 -0.0548 0.0020  -0.0200 23 HIS A ND1 
172 C CD2 . HIS A 23 ? 0.1479 0.1769 0.1136 -0.0463 -0.0172 0.0293  23 HIS A CD2 
173 C CE1 . HIS A 23 ? 0.1481 0.2227 0.1124 -0.0688 0.0082  0.0065  23 HIS A CE1 
174 N NE2 . HIS A 23 ? 0.1615 0.2170 0.1191 -0.0546 -0.0214 0.0217  23 HIS A NE2 
175 N N   . CYS A 24 ? 0.0824 0.1164 0.1122 -0.0192 -0.0056 0.0115  24 CYS A N   
176 C CA  . CYS A 24 ? 0.0892 0.1171 0.1170 -0.0207 -0.0058 0.0289  24 CYS A CA  
177 C C   . CYS A 24 ? 0.0779 0.1151 0.1327 -0.0213 -0.0101 0.0160  24 CYS A C   
178 O O   . CYS A 24 ? 0.0883 0.1471 0.1552 -0.0139 -0.0036 0.0332  24 CYS A O   
179 C CB  . CYS A 24 ? 0.0891 0.1156 0.1266 -0.0204 -0.0038 0.0293  24 CYS A CB  
180 S SG  . CYS A 24 ? 0.0914 0.1091 0.1265 -0.0191 0.0023  0.0232  24 CYS A SG  
181 N N   . LYS A 25 ? 0.0747 0.1156 0.1364 -0.0168 0.0075  0.0230  25 LYS A N   
182 C CA  . LYS A 25 ? 0.0838 0.1205 0.1412 -0.0144 0.0088  0.0126  25 LYS A CA  
183 C C   . LYS A 25 ? 0.0869 0.1440 0.1313 -0.0271 0.0038  0.0293  25 LYS A C   
184 O O   . LYS A 25 ? 0.0844 0.1570 0.2189 -0.0175 -0.0022 0.0303  25 LYS A O   
185 C CB  . LYS A 25 ? 0.0818 0.1249 0.1359 -0.0259 0.0159  0.0211  25 LYS A CB  
186 C CG  . LYS A 25 ? 0.0971 0.1117 0.1334 -0.0119 0.0181  0.0165  25 LYS A CG  
187 C CD  . LYS A 25 ? 0.1035 0.1262 0.1382 -0.0244 0.0137  0.0116  25 LYS A CD  
188 C CE  . LYS A 25 ? 0.1321 0.1722 0.1501 0.0271  0.0008  -0.0295 25 LYS A CE  
189 N NZ  . LYS A 25 ? 0.1511 0.1465 0.1444 -0.0132 0.0113  0.0104  25 LYS A NZ  
190 N N   . ASN A 26 ? 0.0897 0.1376 0.1461 -0.0362 -0.0097 0.0081  26 ASN A N   
191 C CA  . ASN A 26 ? 0.0935 0.1508 0.1412 -0.0373 -0.0009 0.0069  26 ASN A CA  
192 C C   . ASN A 26 ? 0.1098 0.1645 0.1519 -0.0503 -0.0162 0.0160  26 ASN A C   
193 O O   . ASN A 26 ? 0.1441 0.2867 0.1783 -0.1188 -0.0151 -0.0082 26 ASN A O   
194 C CB  . ASN A 26 ? 0.1217 0.1310 0.1483 -0.0495 -0.0021 0.0109  26 ASN A CB  
195 C CG  . ASN A 26 ? 0.1068 0.1447 0.1484 -0.0388 0.0041  0.0232  26 ASN A CG  
196 O OD1 . ASN A 26 ? 0.1148 0.2236 0.1458 -0.0205 0.0071  0.0238  26 ASN A OD1 
197 N ND2 . ASN A 26 ? 0.1099 0.1551 0.1394 -0.0392 0.0029  0.0232  26 ASN A ND2 
198 N N   . LYS A 27 ? 0.1165 0.1471 0.1376 -0.0564 -0.0254 0.0170  27 LYS A N   
199 C CA  . LYS A 27 ? 0.1357 0.1829 0.1411 -0.0610 -0.0269 0.0044  27 LYS A CA  
200 C C   . LYS A 27 ? 0.1380 0.2050 0.1435 -0.0775 -0.0390 0.0374  27 LYS A C   
201 O O   . LYS A 27 ? 0.1860 0.2354 0.2038 -0.0626 -0.0931 0.0315  27 LYS A O   
202 C CB  . LYS A 27 ? 0.1481 0.2643 0.1557 -0.0674 -0.0184 -0.0491 27 LYS A CB  
203 C CG  . LYS A 27 ? 0.1802 0.2715 0.2726 -0.0153 -0.0210 -0.0813 27 LYS A CG  
204 C CD  . LYS A 27 ? 0.2777 0.2493 0.3176 -0.0891 -0.0745 0.0288  27 LYS A CD  
205 C CE  . LYS A 27 ? 0.2919 0.2554 0.4361 -0.0650 -0.1031 0.0025  27 LYS A CE  
206 N NZ  . LYS A 27 ? 0.3167 0.4687 0.5250 -0.1373 -0.1671 0.2374  27 LYS A NZ  
207 N N   . GLU A 28 ? 0.1618 0.1851 0.1903 -0.0654 -0.0760 0.0574  28 GLU A N   
208 C CA  . GLU A 28 ? 0.1716 0.2109 0.2109 -0.0568 -0.0748 0.0874  28 GLU A CA  
209 C C   . GLU A 28 ? 0.1296 0.2207 0.2633 -0.0391 -0.0770 0.1006  28 GLU A C   
210 O O   . GLU A 28 ? 0.1269 0.2459 0.3231 -0.0287 -0.0652 0.1216  28 GLU A O   
211 C CB  . GLU A 28 ? 0.1997 0.1879 0.1819 -0.0795 -0.0651 0.0469  28 GLU A CB  
212 C CG  . GLU A 28 ? 0.2272 0.2440 0.2217 -0.0570 -0.0227 0.0595  28 GLU A CG  
213 C CD  . GLU A 28 ? 0.2077 0.2688 0.2208 -0.0483 -0.0562 0.1100  28 GLU A CD  
214 O OE1 . GLU A 28 ? 0.3488 0.2384 0.2328 -0.0301 -0.0154 0.0652  28 GLU A OE1 
215 O OE2 . GLU A 28 ? 0.1705 0.3470 0.4719 -0.0217 -0.0212 0.2458  28 GLU A OE2 
216 N N   . HIS A 29 ? 0.1104 0.1981 0.2507 -0.0486 -0.0484 0.0745  29 HIS A N   
217 C CA  . HIS A 29 ? 0.0862 0.2278 0.3384 -0.0259 -0.0152 0.0761  29 HIS A CA  
218 C C   . HIS A 29 ? 0.0924 0.2165 0.2499 -0.0048 -0.0057 0.0892  29 HIS A C   
219 O O   . HIS A 29 ? 0.0989 0.2378 0.3476 0.0114  0.0225  0.1034  29 HIS A O   
220 C CB  . HIS A 29 ? 0.0897 0.2998 0.5288 -0.0439 -0.0497 0.1285  29 HIS A CB  
221 C CG  . HIS A 29 ? 0.1071 0.3118 0.7329 -0.0873 -0.0664 0.1599  29 HIS A CG  
222 N ND1 . HIS A 29 ? 0.2264 0.3428 0.8064 -0.1145 0.0032  0.2215  29 HIS A ND1 
223 C CD2 . HIS A 29 ? 0.2402 0.3176 0.8496 -0.1181 -0.1732 0.1153  29 HIS A CD2 
224 C CE1 . HIS A 29 ? 0.1676 0.3187 0.9825 -0.0731 -0.0096 0.2267  29 HIS A CE1 
225 N NE2 . HIS A 29 ? 0.2659 0.3323 1.0098 -0.1638 -0.0734 0.1398  29 HIS A NE2 
226 N N   . LEU A 30 ? 0.0938 0.1729 0.2358 0.0016  0.0105  0.0667  30 LEU A N   
227 C CA  . LEU A 30 ? 0.1081 0.1653 0.2179 0.0041  0.0157  0.0738  30 LEU A CA  
228 C C   . LEU A 30 ? 0.1018 0.1473 0.2099 0.0148  0.0452  0.0616  30 LEU A C   
229 O O   . LEU A 30 ? 0.1380 0.1745 0.1952 -0.0063 0.0402  0.0564  30 LEU A O   
230 C CB  . LEU A 30 ? 0.1142 0.1530 0.2072 0.0047  0.0279  0.0498  30 LEU A CB  
231 C CG  . LEU A 30 ? 0.1141 0.1807 0.2188 0.0025  0.0075  0.0675  30 LEU A CG  
232 C CD1 . LEU A 30 ? 0.1381 0.1798 0.2175 -0.0070 0.0194  0.0538  30 LEU A CD1 
233 C CD2 . LEU A 30 ? 0.1166 0.3034 0.2891 0.0238  0.0133  0.1541  30 LEU A CD2 
234 N N   . ILE A 31 ? 0.1174 0.1485 0.1959 0.0131  0.0473  0.0546  31 ILE A N   
235 C CA  . ILE A 31 ? 0.1288 0.1478 0.1920 0.0161  0.0673  0.0513  31 ILE A CA  
236 C C   . ILE A 31 ? 0.1158 0.1213 0.1759 0.0016  0.0460  0.0366  31 ILE A C   
237 O O   . ILE A 31 ? 0.1305 0.1469 0.1572 0.0130  0.0523  0.0342  31 ILE A O   
238 C CB  . ILE A 31 ? 0.1536 0.1415 0.1984 0.0290  0.0729  0.0438  31 ILE A CB  
239 C CG1 . ILE A 31 ? 0.1520 0.1521 0.2348 0.0294  0.0625  0.0476  31 ILE A CG1 
240 C CG2 . ILE A 31 ? 0.1967 0.1629 0.2137 0.0147  0.0500  0.0380  31 ILE A CG2 
241 C CD1 . ILE A 31 ? 0.2033 0.1369 0.3754 0.0341  0.0762  0.0536  31 ILE A CD1 
242 N N   . LYS A 32 ? 0.1129 0.1273 0.1660 0.0124  0.0432  0.0318  32 LYS A N   
243 C CA  . LYS A 32 ? 0.1113 0.1282 0.1494 0.0010  0.0227  0.0179  32 LYS A CA  
244 C C   . LYS A 32 ? 0.0973 0.1005 0.1358 -0.0160 0.0110  0.0108  32 LYS A C   
245 O O   . LYS A 32 ? 0.1063 0.1110 0.1463 -0.0016 0.0263  0.0335  32 LYS A O   
246 C CB  . LYS A 32 ? 0.1402 0.1373 0.1551 -0.0143 0.0372  -0.0025 32 LYS A CB  
247 C CG  . LYS A 32 ? 0.2157 0.1551 0.1833 -0.0406 0.0429  -0.0095 32 LYS A CG  
248 C CD  . LYS A 32 ? 0.3862 0.2304 0.2106 -0.1317 0.0547  -0.0613 32 LYS A CD  
249 C CE  . LYS A 32 ? 0.4978 0.2126 0.3970 -0.1553 0.0369  -0.0771 32 LYS A CE  
250 N NZ  . LYS A 32 ? 0.6204 0.3645 0.4838 -0.2699 0.0085  -0.1496 32 LYS A NZ  
251 N N   . GLY A 33 ? 0.0974 0.1092 0.1225 -0.0130 0.0192  0.0170  33 GLY A N   
252 C CA  . GLY A 33 ? 0.0918 0.1140 0.1187 -0.0157 0.0111  0.0109  33 GLY A CA  
253 C C   . GLY A 33 ? 0.0967 0.1032 0.1182 -0.0156 0.0143  0.0030  33 GLY A C   
254 O O   . GLY A 33 ? 0.1032 0.1290 0.1128 -0.0201 0.0124  0.0177  33 GLY A O   
255 N N   . ARG A 34 ? 0.0928 0.1085 0.1187 -0.0260 0.0070  0.0135  34 ARG A N   
256 C CA  . ARG A 34 ? 0.0867 0.1212 0.1201 -0.0253 0.0073  0.0016  34 ARG A CA  
257 C C   . ARG A 34 ? 0.0925 0.1218 0.1122 -0.0303 0.0109  0.0063  34 ARG A C   
258 O O   . ARG A 34 ? 0.0956 0.1249 0.1182 -0.0273 0.0108  0.0054  34 ARG A O   
259 C CB  . ARG A 34 ? 0.1176 0.1322 0.1340 -0.0307 0.0005  -0.0128 34 ARG A CB  
260 C CG  . ARG A 34 ? 0.1405 0.1264 0.1689 -0.0379 0.0009  -0.0199 34 ARG A CG  
261 C CD  . ARG A 34 ? 0.1674 0.1410 0.2070 -0.0676 0.0130  -0.0281 34 ARG A CD  
262 N NE  . ARG A 34 ? 0.1640 0.1349 0.2180 -0.0646 0.0280  -0.0292 34 ARG A NE  
263 C CZ  . ARG A 34 ? 0.1760 0.1505 0.2357 -0.0808 0.0661  -0.0435 34 ARG A CZ  
264 N NH1 . ARG A 34 ? 0.1763 0.2032 0.2714 -0.1031 0.0437  -0.0599 34 ARG A NH1 
265 N NH2 . ARG A 34 ? 0.2136 0.1660 0.3150 -0.1034 0.0596  -0.0041 34 ARG A NH2 
266 N N   . CYS A 35 ? 0.0883 0.1345 0.1152 -0.0253 0.0114  0.0132  35 CYS A N   
267 C CA  . CYS A 35 ? 0.0932 0.1365 0.1209 -0.0297 0.0202  0.0050  35 CYS A CA  
268 C C   . CYS A 35 ? 0.0995 0.1418 0.1270 -0.0406 0.0053  0.0015  35 CYS A C   
269 O O   . CYS A 35 ? 0.1654 0.1637 0.1329 -0.0654 0.0079  -0.0020 35 CYS A O   
270 C CB  . CYS A 35 ? 0.0972 0.1509 0.1344 -0.0203 0.0098  0.0009  35 CYS A CB  
271 S SG  . CYS A 35 ? 0.1098 0.1400 0.1194 -0.0106 0.0153  0.0026  35 CYS A SG  
272 N N   . ARG A 36 ? 0.1092 0.1624 0.1326 -0.0576 0.0169  0.0044  36 ARG A N   
273 C CA  . ARG A 36 ? 0.1217 0.1668 0.1705 -0.0660 0.0362  -0.0059 36 ARG A CA  
274 C C   . ARG A 36 ? 0.1285 0.1710 0.2147 -0.0665 0.0413  -0.0334 36 ARG A C   
275 O O   . ARG A 36 ? 0.1128 0.1910 0.2020 -0.0513 0.0215  -0.0136 36 ARG A O   
276 C CB  . ARG A 36 ? 0.1401 0.1582 0.2026 -0.0675 0.0409  0.0005  36 ARG A CB  
277 C CG  . ARG A 36 ? 0.1501 0.1731 0.2029 -0.0496 0.0453  0.0072  36 ARG A CG  
278 C CD  . ARG A 36 ? 0.1777 0.1774 0.2734 -0.0344 0.0313  -0.0003 36 ARG A CD  
279 N NE  . ARG A 36 ? 0.2047 0.1753 0.2135 -0.0426 -0.0040 -0.0103 36 ARG A NE  
280 C CZ  . ARG A 36 ? 0.3015 0.2897 0.2645 -0.1655 -0.0740 0.0599  36 ARG A CZ  
281 N NH1 . ARG A 36 ? 0.5400 0.4733 0.2581 -0.3290 -0.1196 0.0864  36 ARG A NH1 
282 N NH2 . ARG A 36 ? 0.3847 0.1679 0.3061 -0.1163 -0.0671 0.0094  36 ARG A NH2 
283 N N   . ASP A 37 ? 0.1226 0.2146 0.1957 -0.0782 0.0387  -0.0284 37 ASP A N   
284 C CA  . ASP A 37 ? 0.1133 0.2349 0.2540 -0.0746 0.0328  -0.0566 37 ASP A CA  
285 C C   . ASP A 37 ? 0.1123 0.1948 0.2353 -0.0683 0.0415  -0.0189 37 ASP A C   
286 O O   . ASP A 37 ? 0.1247 0.2432 0.2686 -0.0523 0.0424  -0.0394 37 ASP A O   
287 C CB  . ASP A 37 ? 0.1368 0.2413 0.3077 -0.0940 0.0824  -0.0818 37 ASP A CB  
288 C CG  . ASP A 37 ? 0.1353 0.2207 0.5272 -0.0665 0.0642  -0.0487 37 ASP A CG  
289 O OD1 . ASP A 37 ? 0.2411 0.2780 0.3385 -0.1444 0.0789  -0.0319 37 ASP A OD1 
290 O OD2 . ASP A 37 ? 0.2926 0.2525 0.9917 -0.1266 -0.1930 0.1261  37 ASP A OD2 
291 N N   . ASP A 38 ? 0.1269 0.1698 0.2061 -0.0417 0.0520  0.0049  38 ASP A N   
292 C CA  . ASP A 38 ? 0.1444 0.1885 0.2029 -0.0641 0.0577  0.0069  38 ASP A CA  
293 C C   . ASP A 38 ? 0.1391 0.1880 0.1720 -0.0480 0.0575  -0.0015 38 ASP A C   
294 O O   . ASP A 38 ? 0.1526 0.2152 0.1670 -0.0643 0.0460  -0.0086 38 ASP A O   
295 C CB  . ASP A 38 ? 0.1713 0.1921 0.1895 -0.0591 0.0611  0.0173  38 ASP A CB  
296 C CG  . ASP A 38 ? 0.1578 0.1686 0.1864 -0.0399 0.0512  0.0125  38 ASP A CG  
297 O OD1 . ASP A 38 ? 0.1683 0.2283 0.2036 -0.0365 0.0469  0.0511  38 ASP A OD1 
298 O OD2 . ASP A 38 ? 0.1066 0.1323 0.1861 -0.0318 0.0523  0.0139  38 ASP A OD2 
299 N N   . PHE A 39 ? 0.1181 0.1684 0.1641 -0.0403 0.0372  -0.0140 39 PHE A N   
300 C CA  . PHE A 39 ? 0.1153 0.1598 0.1512 -0.0198 0.0350  -0.0144 39 PHE A CA  
301 C C   . PHE A 39 ? 0.1186 0.1613 0.1240 -0.0243 0.0395  -0.0114 39 PHE A C   
302 O O   . PHE A 39 ? 0.1231 0.1552 0.1406 -0.0232 0.0380  -0.0114 39 PHE A O   
303 C CB  . PHE A 39 ? 0.1124 0.2015 0.1990 -0.0115 0.0377  -0.0469 39 PHE A CB  
304 C CG  . PHE A 39 ? 0.1162 0.2075 0.2022 -0.0107 0.0357  -0.0694 39 PHE A CG  
305 C CD1 . PHE A 39 ? 0.1229 0.2560 0.2722 -0.0428 0.0486  -0.0902 39 PHE A CD1 
306 C CD2 . PHE A 39 ? 0.1347 0.2737 0.1939 0.0221  0.0412  -0.0442 39 PHE A CD2 
307 C CE1 . PHE A 39 ? 0.1308 0.2989 0.3487 -0.0196 0.0141  -0.1545 39 PHE A CE1 
308 C CE2 . PHE A 39 ? 0.1756 0.3185 0.2498 0.0716  -0.0021 -0.0842 39 PHE A CE2 
309 C CZ  . PHE A 39 ? 0.1239 0.3728 0.3390 0.0569  -0.0060 -0.1391 39 PHE A CZ  
310 N N   . ARG A 40 ? 0.1120 0.1379 0.1205 -0.0312 0.0391  0.0097  40 ARG A N   
311 C CA  . ARG A 40 ? 0.1226 0.1355 0.1183 -0.0312 0.0278  0.0098  40 ARG A CA  
312 C C   . ARG A 40 ? 0.1134 0.1255 0.1194 -0.0264 0.0199  0.0180  40 ARG A C   
313 O O   . ARG A 40 ? 0.1050 0.1368 0.1236 -0.0376 0.0195  0.0124  40 ARG A O   
314 C CB  . ARG A 40 ? 0.1380 0.1794 0.1313 -0.0137 0.0371  0.0367  40 ARG A CB  
315 C CG  . ARG A 40 ? 0.1879 0.1932 0.1363 -0.0050 0.0504  0.0412  40 ARG A CG  
316 C CD  . ARG A 40 ? 0.2187 0.1885 0.1447 -0.0223 0.0490  0.0437  40 ARG A CD  
317 N NE  . ARG A 40 ? 0.2012 0.1818 0.1675 -0.0173 0.0382  0.0584  40 ARG A NE  
318 C CZ  . ARG A 40 ? 0.1838 0.2023 0.1814 -0.0207 0.0582  0.0700  40 ARG A CZ  
319 N NH1 . ARG A 40 ? 0.2295 0.2463 0.1780 -0.0241 0.0293  0.1011  40 ARG A NH1 
320 N NH2 . ARG A 40 ? 0.2514 0.1950 0.2178 -0.0424 0.0779  0.0905  40 ARG A NH2 
321 N N   . CYS A 41 ? 0.1032 0.1192 0.1056 -0.0266 0.0127  0.0129  41 CYS A N   
322 C CA  . CYS A 41 ? 0.0992 0.1127 0.1055 -0.0261 0.0062  0.0060  41 CYS A CA  
323 C C   . CYS A 41 ? 0.1034 0.1141 0.1114 -0.0282 0.0109  0.0131  41 CYS A C   
324 O O   . CYS A 41 ? 0.1278 0.1180 0.1133 -0.0254 0.0016  0.0198  41 CYS A O   
325 C CB  . CYS A 41 ? 0.1113 0.1104 0.1067 -0.0265 0.0147  0.0090  41 CYS A CB  
326 S SG  . CYS A 41 ? 0.0973 0.1111 0.1094 -0.0276 0.0063  0.0139  41 CYS A SG  
327 N N   . TRP A 42 ? 0.1024 0.1036 0.1190 -0.0268 0.0129  0.0115  42 TRP A N   
328 C CA  . TRP A 42 ? 0.1099 0.1029 0.1307 -0.0182 0.0139  0.0293  42 TRP A CA  
329 C C   . TRP A 42 ? 0.1061 0.1008 0.1322 -0.0140 0.0151  0.0239  42 TRP A C   
330 O O   . TRP A 42 ? 0.1057 0.1270 0.1319 -0.0231 0.0186  0.0179  42 TRP A O   
331 C CB  . TRP A 42 ? 0.1286 0.1071 0.1495 -0.0257 0.0294  0.0130  42 TRP A CB  
332 C CG  . TRP A 42 ? 0.1306 0.1164 0.1404 -0.0310 0.0282  0.0113  42 TRP A CG  
333 C CD1 . TRP A 42 ? 0.1347 0.1403 0.1463 -0.0326 0.0327  0.0142  42 TRP A CD1 
334 C CD2 . TRP A 42 ? 0.1589 0.1176 0.1441 -0.0412 0.0276  0.0141  42 TRP A CD2 
335 N NE1 . TRP A 42 ? 0.1350 0.1563 0.1757 -0.0448 0.0523  0.0206  42 TRP A NE1 
336 C CE2 . TRP A 42 ? 0.1713 0.1299 0.1659 -0.0484 0.0460  0.0109  42 TRP A CE2 
337 C CE3 . TRP A 42 ? 0.1582 0.1344 0.1564 -0.0375 0.0228  0.0367  42 TRP A CE3 
338 C CZ2 . TRP A 42 ? 0.1966 0.1552 0.1878 -0.0652 0.0583  0.0282  42 TRP A CZ2 
339 C CZ3 . TRP A 42 ? 0.2181 0.1319 0.1679 -0.0431 0.0265  0.0381  42 TRP A CZ3 
340 C CH2 . TRP A 42 ? 0.1973 0.1841 0.1726 -0.0633 0.0255  0.0596  42 TRP A CH2 
341 N N   . CYS A 43 ? 0.1147 0.1078 0.1231 -0.0152 0.0150  0.0260  43 CYS A N   
342 C CA  . CYS A 43 ? 0.1006 0.1108 0.1386 -0.0120 0.0117  0.0332  43 CYS A CA  
343 C C   . CYS A 43 ? 0.1221 0.1148 0.1669 -0.0093 0.0382  0.0365  43 CYS A C   
344 O O   . CYS A 43 ? 0.1729 0.1146 0.1698 0.0025  0.0445  0.0437  43 CYS A O   
345 C CB  . CYS A 43 ? 0.1113 0.1316 0.1441 -0.0121 0.0051  0.0368  43 CYS A CB  
346 S SG  . CYS A 43 ? 0.1111 0.1288 0.1358 -0.0155 0.0001  0.0333  43 CYS A SG  
347 N N   . THR A 44 ? 0.1323 0.1052 0.1642 0.0059  0.0368  0.0436  44 THR A N   
348 C CA  . THR A 44 ? 0.1593 0.1113 0.2090 -0.0009 0.0674  0.0375  44 THR A CA  
349 C C   . THR A 44 ? 0.1561 0.1049 0.2191 0.0090  0.0559  0.0408  44 THR A C   
350 O O   . THR A 44 ? 0.1390 0.1390 0.1822 0.0020  0.0445  0.0470  44 THR A O   
351 C CB  . THR A 44 ? 0.1678 0.1211 0.2457 0.0049  0.0509  -0.0082 44 THR A CB  
352 O OG1 . THR A 44 ? 0.1692 0.1404 0.3010 -0.0246 0.0581  -0.0315 44 THR A OG1 
353 C CG2 . THR A 44 ? 0.2130 0.1324 0.3056 -0.0064 0.0802  -0.0297 44 THR A CG2 
354 N N   . ARG A 45 ? 0.1722 0.1444 0.2322 0.0352  0.0837  0.0690  45 ARG A N   
355 C CA  . ARG A 45 ? 0.1760 0.1878 0.2676 0.0543  0.0839  0.0956  45 ARG A CA  
356 C C   . ARG A 45 ? 0.2023 0.1958 0.3062 0.0790  0.1260  0.1219  45 ARG A C   
357 O O   . ARG A 45 ? 0.2474 0.1823 0.3660 0.0883  0.1666  0.1300  45 ARG A O   
358 C CB  . ARG A 45 ? 0.1847 0.2415 0.2737 0.0514  0.0559  0.1100  45 ARG A CB  
359 C CG  . ARG A 45 ? 0.3319 0.2834 0.2809 0.1134  0.1386  0.1321  45 ARG A CG  
360 C CD  . ARG A 45 ? 0.3995 0.4491 0.2753 0.1175  0.1046  0.1599  45 ARG A CD  
361 N NE  . ARG A 45 ? 0.3587 0.4743 0.3138 0.1618  0.1230  0.1994  45 ARG A NE  
362 C CZ  . ARG A 45 ? 0.3198 0.5204 0.2949 0.1521  0.0620  0.2539  45 ARG A CZ  
363 N NH1 . ARG A 45 ? 0.3757 0.5225 0.3128 0.2078  0.0723  0.1857  45 ARG A NH1 
364 N NH2 . ARG A 45 ? 0.3872 0.4126 0.3371 0.0444  0.0102  0.1641  45 ARG A NH2 
365 N N   . ASN A 46 ? 0.1859 0.2532 0.3267 0.0943  0.1000  0.1122  46 ASN A N   
366 C CA  . ASN A 46 ? 0.2304 0.2773 0.3442 0.1257  0.1370  0.1028  46 ASN A CA  
367 C C   . ASN A 46 ? 0.2816 0.3535 0.4097 0.1768  0.1170  0.1798  46 ASN A C   
368 O O   . ASN A 46 ? 0.3565 0.4183 0.3326 0.2170  0.1195  0.1762  46 ASN A O   
369 C CB  . ASN A 46 ? 0.2044 0.3687 0.4251 0.1422  0.1313  0.1465  46 ASN A CB  
370 C CG  . ASN A 46 ? 0.1971 0.3419 0.3946 0.1105  0.1593  0.1139  46 ASN A CG  
371 O OD1 . ASN A 46 ? 0.2171 0.3647 0.4088 0.0825  0.1218  0.1322  46 ASN A OD1 
372 N ND2 . ASN A 46 ? 0.2871 0.3475 0.4296 0.1052  0.1397  0.0944  46 ASN A ND2 
373 N N   . CYS A 47 ? 0.2836 0.3633 0.5294 0.1770  0.1696  0.2301  47 CYS A N   
374 C CA  . CYS A 47 ? 0.2822 0.2988 0.4735 0.1265  0.0480  0.1594  47 CYS A CA  
375 C C   . CYS A 47 ? 0.4650 0.3525 0.6617 0.2481  0.2161  0.2307  47 CYS A C   
376 O O   . CYS A 47 ? 0.4560 0.3719 0.7033 0.2579  0.2285  0.2076  47 CYS A O   
377 C CB  . CYS A 47 ? 0.3118 0.2610 0.2396 0.1542  0.0103  0.1290  47 CYS A CB  
378 S SG  . CYS A 47 ? 0.3128 0.2179 0.4377 0.0688  0.0785  0.0882  47 CYS A SG  
379 O OXT . CYS A 47 ? 0.7124 0.3951 0.8784 0.3529  0.4198  0.3364  47 CYS A OXT 
380 N N   A LYS B 1  ? 0.2494 0.2414 0.4125 0.0858  0.0961  -0.0040 1  LYS B N   
381 C CA  A LYS B 1  ? 0.2296 0.1925 0.3338 0.0699  0.0521  0.0327  1  LYS B CA  
382 C C   A LYS B 1  ? 0.1818 0.1546 0.2757 0.0233  0.0365  -0.0037 1  LYS B C   
383 O O   A LYS B 1  ? 0.1658 0.1594 0.2712 0.0452  0.0476  -0.0035 1  LYS B O   
384 C CB  A LYS B 1  ? 0.1629 0.1801 0.3790 0.0195  0.0256  0.0525  1  LYS B CB  
385 C CG  A LYS B 1  ? 0.1818 0.2497 0.3331 0.0383  0.0007  0.0529  1  LYS B CG  
386 C CD  A LYS B 1  ? 0.1831 0.2968 0.3418 0.0145  -0.0325 0.1253  1  LYS B CD  
387 C CE  A LYS B 1  ? 0.2659 0.1879 0.3134 -0.0115 -0.0319 0.0671  1  LYS B CE  
388 N NZ  A LYS B 1  ? 0.2663 0.5553 0.5027 0.0091  -0.1044 -0.1424 1  LYS B NZ  
389 N N   . THR B 2  ? 0.1957 0.1503 0.3319 0.0287  0.0536  -0.0204 2  THR B N   
390 C CA  . THR B 2  ? 0.1683 0.1280 0.2804 -0.0003 0.0378  -0.0208 2  THR B CA  
391 C C   . THR B 2  ? 0.1682 0.1305 0.2488 0.0122  0.0147  0.0039  2  THR B C   
392 O O   . THR B 2  ? 0.2309 0.1335 0.2969 -0.0192 0.0272  0.0154  2  THR B O   
393 C CB  . THR B 2  ? 0.2006 0.1380 0.2437 -0.0017 0.0370  -0.0344 2  THR B CB  
394 O OG1 . THR B 2  ? 0.2062 0.2228 0.2788 -0.0470 0.0179  -0.0031 2  THR B OG1 
395 C CG2 . THR B 2  ? 0.2472 0.2054 0.2574 0.0458  0.0714  0.0015  2  THR B CG2 
396 N N   . CYS B 3  ? 0.1633 0.1233 0.2450 0.0066  0.0246  0.0036  3  CYS B N   
397 C CA  . CYS B 3  ? 0.1570 0.1414 0.2137 0.0152  0.0343  0.0282  3  CYS B CA  
398 C C   . CYS B 3  ? 0.1392 0.1323 0.1700 0.0068  0.0297  0.0318  3  CYS B C   
399 O O   . CYS B 3  ? 0.1479 0.1655 0.2075 0.0229  0.0590  0.0599  3  CYS B O   
400 C CB  . CYS B 3  ? 0.1662 0.2070 0.2134 0.0250  0.0023  0.0298  3  CYS B CB  
401 S SG  . CYS B 3  ? 0.1731 0.2396 0.2409 0.0339  0.0032  0.0503  3  CYS B SG  
402 N N   . GLU B 4  ? 0.1410 0.1091 0.1749 -0.0089 0.0347  0.0232  4  GLU B N   
403 C CA  . GLU B 4  ? 0.1273 0.1202 0.1374 -0.0135 0.0188  0.0190  4  GLU B CA  
404 C C   . GLU B 4  ? 0.1136 0.1054 0.1353 -0.0075 0.0156  0.0214  4  GLU B C   
405 O O   . GLU B 4  ? 0.1816 0.1164 0.1406 -0.0186 0.0018  0.0344  4  GLU B O   
406 C CB  . GLU B 4  ? 0.1436 0.1108 0.1493 -0.0290 0.0073  0.0109  4  GLU B CB  
407 C CG  . GLU B 4  ? 0.1348 0.1290 0.1564 -0.0220 0.0038  -0.0005 4  GLU B CG  
408 C CD  . GLU B 4  ? 0.1392 0.1610 0.1455 -0.0398 0.0042  0.0201  4  GLU B CD  
409 O OE1 . GLU B 4  ? 0.1751 0.2199 0.2116 -0.0791 -0.0135 0.0737  4  GLU B OE1 
410 O OE2 . GLU B 4  ? 0.1219 0.1748 0.1712 -0.0321 0.0044  0.0325  4  GLU B OE2 
411 N N   . ASN B 5  ? 0.1011 0.1139 0.1231 -0.0132 0.0115  0.0214  5  ASN B N   
412 C CA  . ASN B 5  ? 0.1016 0.1126 0.1172 -0.0177 0.0039  0.0142  5  ASN B CA  
413 C C   . ASN B 5  ? 0.0949 0.1146 0.1164 -0.0172 0.0010  0.0192  5  ASN B C   
414 O O   . ASN B 5  ? 0.1051 0.1149 0.1160 -0.0089 0.0016  0.0148  5  ASN B O   
415 C CB  . ASN B 5  ? 0.0951 0.1394 0.1429 -0.0057 0.0005  0.0162  5  ASN B CB  
416 C CG  . ASN B 5  ? 0.0985 0.1318 0.1477 -0.0096 -0.0092 0.0139  5  ASN B CG  
417 O OD1 . ASN B 5  ? 0.1198 0.1882 0.1384 0.0279  -0.0051 0.0161  5  ASN B OD1 
418 N ND2 . ASN B 5  ? 0.1256 0.1709 0.1567 0.0215  -0.0216 0.0175  5  ASN B ND2 
419 N N   . LEU B 6  ? 0.1102 0.1101 0.1114 -0.0137 -0.0082 0.0122  6  LEU B N   
420 C CA  . LEU B 6  ? 0.0951 0.1111 0.1214 -0.0190 -0.0016 0.0222  6  LEU B CA  
421 C C   . LEU B 6  ? 0.0951 0.1162 0.1295 -0.0231 -0.0023 0.0173  6  LEU B C   
422 O O   . LEU B 6  ? 0.0903 0.1404 0.1473 -0.0170 0.0007  0.0205  6  LEU B O   
423 C CB  . LEU B 6  ? 0.1141 0.1170 0.1225 -0.0135 -0.0098 0.0060  6  LEU B CB  
424 C CG  . LEU B 6  ? 0.1592 0.1080 0.1314 -0.0050 0.0155  0.0157  6  LEU B CG  
425 C CD1 . LEU B 6  ? 0.2216 0.1809 0.1305 0.0301  -0.0013 0.0150  6  LEU B CD1 
426 C CD2 . LEU B 6  ? 0.1247 0.1555 0.1733 -0.0254 0.0252  0.0220  6  LEU B CD2 
427 N N   . ALA B 7  ? 0.0919 0.1050 0.1286 -0.0246 -0.0019 0.0186  7  ALA B N   
428 C CA  . ALA B 7  ? 0.1024 0.1136 0.1360 -0.0358 -0.0001 0.0205  7  ALA B CA  
429 C C   . ALA B 7  ? 0.1047 0.1196 0.1411 -0.0308 -0.0033 0.0184  7  ALA B C   
430 O O   . ALA B 7  ? 0.1264 0.1424 0.1385 -0.0489 -0.0044 0.0094  7  ALA B O   
431 C CB  . ALA B 7  ? 0.1182 0.1176 0.1388 -0.0390 -0.0112 0.0243  7  ALA B CB  
432 N N   . ASP B 8  ? 0.1230 0.1543 0.1471 -0.0562 -0.0093 0.0257  8  ASP B N   
433 C CA  . ASP B 8  ? 0.1428 0.1606 0.1648 -0.0761 -0.0185 0.0280  8  ASP B CA  
434 C C   . ASP B 8  ? 0.1512 0.1472 0.1423 -0.0711 -0.0091 0.0157  8  ASP B C   
435 O O   . ASP B 8  ? 0.1555 0.1369 0.1563 -0.0577 0.0023  0.0130  8  ASP B O   
436 C CB  . ASP B 8  ? 0.1295 0.1893 0.2386 -0.0751 -0.0177 0.0556  8  ASP B CB  
437 C CG  . ASP B 8  ? 0.1506 0.2205 0.2515 -0.0792 -0.0536 0.0489  8  ASP B CG  
438 O OD1 . ASP B 8  ? 0.1721 0.2032 0.3133 -0.0786 -0.0763 0.0427  8  ASP B OD1 
439 O OD2 . ASP B 8  ? 0.1502 0.2281 0.4373 -0.0795 -0.0464 0.0263  8  ASP B OD2 
440 N N   . THR B 9  ? 0.1411 0.1633 0.1558 -0.0708 -0.0007 0.0123  9  THR B N   
441 C CA  . THR B 9  ? 0.1590 0.1542 0.1481 -0.0651 0.0035  -0.0001 9  THR B CA  
442 C C   . THR B 9  ? 0.1464 0.1344 0.1663 -0.0516 0.0009  0.0026  9  THR B C   
443 O O   . THR B 9  ? 0.1685 0.1361 0.1814 -0.0569 -0.0006 0.0275  9  THR B O   
444 C CB  . THR B 9  ? 0.1704 0.1589 0.1814 -0.0834 -0.0064 -0.0028 9  THR B CB  
445 O OG1 . THR B 9  ? 0.1792 0.2076 0.2081 -0.1035 -0.0198 -0.0002 9  THR B OG1 
446 C CG2 . THR B 9  ? 0.1744 0.1609 0.2154 -0.0810 0.0382  -0.0171 9  THR B CG2 
447 N N   . PHE B 10 ? 0.1300 0.1323 0.2067 -0.0432 -0.0047 0.0284  10 PHE B N   
448 C CA  . PHE B 10 ? 0.1315 0.1292 0.2172 -0.0346 -0.0131 0.0347  10 PHE B CA  
449 C C   . PHE B 10 ? 0.1327 0.1248 0.2545 -0.0413 -0.0053 0.0246  10 PHE B C   
450 O O   . PHE B 10 ? 0.1658 0.1448 0.2490 -0.0321 0.0147  0.0166  10 PHE B O   
451 C CB  . PHE B 10 ? 0.1334 0.1232 0.2067 -0.0252 -0.0117 0.0338  10 PHE B CB  
452 C CG  . PHE B 10 ? 0.1269 0.1113 0.1883 -0.0283 -0.0058 0.0285  10 PHE B CG  
453 C CD1 . PHE B 10 ? 0.1454 0.1414 0.1895 -0.0171 0.0010  0.0025  10 PHE B CD1 
454 C CD2 . PHE B 10 ? 0.1324 0.1207 0.1970 -0.0265 -0.0012 0.0290  10 PHE B CD2 
455 C CE1 . PHE B 10 ? 0.1768 0.1942 0.1911 -0.0073 -0.0245 0.0192  10 PHE B CE1 
456 C CE2 . PHE B 10 ? 0.1247 0.1344 0.2182 -0.0173 -0.0069 0.0304  10 PHE B CE2 
457 C CZ  . PHE B 10 ? 0.1446 0.1439 0.2239 -0.0064 -0.0360 0.0321  10 PHE B CZ  
458 N N   . ARG B 11 ? 0.1489 0.1265 0.3213 -0.0286 -0.0010 0.0480  11 ARG B N   
459 C CA  . ARG B 11 ? 0.1401 0.1288 0.3629 -0.0303 -0.0058 0.0183  11 ARG B CA  
460 C C   . ARG B 11 ? 0.1333 0.1711 0.3711 -0.0294 -0.0223 0.0262  11 ARG B C   
461 O O   . ARG B 11 ? 0.1677 0.1666 0.3685 -0.0445 -0.0334 0.0579  11 ARG B O   
462 C CB  . ARG B 11 ? 0.1619 0.1277 0.4483 -0.0299 -0.0295 0.0401  11 ARG B CB  
463 C CG  . ARG B 11 ? 0.1661 0.1468 0.4919 -0.0455 -0.0099 0.0075  11 ARG B CG  
464 C CD  . ARG B 11 ? 0.1987 0.1811 0.5798 -0.0813 -0.0137 0.0556  11 ARG B CD  
465 N NE  . ARG B 11 ? 0.1990 0.1819 0.7017 -0.0720 -0.0366 -0.0077 11 ARG B NE  
466 C CZ  . ARG B 11 ? 0.1897 0.1992 0.6901 -0.0372 -0.0374 0.0685  11 ARG B CZ  
467 N NH1 . ARG B 11 ? 0.2542 0.2592 0.5717 -0.0615 -0.0124 0.1844  11 ARG B NH1 
468 N NH2 . ARG B 11 ? 0.1811 0.1810 0.7585 -0.0582 -0.0213 0.0591  11 ARG B NH2 
469 N N   . GLY B 12 ? 0.1475 0.1391 0.3845 -0.0315 -0.0040 -0.0182 12 GLY B N   
470 C CA  . GLY B 12 ? 0.1531 0.1507 0.4174 -0.0299 0.0019  -0.0163 12 GLY B CA  
471 C C   . GLY B 12 ? 0.1335 0.1404 0.3149 -0.0108 0.0188  -0.0142 12 GLY B C   
472 O O   . GLY B 12 ? 0.1302 0.1468 0.2789 -0.0022 0.0027  0.0010  12 GLY B O   
473 N N   . PRO B 13 ? 0.1315 0.1363 0.3221 -0.0028 0.0017  -0.0411 13 PRO B N   
474 C CA  . PRO B 13 ? 0.1261 0.1391 0.2582 -0.0111 0.0212  -0.0274 13 PRO B CA  
475 C C   . PRO B 13 ? 0.1060 0.1179 0.2144 -0.0017 -0.0093 0.0128  13 PRO B C   
476 O O   . PRO B 13 ? 0.1433 0.1351 0.2489 0.0001  -0.0083 0.0529  13 PRO B O   
477 C CB  . PRO B 13 ? 0.1273 0.1880 0.3282 -0.0023 0.0214  -0.0723 13 PRO B CB  
478 C CG  . PRO B 13 ? 0.1323 0.1647 0.6210 0.0143  0.0467  -0.0495 13 PRO B CG  
479 C CD  . PRO B 13 ? 0.1511 0.1499 0.4625 0.0193  -0.0040 -0.0639 13 PRO B CD  
480 N N   . CYS B 14 ? 0.0998 0.1129 0.1843 -0.0073 -0.0022 0.0147  14 CYS B N   
481 C CA  . CYS B 14 ? 0.0961 0.1288 0.1597 -0.0074 -0.0052 0.0184  14 CYS B CA  
482 C C   . CYS B 14 ? 0.1003 0.1244 0.1761 -0.0191 0.0051  0.0146  14 CYS B C   
483 O O   . CYS B 14 ? 0.1147 0.1534 0.1750 -0.0293 0.0084  0.0122  14 CYS B O   
484 C CB  . CYS B 14 ? 0.1129 0.1273 0.1361 -0.0041 -0.0049 0.0185  14 CYS B CB  
485 S SG  . CYS B 14 ? 0.1133 0.1240 0.1492 -0.0089 0.0073  0.0242  14 CYS B SG  
486 N N   . PHE B 15 ? 0.0971 0.1554 0.2231 -0.0133 -0.0092 0.0391  15 PHE B N   
487 C CA  . PHE B 15 ? 0.0982 0.2087 0.2514 -0.0175 -0.0217 0.0179  15 PHE B CA  
488 C C   . PHE B 15 ? 0.1083 0.2103 0.2293 -0.0180 -0.0263 0.0471  15 PHE B C   
489 O O   . PHE B 15 ? 0.1184 0.2358 0.2803 -0.0212 -0.0416 0.0196  15 PHE B O   
490 C CB  . PHE B 15 ? 0.1189 0.2255 0.2645 0.0141  -0.0565 0.0251  15 PHE B CB  
491 C CG  . PHE B 15 ? 0.1094 0.1820 0.2766 -0.0043 -0.0122 0.0326  15 PHE B CG  
492 C CD1 . PHE B 15 ? 0.1386 0.2007 0.3152 0.0307  -0.0232 0.0250  15 PHE B CD1 
493 C CD2 . PHE B 15 ? 0.1144 0.1950 0.2685 0.0034  0.0087  0.0328  15 PHE B CD2 
494 C CE1 . PHE B 15 ? 0.1163 0.1972 0.3135 0.0337  0.0138  0.0277  15 PHE B CE1 
495 C CE2 . PHE B 15 ? 0.1096 0.1961 0.2817 0.0114  0.0288  0.0278  15 PHE B CE2 
496 C CZ  . PHE B 15 ? 0.1074 0.1940 0.3207 0.0178  0.0334  0.0323  15 PHE B CZ  
497 N N   . THR B 16 ? 0.1182 0.1738 0.2170 -0.0149 -0.0312 0.0466  16 THR B N   
498 C CA  . THR B 16 ? 0.1386 0.2059 0.1993 -0.0127 -0.0407 0.0592  16 THR B CA  
499 C C   . THR B 16 ? 0.1294 0.1959 0.1520 -0.0285 -0.0276 0.0520  16 THR B C   
500 O O   . THR B 16 ? 0.1318 0.1936 0.1542 -0.0265 -0.0204 0.0215  16 THR B O   
501 C CB  A THR B 16 ? 0.1444 0.3020 0.2599 0.0200  -0.0338 0.1348  16 THR B CB  
502 C CB  B THR B 16 ? 0.1544 0.3615 0.2473 0.0512  -0.0261 0.1423  16 THR B CB  
503 O OG1 A THR B 16 ? 0.2710 0.3469 0.3532 0.1303  -0.0506 0.1198  16 THR B OG1 
504 O OG1 B THR B 16 ? 0.2430 0.2692 0.3786 -0.0415 -0.0733 0.2014  16 THR B OG1 
505 C CG2 A THR B 16 ? 0.2625 0.4024 0.2432 0.0934  -0.0702 0.1414  16 THR B CG2 
506 C CG2 B THR B 16 ? 0.3357 0.3385 0.3572 0.1332  -0.0662 0.1269  16 THR B CG2 
507 N N   . ASP B 17 ? 0.1132 0.2104 0.1604 -0.0383 -0.0217 0.0503  17 ASP B N   
508 C CA  . ASP B 17 ? 0.1333 0.1827 0.1342 -0.0423 -0.0242 0.0357  17 ASP B CA  
509 C C   . ASP B 17 ? 0.1313 0.1762 0.1367 -0.0282 -0.0216 0.0400  17 ASP B C   
510 O O   . ASP B 17 ? 0.1281 0.1804 0.1466 -0.0347 -0.0121 0.0489  17 ASP B O   
511 C CB  . ASP B 17 ? 0.1602 0.2060 0.1300 -0.0648 -0.0249 0.0290  17 ASP B CB  
512 C CG  . ASP B 17 ? 0.1255 0.1999 0.1331 -0.0582 -0.0252 0.0313  17 ASP B CG  
513 O OD1 . ASP B 17 ? 0.1090 0.1880 0.1333 -0.0283 -0.0238 0.0278  17 ASP B OD1 
514 O OD2 . ASP B 17 ? 0.1459 0.1753 0.1162 -0.0454 -0.0323 0.0322  17 ASP B OD2 
515 N N   . GLY B 18 ? 0.1414 0.2029 0.1307 -0.0334 -0.0251 0.0363  18 GLY B N   
516 C CA  . GLY B 18 ? 0.1673 0.1951 0.1358 -0.0226 -0.0257 0.0506  18 GLY B CA  
517 C C   . GLY B 18 ? 0.1438 0.1769 0.1458 -0.0156 -0.0183 0.0549  18 GLY B C   
518 O O   . GLY B 18 ? 0.1587 0.1956 0.1476 -0.0188 -0.0114 0.0510  18 GLY B O   
519 N N   . SER B 19 ? 0.1372 0.1657 0.1763 -0.0143 -0.0149 0.0551  19 SER B N   
520 C CA  . SER B 19 ? 0.1633 0.1459 0.2325 0.0016  -0.0431 0.0421  19 SER B CA  
521 C C   . SER B 19 ? 0.1341 0.1544 0.1451 -0.0221 -0.0088 0.0471  19 SER B C   
522 O O   . SER B 19 ? 0.1404 0.1506 0.1644 -0.0177 -0.0031 0.0515  19 SER B O   
523 C CB  A SER B 19 ? 0.1654 0.1705 0.2654 0.0096  -0.0390 0.0240  19 SER B CB  
524 C CB  B SER B 19 ? 0.2014 0.1535 0.2578 0.0233  -0.0332 0.0396  19 SER B CB  
525 C CB  C SER B 19 ? 0.1806 0.1431 0.2379 0.0111  -0.0351 0.0514  19 SER B CB  
526 O OG  A SER B 19 ? 0.1811 0.2253 0.2671 0.0471  -0.0482 -0.0045 19 SER B OG  
527 O OG  B SER B 19 ? 0.2684 0.1484 0.3197 -0.0521 0.0743  0.0085  19 SER B OG  
528 O OG  C SER B 19 ? 0.1279 0.1933 0.2677 0.0147  -0.0136 0.0748  19 SER B OG  
529 N N   . CYS B 20 ? 0.1144 0.1479 0.1436 -0.0138 -0.0052 0.0346  20 CYS B N   
530 C CA  . CYS B 20 ? 0.1203 0.1342 0.1249 -0.0231 0.0015  0.0313  20 CYS B CA  
531 C C   . CYS B 20 ? 0.1159 0.1386 0.1168 -0.0230 0.0043  0.0391  20 CYS B C   
532 O O   . CYS B 20 ? 0.1165 0.1500 0.1081 -0.0265 0.0092  0.0319  20 CYS B O   
533 C CB  . CYS B 20 ? 0.1253 0.1508 0.1248 -0.0370 -0.0035 0.0335  20 CYS B CB  
534 S SG  . CYS B 20 ? 0.1235 0.1281 0.1140 -0.0329 0.0025  0.0237  20 CYS B SG  
535 N N   . ASP B 21 ? 0.1191 0.1568 0.1311 -0.0194 -0.0025 0.0313  21 ASP B N   
536 C CA  . ASP B 21 ? 0.1332 0.1571 0.1250 -0.0247 0.0003  0.0216  21 ASP B CA  
537 C C   . ASP B 21 ? 0.1332 0.1685 0.1076 -0.0207 -0.0089 0.0313  21 ASP B C   
538 O O   . ASP B 21 ? 0.1346 0.1578 0.1343 -0.0194 0.0063  0.0206  21 ASP B O   
539 C CB  . ASP B 21 ? 0.1274 0.1732 0.1531 -0.0153 -0.0179 0.0144  21 ASP B CB  
540 C CG  . ASP B 21 ? 0.1520 0.1607 0.1289 -0.0342 -0.0069 0.0149  21 ASP B CG  
541 O OD1 . ASP B 21 ? 0.1467 0.1833 0.1260 -0.0159 -0.0052 0.0065  21 ASP B OD1 
542 O OD2 . ASP B 21 ? 0.2152 0.2523 0.1284 -0.0214 -0.0255 0.0164  21 ASP B OD2 
543 N N   . ASP B 22 ? 0.1411 0.1665 0.1258 -0.0204 0.0020  0.0332  22 ASP B N   
544 C CA  . ASP B 22 ? 0.1646 0.1587 0.1282 -0.0239 0.0014  0.0358  22 ASP B CA  
545 C C   . ASP B 22 ? 0.1446 0.1488 0.1343 -0.0140 0.0036  0.0421  22 ASP B C   
546 O O   . ASP B 22 ? 0.1499 0.1917 0.1465 -0.0228 0.0324  0.0621  22 ASP B O   
547 C CB  . ASP B 22 ? 0.1704 0.1837 0.1440 -0.0170 -0.0154 0.0520  22 ASP B CB  
548 C CG  . ASP B 22 ? 0.2863 0.2430 0.2429 0.0104  0.0218  0.1401  22 ASP B CG  
549 O OD1 . ASP B 22 ? 0.5674 0.4183 0.3169 -0.3001 -0.1967 0.2485  22 ASP B OD1 
550 O OD2 . ASP B 22 ? 0.5607 0.6058 0.2223 -0.0596 0.1304  0.1178  22 ASP B OD2 
551 N N   . HIS B 23 ? 0.1459 0.1461 0.1186 -0.0159 0.0069  0.0351  23 HIS B N   
552 C CA  . HIS B 23 ? 0.1285 0.1372 0.1372 -0.0281 0.0133  0.0480  23 HIS B CA  
553 C C   . HIS B 23 ? 0.1265 0.1364 0.1292 -0.0236 0.0267  0.0290  23 HIS B C   
554 O O   . HIS B 23 ? 0.1224 0.1421 0.1377 -0.0283 0.0231  0.0358  23 HIS B O   
555 C CB  . HIS B 23 ? 0.1465 0.1224 0.1365 -0.0281 0.0145  0.0170  23 HIS B CB  
556 C CG  . HIS B 23 ? 0.1294 0.1269 0.1498 -0.0323 0.0046  0.0274  23 HIS B CG  
557 N ND1 . HIS B 23 ? 0.1614 0.1355 0.1849 -0.0418 -0.0142 0.0218  23 HIS B ND1 
558 C CD2 . HIS B 23 ? 0.1314 0.1440 0.1529 -0.0223 0.0095  0.0234  23 HIS B CD2 
559 C CE1 . HIS B 23 ? 0.1545 0.1691 0.1798 -0.0492 -0.0193 0.0278  23 HIS B CE1 
560 N NE2 . HIS B 23 ? 0.1287 0.1662 0.1405 -0.0336 0.0081  0.0187  23 HIS B NE2 
561 N N   . CYS B 24 ? 0.1157 0.1304 0.1246 -0.0237 0.0159  0.0293  24 CYS B N   
562 C CA  . CYS B 24 ? 0.1194 0.1367 0.1159 -0.0190 0.0181  0.0343  24 CYS B CA  
563 C C   . CYS B 24 ? 0.1138 0.1539 0.1230 -0.0312 0.0151  0.0216  24 CYS B C   
564 O O   . CYS B 24 ? 0.1221 0.1840 0.1209 -0.0270 0.0220  0.0246  24 CYS B O   
565 C CB  . CYS B 24 ? 0.1097 0.1358 0.1222 -0.0178 0.0214  0.0217  24 CYS B CB  
566 S SG  . CYS B 24 ? 0.1076 0.1257 0.1159 -0.0168 0.0153  0.0266  24 CYS B SG  
567 N N   . LYS B 25 ? 0.1204 0.1685 0.1139 -0.0225 0.0212  0.0250  25 LYS B N   
568 C CA  . LYS B 25 ? 0.1391 0.1837 0.1142 -0.0237 0.0245  0.0279  25 LYS B CA  
569 C C   . LYS B 25 ? 0.1434 0.1837 0.1419 -0.0259 0.0308  0.0471  25 LYS B C   
570 O O   . LYS B 25 ? 0.1504 0.2215 0.1640 -0.0231 0.0469  0.0492  25 LYS B O   
571 C CB  . LYS B 25 ? 0.1712 0.2119 0.1190 -0.0325 0.0086  0.0248  25 LYS B CB  
572 C CG  . LYS B 25 ? 0.1834 0.2285 0.1669 -0.0570 0.0293  0.0091  25 LYS B CG  
573 C CD  . LYS B 25 ? 0.2302 0.3352 0.1447 -0.0849 0.0378  -0.0569 25 LYS B CD  
574 C CE  . LYS B 25 ? 0.2161 0.2825 0.2962 0.0030  -0.0206 -0.1098 25 LYS B CE  
575 N NZ  . LYS B 25 ? 0.2469 0.5771 0.4391 -0.0452 -0.0861 -0.2722 25 LYS B NZ  
576 N N   . ASN B 26 ? 0.1448 0.1858 0.1314 -0.0309 0.0378  0.0455  26 ASN B N   
577 C CA  . ASN B 26 ? 0.1695 0.1810 0.1570 -0.0310 0.0413  0.0469  26 ASN B CA  
578 C C   . ASN B 26 ? 0.2029 0.1890 0.1613 -0.0536 0.0459  0.0542  26 ASN B C   
579 O O   . ASN B 26 ? 0.2731 0.2774 0.2267 -0.1473 0.0950  0.0032  26 ASN B O   
580 C CB  . ASN B 26 ? 0.2137 0.1947 0.1671 -0.0118 0.0447  0.0629  26 ASN B CB  
581 C CG  . ASN B 26 ? 0.1830 0.2841 0.1410 -0.0617 0.0357  0.0872  26 ASN B CG  
582 O OD1 . ASN B 26 ? 0.1868 0.4928 0.2145 -0.0505 0.0252  0.1633  26 ASN B OD1 
583 N ND2 . ASN B 26 ? 0.2086 0.2644 0.1326 -0.0774 0.0101  0.0520  26 ASN B ND2 
584 N N   . LYS B 27 ? 0.1728 0.1657 0.1667 -0.0395 0.0413  0.0358  27 LYS B N   
585 C CA  . LYS B 27 ? 0.1936 0.1506 0.1835 -0.0469 0.0381  0.0299  27 LYS B CA  
586 C C   . LYS B 27 ? 0.1645 0.1574 0.1956 -0.0494 0.0411  0.0285  27 LYS B C   
587 O O   . LYS B 27 ? 0.1578 0.1735 0.3332 -0.0634 0.0436  0.0643  27 LYS B O   
588 C CB  . LYS B 27 ? 0.2068 0.1549 0.2253 -0.0303 0.0558  0.0108  27 LYS B CB  
589 C CG  . LYS B 27 ? 0.2154 0.1938 0.4091 -0.0226 0.0124  0.0503  27 LYS B CG  
590 C CD  . LYS B 27 ? 0.3746 0.2851 0.6067 -0.0764 -0.0534 0.2211  27 LYS B CD  
591 C CE  . LYS B 27 ? 0.4963 0.3075 0.8280 -0.0234 -0.1634 0.2451  27 LYS B CE  
592 N NZ  . LYS B 27 ? 0.6202 0.9190 0.7746 -0.0872 -0.2205 0.5642  27 LYS B NZ  
593 N N   . GLU B 28 ? 0.1227 0.1532 0.1874 -0.0439 0.0288  0.0276  28 GLU B N   
594 C CA  . GLU B 28 ? 0.1344 0.1625 0.1704 -0.0401 0.0190  0.0155  28 GLU B CA  
595 C C   . GLU B 28 ? 0.1269 0.1676 0.1601 -0.0304 0.0353  0.0395  28 GLU B C   
596 O O   . GLU B 28 ? 0.1195 0.2082 0.1775 -0.0233 0.0277  0.0305  28 GLU B O   
597 C CB  . GLU B 28 ? 0.1397 0.1598 0.1562 -0.0389 0.0211  0.0095  28 GLU B CB  
598 C CG  . GLU B 28 ? 0.1733 0.1436 0.1677 -0.0223 0.0328  0.0102  28 GLU B CG  
599 C CD  . GLU B 28 ? 0.1411 0.1507 0.1590 -0.0285 0.0080  0.0056  28 GLU B CD  
600 O OE1 . GLU B 28 ? 0.2052 0.2526 0.1561 0.0531  0.0125  0.0200  28 GLU B OE1 
601 O OE2 . GLU B 28 ? 0.1515 0.1554 0.1497 -0.0251 0.0109  0.0209  28 GLU B OE2 
602 N N   . HIS B 29 ? 0.1156 0.1709 0.1645 -0.0287 0.0391  0.0250  29 HIS B N   
603 C CA  . HIS B 29 ? 0.1277 0.1961 0.1661 -0.0037 0.0519  0.0407  29 HIS B CA  
604 C C   . HIS B 29 ? 0.1291 0.1791 0.1593 -0.0205 0.0462  0.0127  29 HIS B C   
605 O O   . HIS B 29 ? 0.1399 0.1995 0.1873 -0.0062 0.0639  0.0205  29 HIS B O   
606 C CB  . HIS B 29 ? 0.1343 0.2191 0.2063 -0.0319 0.0668  0.0481  29 HIS B CB  
607 C CG  . HIS B 29 ? 0.1350 0.2176 0.3325 -0.0082 0.1006  0.0532  29 HIS B CG  
608 N ND1 . HIS B 29 ? 0.2072 0.2663 0.3968 -0.0120 0.0993  0.1458  29 HIS B ND1 
609 C CD2 . HIS B 29 ? 0.2061 0.2065 0.4470 -0.0392 0.1067  0.0147  29 HIS B CD2 
610 C CE1 . HIS B 29 ? 0.2847 0.2555 0.5345 0.0002  0.1503  0.1498  29 HIS B CE1 
611 N NE2 . HIS B 29 ? 0.2781 0.2189 0.5745 -0.0269 0.1545  0.0651  29 HIS B NE2 
612 N N   . LEU B 30 ? 0.1308 0.1640 0.1483 -0.0130 0.0499  0.0147  30 LEU B N   
613 C CA  . LEU B 30 ? 0.1287 0.1610 0.1623 -0.0142 0.0420  0.0086  30 LEU B CA  
614 C C   . LEU B 30 ? 0.1609 0.1542 0.1309 -0.0028 0.0382  0.0049  30 LEU B C   
615 O O   . LEU B 30 ? 0.1822 0.1934 0.1434 -0.0277 0.0452  0.0129  30 LEU B O   
616 C CB  . LEU B 30 ? 0.1265 0.1378 0.1447 -0.0163 0.0300  0.0102  30 LEU B CB  
617 C CG  . LEU B 30 ? 0.1258 0.1514 0.1495 -0.0172 0.0256  0.0163  30 LEU B CG  
618 C CD1 . LEU B 30 ? 0.1357 0.1532 0.1490 -0.0306 0.0342  0.0139  30 LEU B CD1 
619 C CD2 . LEU B 30 ? 0.1341 0.1697 0.1595 -0.0175 0.0301  0.0198  30 LEU B CD2 
620 N N   . ILE B 31 ? 0.1387 0.1682 0.1400 -0.0205 0.0390  0.0021  31 ILE B N   
621 C CA  . ILE B 31 ? 0.1617 0.1875 0.1093 -0.0122 0.0425  -0.0110 31 ILE B CA  
622 C C   . ILE B 31 ? 0.1547 0.1628 0.1185 -0.0269 0.0342  0.0100  31 ILE B C   
623 O O   . ILE B 31 ? 0.1906 0.1892 0.1153 -0.0360 0.0225  -0.0061 31 ILE B O   
624 C CB  . ILE B 31 ? 0.1555 0.1771 0.1519 -0.0088 0.0345  -0.0151 31 ILE B CB  
625 C CG1 . ILE B 31 ? 0.1584 0.1875 0.1574 -0.0023 0.0474  -0.0303 31 ILE B CG1 
626 C CG2 . ILE B 31 ? 0.1761 0.1752 0.1754 -0.0060 0.0306  -0.0145 31 ILE B CG2 
627 C CD1 . ILE B 31 ? 0.1946 0.1860 0.1910 0.0160  0.0436  -0.0059 31 ILE B CD1 
628 N N   . LYS B 32 ? 0.1515 0.1659 0.1203 -0.0138 0.0232  -0.0041 32 LYS B N   
629 C CA  . LYS B 32 ? 0.1441 0.1464 0.1092 -0.0181 0.0215  0.0057  32 LYS B CA  
630 C C   . LYS B 32 ? 0.1214 0.1518 0.1021 -0.0321 0.0058  0.0007  32 LYS B C   
631 O O   . LYS B 32 ? 0.1215 0.1364 0.1191 -0.0156 0.0075  0.0048  32 LYS B O   
632 C CB  . LYS B 32 ? 0.1651 0.1589 0.1239 -0.0225 0.0004  -0.0111 32 LYS B CB  
633 C CG  . LYS B 32 ? 0.1542 0.1490 0.1206 -0.0221 0.0015  -0.0058 32 LYS B CG  
634 C CD  . LYS B 32 ? 0.1872 0.1721 0.1549 -0.0370 -0.0282 -0.0076 32 LYS B CD  
635 C CE  . LYS B 32 ? 0.1783 0.1725 0.1634 -0.0637 -0.0191 -0.0022 32 LYS B CE  
636 N NZ  . LYS B 32 ? 0.2571 0.1697 0.2047 -0.0554 -0.0098 -0.0272 32 LYS B NZ  
637 N N   . GLY B 33 ? 0.1323 0.1608 0.0999 -0.0120 0.0095  0.0114  33 GLY B N   
638 C CA  . GLY B 33 ? 0.1238 0.1497 0.0989 -0.0258 0.0027  -0.0027 33 GLY B CA  
639 C C   . GLY B 33 ? 0.1253 0.1333 0.1007 -0.0139 -0.0026 0.0142  33 GLY B C   
640 O O   . GLY B 33 ? 0.1344 0.1799 0.1023 -0.0314 -0.0113 0.0099  33 GLY B O   
641 N N   . ARG B 34 ? 0.1039 0.1326 0.1091 -0.0221 -0.0051 0.0098  34 ARG B N   
642 C CA  . ARG B 34 ? 0.0991 0.1272 0.1096 -0.0188 -0.0053 0.0117  34 ARG B CA  
643 C C   . ARG B 34 ? 0.0993 0.1247 0.1024 -0.0259 -0.0053 0.0156  34 ARG B C   
644 O O   . ARG B 34 ? 0.0927 0.1159 0.1134 -0.0202 0.0005  0.0076  34 ARG B O   
645 C CB  . ARG B 34 ? 0.1167 0.1400 0.1134 -0.0320 -0.0054 -0.0003 34 ARG B CB  
646 C CG  . ARG B 34 ? 0.1054 0.1296 0.1301 -0.0221 -0.0060 0.0077  34 ARG B CG  
647 C CD  . ARG B 34 ? 0.1337 0.1384 0.1459 -0.0365 -0.0184 0.0070  34 ARG B CD  
648 N NE  . ARG B 34 ? 0.1360 0.1483 0.1555 -0.0436 -0.0069 0.0251  34 ARG B NE  
649 C CZ  . ARG B 34 ? 0.1432 0.1435 0.1404 -0.0492 -0.0005 0.0057  34 ARG B CZ  
650 N NH1 . ARG B 34 ? 0.1442 0.1857 0.1613 -0.0461 0.0014  0.0090  34 ARG B NH1 
651 N NH2 . ARG B 34 ? 0.1618 0.1536 0.1562 -0.0453 0.0005  0.0206  34 ARG B NH2 
652 N N   . CYS B 35 ? 0.1021 0.1328 0.1012 -0.0129 -0.0053 0.0213  35 CYS B N   
653 C CA  . CYS B 35 ? 0.0962 0.1252 0.1040 -0.0198 -0.0073 0.0214  35 CYS B CA  
654 C C   . CYS B 35 ? 0.0960 0.1185 0.1093 -0.0178 -0.0068 0.0130  35 CYS B C   
655 O O   . CYS B 35 ? 0.1441 0.1310 0.1135 -0.0413 -0.0177 0.0152  35 CYS B O   
656 C CB  . CYS B 35 ? 0.1042 0.1198 0.1317 -0.0165 -0.0043 0.0099  35 CYS B CB  
657 S SG  . CYS B 35 ? 0.1255 0.1371 0.1375 -0.0019 -0.0097 0.0314  35 CYS B SG  
658 N N   . ARG B 36 ? 0.0966 0.1176 0.1088 -0.0228 -0.0049 0.0136  36 ARG B N   
659 C CA  . ARG B 36 ? 0.1004 0.1186 0.1143 -0.0235 -0.0087 0.0150  36 ARG B CA  
660 C C   . ARG B 36 ? 0.0941 0.1349 0.1143 -0.0142 -0.0074 0.0216  36 ARG B C   
661 O O   . ARG B 36 ? 0.1004 0.1545 0.1230 -0.0003 0.0037  0.0339  36 ARG B O   
662 C CB  . ARG B 36 ? 0.0962 0.1250 0.1121 -0.0205 -0.0052 0.0099  36 ARG B CB  
663 C CG  . ARG B 36 ? 0.1146 0.1123 0.1141 -0.0210 0.0030  0.0144  36 ARG B CG  
664 C CD  . ARG B 36 ? 0.1201 0.1135 0.1173 -0.0084 0.0078  0.0192  36 ARG B CD  
665 N NE  . ARG B 36 ? 0.1086 0.1170 0.1202 -0.0272 0.0020  0.0177  36 ARG B NE  
666 C CZ  . ARG B 36 ? 0.1236 0.1106 0.1179 -0.0206 0.0002  0.0120  36 ARG B CZ  
667 N NH1 . ARG B 36 ? 0.1256 0.1209 0.1219 -0.0092 -0.0090 0.0246  36 ARG B NH1 
668 N NH2 . ARG B 36 ? 0.1556 0.1307 0.1341 -0.0363 -0.0030 0.0314  36 ARG B NH2 
669 N N   . ASP B 37 ? 0.0932 0.1463 0.1202 -0.0201 -0.0010 0.0280  37 ASP B N   
670 C CA  . ASP B 37 ? 0.0927 0.1791 0.1341 -0.0046 0.0007  0.0462  37 ASP B CA  
671 C C   . ASP B 37 ? 0.0957 0.1808 0.1283 -0.0038 0.0128  0.0391  37 ASP B C   
672 O O   . ASP B 37 ? 0.0939 0.2242 0.1568 0.0020  0.0230  0.0293  37 ASP B O   
673 C CB  . ASP B 37 ? 0.0838 0.1915 0.1530 -0.0228 -0.0001 0.0468  37 ASP B CB  
674 C CG  . ASP B 37 ? 0.0999 0.1700 0.1156 -0.0298 0.0002  0.0290  37 ASP B CG  
675 O OD1 . ASP B 37 ? 0.0870 0.1661 0.1200 -0.0222 0.0010  0.0340  37 ASP B OD1 
676 O OD2 . ASP B 37 ? 0.1114 0.2004 0.1373 -0.0567 -0.0138 0.0508  37 ASP B OD2 
677 N N   . ASP B 38 ? 0.0978 0.1410 0.1292 0.0029  0.0165  0.0217  38 ASP B N   
678 C CA  . ASP B 38 ? 0.1078 0.1497 0.1280 0.0122  0.0231  0.0110  38 ASP B CA  
679 C C   . ASP B 38 ? 0.1192 0.1418 0.1281 0.0085  0.0227  0.0037  38 ASP B C   
680 O O   . ASP B 38 ? 0.1534 0.1490 0.1428 0.0105  0.0164  -0.0070 38 ASP B O   
681 C CB  . ASP B 38 ? 0.1142 0.1454 0.1219 -0.0011 0.0111  0.0054  38 ASP B CB  
682 C CG  . ASP B 38 ? 0.0888 0.1260 0.1363 -0.0117 0.0102  0.0030  38 ASP B CG  
683 O OD1 . ASP B 38 ? 0.0980 0.1229 0.1235 -0.0096 0.0136  0.0058  38 ASP B OD1 
684 O OD2 . ASP B 38 ? 0.0995 0.1287 0.1118 -0.0040 0.0140  0.0076  38 ASP B OD2 
685 N N   . PHE B 39 ? 0.0991 0.1250 0.1393 0.0081  0.0126  0.0137  39 PHE B N   
686 C CA  . PHE B 39 ? 0.1075 0.1243 0.1435 0.0082  0.0121  0.0090  39 PHE B CA  
687 C C   . PHE B 39 ? 0.1183 0.1134 0.1353 0.0041  0.0158  0.0138  39 PHE B C   
688 O O   . PHE B 39 ? 0.1427 0.1155 0.1597 0.0067  0.0085  0.0077  39 PHE B O   
689 C CB  . PHE B 39 ? 0.1323 0.1453 0.1902 0.0343  0.0200  0.0223  39 PHE B CB  
690 C CG  . PHE B 39 ? 0.1151 0.1793 0.2234 0.0453  0.0293  0.0298  39 PHE B CG  
691 C CD1 . PHE B 39 ? 0.1426 0.2101 0.2574 0.0581  0.0588  0.0490  39 PHE B CD1 
692 C CD2 . PHE B 39 ? 0.1168 0.2146 0.2654 0.0332  -0.0093 0.0171  39 PHE B CD2 
693 C CE1 . PHE B 39 ? 0.1308 0.2781 0.3305 0.0526  0.0729  0.0630  39 PHE B CE1 
694 C CE2 . PHE B 39 ? 0.1363 0.2068 0.3450 0.0170  -0.0006 0.0235  39 PHE B CE2 
695 C CZ  . PHE B 39 ? 0.1275 0.2092 0.3889 0.0340  0.0297  0.0706  39 PHE B CZ  
696 N N   . ARG B 40 ? 0.1027 0.1125 0.1300 -0.0043 0.0126  0.0149  40 ARG B N   
697 C CA  . ARG B 40 ? 0.0984 0.1056 0.1264 -0.0202 0.0071  0.0070  40 ARG B CA  
698 C C   . ARG B 40 ? 0.0930 0.0978 0.1142 -0.0099 0.0010  0.0188  40 ARG B C   
699 O O   . ARG B 40 ? 0.0931 0.1064 0.1140 -0.0211 0.0038  0.0169  40 ARG B O   
700 C CB  A ARG B 40 ? 0.1178 0.1135 0.1354 -0.0227 -0.0083 0.0016  40 ARG B CB  
701 C CB  B ARG B 40 ? 0.1018 0.2298 0.1177 -0.0092 0.0011  -0.0089 40 ARG B CB  
702 C CG  A ARG B 40 ? 0.1459 0.1346 0.1097 -0.0642 0.0150  0.0076  40 ARG B CG  
703 C CG  B ARG B 40 ? 0.2040 0.1901 0.1231 -0.0514 0.0278  -0.0090 40 ARG B CG  
704 C CD  A ARG B 40 ? 0.1908 0.1104 0.1591 -0.0017 -0.0262 -0.0157 40 ARG B CD  
705 C CD  B ARG B 40 ? 0.2046 0.2252 0.3186 -0.0298 0.0521  -0.1348 40 ARG B CD  
706 N NE  A ARG B 40 ? 0.1541 0.1540 0.1086 -0.0234 0.0054  -0.0038 40 ARG B NE  
707 N NE  B ARG B 40 ? 0.1958 0.1922 0.3829 -0.0440 0.0040  -0.0486 40 ARG B NE  
708 C CZ  A ARG B 40 ? 0.1388 0.1659 0.1193 -0.0054 -0.0028 -0.0133 40 ARG B CZ  
709 C CZ  B ARG B 40 ? 0.2207 0.2099 0.2265 -0.0488 0.0364  -0.0504 40 ARG B CZ  
710 N NH1 A ARG B 40 ? 0.1687 0.2523 0.1692 -0.0121 -0.0364 -0.0648 40 ARG B NH1 
711 N NH1 B ARG B 40 ? 0.3256 0.2823 0.2853 0.0164  0.1274  0.0507  40 ARG B NH1 
712 N NH2 A ARG B 40 ? 0.2799 0.1515 0.1315 0.0396  0.0013  0.0069  40 ARG B NH2 
713 N NH2 B ARG B 40 ? 0.1878 0.3130 0.1356 -0.0213 0.0189  -0.0246 40 ARG B NH2 
714 N N   . CYS B 41 ? 0.0962 0.0967 0.1202 -0.0180 0.0036  0.0141  41 CYS B N   
715 C CA  . CYS B 41 ? 0.0984 0.0988 0.1167 -0.0197 0.0057  0.0179  41 CYS B CA  
716 C C   . CYS B 41 ? 0.0853 0.1002 0.1060 -0.0220 0.0040  0.0194  41 CYS B C   
717 O O   . CYS B 41 ? 0.0949 0.1038 0.1136 -0.0232 -0.0026 0.0103  41 CYS B O   
718 C CB  . CYS B 41 ? 0.1024 0.1054 0.1204 -0.0189 -0.0067 0.0217  41 CYS B CB  
719 S SG  . CYS B 41 ? 0.1072 0.1189 0.1162 -0.0247 0.0050  0.0270  41 CYS B SG  
720 N N   . TRP B 42 ? 0.0850 0.1055 0.1036 -0.0189 0.0017  0.0118  42 TRP B N   
721 C CA  . TRP B 42 ? 0.0894 0.1010 0.0986 -0.0147 0.0030  0.0149  42 TRP B CA  
722 C C   . TRP B 42 ? 0.0969 0.1039 0.0955 -0.0077 0.0056  0.0205  42 TRP B C   
723 O O   . TRP B 42 ? 0.1014 0.1353 0.0953 -0.0124 0.0058  0.0107  42 TRP B O   
724 C CB  . TRP B 42 ? 0.0969 0.0987 0.1055 -0.0098 0.0089  0.0161  42 TRP B CB  
725 C CG  . TRP B 42 ? 0.0956 0.1038 0.1026 -0.0196 0.0140  0.0125  42 TRP B CG  
726 C CD1 . TRP B 42 ? 0.0965 0.1105 0.1036 -0.0195 0.0159  0.0144  42 TRP B CD1 
727 C CD2 . TRP B 42 ? 0.0873 0.1062 0.1063 -0.0220 0.0072  0.0112  42 TRP B CD2 
728 N NE1 . TRP B 42 ? 0.1010 0.1169 0.1126 -0.0186 0.0190  0.0032  42 TRP B NE1 
729 C CE2 . TRP B 42 ? 0.1043 0.1206 0.1077 -0.0279 0.0146  0.0163  42 TRP B CE2 
730 C CE3 . TRP B 42 ? 0.0952 0.1120 0.1148 -0.0229 0.0069  0.0211  42 TRP B CE3 
731 C CZ2 . TRP B 42 ? 0.1025 0.1448 0.1085 -0.0404 0.0092  0.0155  42 TRP B CZ2 
732 C CZ3 . TRP B 42 ? 0.0990 0.1271 0.1311 -0.0201 -0.0055 0.0261  42 TRP B CZ3 
733 C CH2 . TRP B 42 ? 0.1027 0.1663 0.1109 -0.0322 0.0067  0.0385  42 TRP B CH2 
734 N N   . CYS B 43 ? 0.0929 0.1114 0.1029 -0.0085 0.0127  0.0203  43 CYS B N   
735 C CA  . CYS B 43 ? 0.1001 0.1172 0.1073 -0.0133 0.0202  0.0154  43 CYS B CA  
736 C C   . CYS B 43 ? 0.1013 0.1182 0.1061 -0.0044 0.0232  0.0124  43 CYS B C   
737 O O   . CYS B 43 ? 0.1288 0.1213 0.1072 -0.0018 0.0140  0.0074  43 CYS B O   
738 C CB  . CYS B 43 ? 0.1110 0.1177 0.1184 -0.0163 0.0251  0.0220  43 CYS B CB  
739 S SG  . CYS B 43 ? 0.1100 0.1231 0.1198 -0.0186 0.0109  0.0208  43 CYS B SG  
740 N N   . THR B 44 ? 0.1077 0.1156 0.1181 -0.0078 0.0110  0.0158  44 THR B N   
741 C CA  . THR B 44 ? 0.1087 0.1262 0.1321 -0.0042 0.0215  -0.0064 44 THR B CA  
742 C C   . THR B 44 ? 0.1252 0.1284 0.1257 0.0015  0.0309  0.0056  44 THR B C   
743 O O   . THR B 44 ? 0.1261 0.1725 0.1243 0.0070  0.0265  0.0083  44 THR B O   
744 C CB  . THR B 44 ? 0.1242 0.1343 0.1675 -0.0028 0.0040  -0.0219 44 THR B CB  
745 O OG1 . THR B 44 ? 0.1204 0.1273 0.2073 -0.0122 0.0206  -0.0073 44 THR B OG1 
746 C CG2 . THR B 44 ? 0.1405 0.1300 0.2068 0.0012  0.0305  -0.0178 44 THR B CG2 
747 N N   . ARG B 45 ? 0.1122 0.1435 0.1519 0.0047  0.0296  0.0211  45 ARG B N   
748 C CA  . ARG B 45 ? 0.1275 0.1382 0.1659 0.0017  0.0317  0.0097  45 ARG B CA  
749 C C   . ARG B 45 ? 0.1259 0.1326 0.1983 0.0026  0.0443  0.0122  45 ARG B C   
750 O O   . ARG B 45 ? 0.1462 0.1404 0.2132 0.0175  0.0536  0.0202  45 ARG B O   
751 C CB  . ARG B 45 ? 0.1220 0.1526 0.1679 -0.0086 0.0287  0.0119  45 ARG B CB  
752 C CG  . ARG B 45 ? 0.1363 0.1822 0.1704 -0.0058 0.0258  0.0077  45 ARG B CG  
753 C CD  . ARG B 45 ? 0.1472 0.2261 0.1987 -0.0137 0.0010  -0.0121 45 ARG B CD  
754 N NE  . ARG B 45 ? 0.1727 0.2793 0.2349 0.0242  -0.0337 -0.0006 45 ARG B NE  
755 C CZ  . ARG B 45 ? 0.2172 0.4843 0.1970 0.0977  -0.0198 0.0260  45 ARG B CZ  
756 N NH1 . ARG B 45 ? 0.2188 0.4345 0.1972 0.1159  -0.0090 0.0178  45 ARG B NH1 
757 N NH2 . ARG B 45 ? 0.2732 0.5958 0.2528 0.1510  -0.0434 0.0686  45 ARG B NH2 
758 N N   . ASN B 46 ? 0.1319 0.1788 0.1774 0.0227  0.0323  0.0097  46 ASN B N   
759 C CA  . ASN B 46 ? 0.1394 0.1933 0.2115 0.0339  0.0498  0.0165  46 ASN B CA  
760 C C   . ASN B 46 ? 0.1283 0.2138 0.2088 0.0476  0.0518  0.0437  46 ASN B C   
761 O O   . ASN B 46 ? 0.1622 0.2519 0.2064 0.0276  0.0300  0.0286  46 ASN B O   
762 C CB  . ASN B 46 ? 0.1781 0.2099 0.2157 0.0496  0.0669  0.0110  46 ASN B CB  
763 C CG  . ASN B 46 ? 0.2027 0.3454 0.2113 -0.0048 0.0680  -0.0175 46 ASN B CG  
764 O OD1 . ASN B 46 ? 0.3197 0.3899 0.2216 0.1030  0.0775  0.0377  46 ASN B OD1 
765 N ND2 . ASN B 46 ? 0.1866 0.3499 0.3592 0.0161  0.0969  -0.1569 46 ASN B ND2 
766 N N   . CYS B 47 ? 0.1504 0.2662 0.2476 0.0637  0.0561  0.0868  47 CYS B N   
767 C CA  . CYS B 47 ? 0.1783 0.2708 0.2573 0.0768  0.0311  0.0667  47 CYS B CA  
768 C C   . CYS B 47 ? 0.1570 0.2501 0.3204 0.0405  -0.0318 0.0385  47 CYS B C   
769 O O   . CYS B 47 ? 0.2052 0.2279 0.3653 0.0450  -0.0028 0.0311  47 CYS B O   
770 C CB  . CYS B 47 ? 0.1680 0.2579 0.2461 0.0297  0.0205  0.0730  47 CYS B CB  
771 S SG  . CYS B 47 ? 0.1644 0.2206 0.2749 0.0217  0.0051  0.0169  47 CYS B SG  
772 O OXT . CYS B 47 ? 0.1915 0.3631 0.2899 0.0936  -0.0176 0.0439  47 CYS B OXT 
# 
